data_5F2M
#
_entry.id   5F2M
#
_cell.length_a   63.985
_cell.length_b   107.837
_cell.length_c   237.810
_cell.angle_alpha   90.00
_cell.angle_beta   90.00
_cell.angle_gamma   90.00
#
_symmetry.space_group_name_H-M   'P 21 21 21'
#
loop_
_entity.id
_entity.type
_entity.pdbx_description
1 polymer 'Tagatose 1,6-diphosphate aldolase 2'
2 non-polymer D-MANNITOL-1,6-DIPHOSPHATE
3 non-polymer 'CALCIUM ION'
4 water water
#
_entity_poly.entity_id   1
_entity_poly.type   'polypeptide(L)'
_entity_poly.pdbx_seq_one_letter_code
;MTITLTENKRKSMEKLSVDGVISALAFDQRGALKRMMAQHQTKEPTVEQIEELKSLVSEELTPFASSILLDPEYGLPASR
VRSEEAGLLLAYEKTGYDATTTSRLPDCLDVWSAKRIKEAGAEAVKFLLYYDIDGDQDVNEQKKAYIERIGSECRAEDIP
FYLEILTYDEKIADNASPEFAKVKAHKVNEAMKVFSKERFGVDVLKVEVPVNMKFVEGFADGEVLFTKEEAAQAFRDQEA
STDLPYIYLSAGVSAKLFQDTLVFAAESGAKFNGVLCGRATWAGSVKVYIEEGPQAAREWLRTEGFKNIDELNKVLDKTA
SPWTEKM
;
_entity_poly.pdbx_strand_id   A,B,C,D
#
# COMPACT_ATOMS: atom_id res chain seq x y z
N THR A 4 -7.55 21.51 -14.11
CA THR A 4 -6.49 22.46 -13.87
C THR A 4 -5.16 21.76 -14.21
N LEU A 5 -4.04 22.47 -14.44
CA LEU A 5 -3.72 23.85 -14.04
C LEU A 5 -4.77 24.94 -14.21
N THR A 6 -4.92 25.77 -13.17
CA THR A 6 -5.72 26.96 -13.30
C THR A 6 -5.07 27.87 -14.34
N GLU A 7 -5.85 28.80 -14.85
CA GLU A 7 -5.37 29.80 -15.79
C GLU A 7 -4.10 30.50 -15.28
N ASN A 8 -4.09 30.96 -14.04
CA ASN A 8 -2.93 31.70 -13.57
C ASN A 8 -1.73 30.82 -13.32
N LYS A 9 -1.95 29.58 -12.86
CA LYS A 9 -0.81 28.67 -12.69
C LYS A 9 -0.21 28.32 -14.04
N ARG A 10 -1.06 28.11 -15.04
CA ARG A 10 -0.57 27.78 -16.37
C ARG A 10 0.26 28.94 -16.94
N LYS A 11 -0.25 30.16 -16.80
CA LYS A 11 0.48 31.35 -17.27
C LYS A 11 1.86 31.43 -16.61
N SER A 12 1.91 31.21 -15.30
CA SER A 12 3.20 31.18 -14.60
C SER A 12 4.14 30.06 -15.08
N MET A 13 3.61 28.85 -15.26
CA MET A 13 4.40 27.75 -15.79
C MET A 13 5.00 28.13 -17.15
N GLU A 14 4.22 28.82 -17.98
CA GLU A 14 4.70 29.25 -19.30
C GLU A 14 5.87 30.24 -19.15
N LYS A 15 5.78 31.13 -18.17
CA LYS A 15 6.82 32.14 -17.96
C LYS A 15 8.12 31.52 -17.49
N LEU A 16 8.01 30.35 -16.91
CA LEU A 16 9.16 29.61 -16.38
C LEU A 16 9.80 28.65 -17.41
N SER A 17 9.15 28.51 -18.56
CA SER A 17 9.45 27.41 -19.51
C SER A 17 9.64 27.96 -20.92
N VAL A 18 10.18 27.15 -21.83
CA VAL A 18 10.06 27.45 -23.26
C VAL A 18 9.62 26.14 -23.97
N ASP A 19 8.48 26.21 -24.67
CA ASP A 19 7.86 25.08 -25.40
C ASP A 19 7.79 23.87 -24.49
N GLY A 20 7.33 24.11 -23.27
CA GLY A 20 7.10 23.06 -22.30
C GLY A 20 8.33 22.50 -21.62
N VAL A 21 9.49 23.12 -21.81
CA VAL A 21 10.71 22.61 -21.20
C VAL A 21 11.26 23.68 -20.29
N ILE A 22 11.61 23.26 -19.08
CA ILE A 22 12.14 24.16 -18.06
C ILE A 22 13.66 24.10 -18.12
N SER A 23 14.29 25.18 -18.56
CA SER A 23 15.75 25.22 -18.69
C SER A 23 16.24 26.26 -17.70
N ALA A 24 16.08 25.92 -16.43
CA ALA A 24 16.21 26.91 -15.36
C ALA A 24 17.56 26.87 -14.67
N LEU A 25 17.97 28.07 -14.26
CA LEU A 25 19.23 28.32 -13.59
C LEU A 25 18.96 28.42 -12.09
N ALA A 26 19.71 27.65 -11.29
CA ALA A 26 19.47 27.60 -9.85
C ALA A 26 20.57 28.31 -9.12
N PHE A 27 20.20 29.34 -8.36
CA PHE A 27 21.14 30.01 -7.49
C PHE A 27 20.45 30.53 -6.24
N ASP A 28 19.75 29.65 -5.52
CA ASP A 28 19.22 30.00 -4.20
C ASP A 28 20.14 29.53 -3.07
N GLN A 29 21.32 29.05 -3.42
CA GLN A 29 22.33 28.64 -2.43
C GLN A 29 22.63 29.74 -1.42
N ARG A 30 22.71 29.36 -0.15
CA ARG A 30 23.02 30.29 0.92
C ARG A 30 24.10 29.68 1.80
N GLY A 31 23.72 28.62 2.53
CA GLY A 31 24.64 27.90 3.37
C GLY A 31 25.67 27.17 2.53
N ALA A 32 25.23 26.67 1.38
CA ALA A 32 26.11 25.96 0.47
C ALA A 32 27.07 26.93 -0.23
N LEU A 33 26.58 28.12 -0.56
CA LEU A 33 27.42 29.12 -1.21
C LEU A 33 28.48 29.61 -0.25
N LYS A 34 28.09 29.75 1.01
CA LYS A 34 28.99 30.19 2.05
C LYS A 34 30.20 29.25 2.17
N ARG A 35 29.94 27.95 2.16
CA ARG A 35 30.99 26.94 2.28
C ARG A 35 31.91 26.92 1.05
N MET A 36 31.37 27.27 -0.12
CA MET A 36 32.20 27.35 -1.34
C MET A 36 33.12 28.55 -1.29
N MET A 37 32.58 29.71 -0.92
CA MET A 37 33.39 30.92 -0.77
C MET A 37 34.40 30.76 0.36
N ALA A 38 34.05 29.95 1.35
CA ALA A 38 34.90 29.75 2.53
C ALA A 38 36.19 29.01 2.20
N GLN A 39 36.27 28.41 1.01
CA GLN A 39 37.44 27.64 0.59
C GLN A 39 38.54 28.53 0.01
N HIS A 40 38.18 29.76 -0.38
CA HIS A 40 39.09 30.64 -1.12
C HIS A 40 39.37 31.95 -0.39
N GLN A 41 39.10 31.97 0.91
CA GLN A 41 39.44 33.13 1.72
C GLN A 41 39.35 32.78 3.20
N THR A 42 40.17 33.43 4.00
CA THR A 42 40.15 33.23 5.44
C THR A 42 39.02 34.05 6.07
N LYS A 43 38.68 35.16 5.42
CA LYS A 43 37.63 36.04 5.93
C LYS A 43 36.25 35.44 5.72
N GLU A 44 35.30 35.85 6.56
CA GLU A 44 33.92 35.40 6.43
C GLU A 44 33.22 36.17 5.30
N PRO A 45 32.51 35.46 4.41
CA PRO A 45 31.75 36.14 3.36
C PRO A 45 30.73 37.14 3.92
N THR A 46 30.69 38.31 3.31
CA THR A 46 29.78 39.38 3.71
C THR A 46 28.43 39.29 3.00
N VAL A 47 27.55 40.23 3.29
CA VAL A 47 26.24 40.29 2.65
C VAL A 47 26.39 40.83 1.24
N GLU A 48 27.26 41.81 1.08
CA GLU A 48 27.42 42.48 -0.20
C GLU A 48 27.99 41.54 -1.25
N GLN A 49 28.93 40.70 -0.85
CA GLN A 49 29.56 39.75 -1.76
C GLN A 49 28.61 38.64 -2.19
N ILE A 50 27.73 38.21 -1.29
CA ILE A 50 26.75 37.19 -1.63
C ILE A 50 25.68 37.77 -2.56
N GLU A 51 25.27 39.00 -2.32
CA GLU A 51 24.28 39.66 -3.15
C GLU A 51 24.84 39.96 -4.53
N GLU A 52 26.12 40.32 -4.58
CA GLU A 52 26.74 40.72 -5.83
C GLU A 52 26.96 39.53 -6.73
N LEU A 53 27.52 38.45 -6.21
CA LEU A 53 27.77 37.28 -7.02
C LEU A 53 26.46 36.76 -7.58
N LYS A 54 25.40 36.84 -6.78
CA LYS A 54 24.09 36.41 -7.26
C LYS A 54 23.60 37.32 -8.40
N SER A 55 23.79 38.62 -8.27
CA SER A 55 23.39 39.55 -9.33
C SER A 55 24.19 39.36 -10.63
N LEU A 56 25.49 39.05 -10.48
CA LEU A 56 26.34 38.83 -11.64
C LEU A 56 25.87 37.60 -12.41
N VAL A 57 25.61 36.51 -11.70
CA VAL A 57 25.15 35.29 -12.36
C VAL A 57 23.82 35.56 -13.02
N SER A 58 22.93 36.29 -12.33
CA SER A 58 21.61 36.57 -12.87
C SER A 58 21.71 37.37 -14.14
N GLU A 59 22.39 38.51 -14.05
CA GLU A 59 22.49 39.40 -15.19
C GLU A 59 23.17 38.74 -16.40
N GLU A 60 24.21 37.94 -16.16
CA GLU A 60 25.02 37.42 -17.27
C GLU A 60 24.43 36.14 -17.89
N LEU A 61 23.74 35.32 -17.10
CA LEU A 61 23.37 34.00 -17.60
C LEU A 61 21.89 33.78 -17.84
N THR A 62 21.02 34.61 -17.26
CA THR A 62 19.59 34.41 -17.50
C THR A 62 19.13 34.71 -18.93
N PRO A 63 19.94 35.42 -19.74
CA PRO A 63 19.52 35.46 -21.16
C PRO A 63 19.46 34.08 -21.81
N PHE A 64 20.11 33.11 -21.19
CA PHE A 64 20.20 31.76 -21.75
C PHE A 64 19.37 30.73 -20.98
N ALA A 65 18.55 31.18 -20.05
CA ALA A 65 17.73 30.31 -19.23
C ALA A 65 16.27 30.70 -19.34
N SER A 66 15.36 29.72 -19.21
CA SER A 66 13.94 30.03 -19.24
C SER A 66 13.46 30.71 -17.94
N SER A 67 14.21 30.53 -16.87
CA SER A 67 13.88 31.11 -15.59
C SER A 67 15.06 30.95 -14.64
N ILE A 68 14.99 31.66 -13.52
CA ILE A 68 16.01 31.57 -12.50
C ILE A 68 15.37 31.42 -11.12
N LEU A 69 15.96 30.53 -10.34
CA LEU A 69 15.61 30.31 -8.93
C LEU A 69 16.56 31.08 -8.03
N LEU A 70 16.02 31.99 -7.22
CA LEU A 70 16.80 32.77 -6.27
C LEU A 70 16.18 32.63 -4.88
N ASP A 71 16.93 33.00 -3.86
CA ASP A 71 16.43 33.01 -2.49
C ASP A 71 16.03 34.44 -2.12
N PRO A 72 15.01 34.60 -1.26
CA PRO A 72 14.57 35.96 -0.90
C PRO A 72 15.54 36.68 0.03
N GLU A 73 16.43 35.95 0.67
CA GLU A 73 17.31 36.52 1.68
C GLU A 73 18.41 37.39 1.06
N TYR A 74 19.02 36.89 -0.01
CA TYR A 74 20.14 37.58 -0.64
C TYR A 74 19.86 37.87 -2.11
N GLY A 75 18.80 37.28 -2.65
CA GLY A 75 18.62 37.23 -4.08
C GLY A 75 17.67 38.22 -4.72
N LEU A 76 17.05 39.10 -3.94
CA LEU A 76 16.03 39.95 -4.54
C LEU A 76 16.66 40.98 -5.50
N PRO A 77 17.80 41.58 -5.14
CA PRO A 77 18.47 42.42 -6.16
C PRO A 77 18.82 41.65 -7.44
N ALA A 78 19.31 40.41 -7.32
CA ALA A 78 19.60 39.61 -8.49
C ALA A 78 18.31 39.39 -9.29
N SER A 79 17.19 39.16 -8.61
CA SER A 79 15.93 38.89 -9.31
C SER A 79 15.55 40.06 -10.24
N ARG A 80 15.86 41.27 -9.83
CA ARG A 80 15.46 42.50 -10.56
C ARG A 80 16.35 42.79 -11.77
N VAL A 81 17.45 42.07 -11.93
CA VAL A 81 18.35 42.30 -13.08
C VAL A 81 18.36 41.09 -14.02
N ARG A 82 17.44 40.15 -13.80
CA ARG A 82 17.33 39.01 -14.69
C ARG A 82 16.81 39.48 -16.05
N SER A 83 17.14 38.71 -17.07
CA SER A 83 16.60 38.93 -18.41
C SER A 83 15.08 39.08 -18.45
N GLU A 84 14.63 40.01 -19.28
CA GLU A 84 13.20 40.25 -19.53
C GLU A 84 12.45 38.97 -19.91
N GLU A 85 13.15 38.08 -20.59
CA GLU A 85 12.53 36.86 -21.09
C GLU A 85 12.49 35.73 -20.06
N ALA A 86 13.16 35.88 -18.91
CA ALA A 86 13.25 34.80 -17.92
C ALA A 86 12.30 34.96 -16.72
N GLY A 87 11.64 33.87 -16.35
CA GLY A 87 10.79 33.86 -15.19
C GLY A 87 11.57 33.76 -13.89
N LEU A 88 10.85 33.90 -12.78
CA LEU A 88 11.45 33.87 -11.44
C LEU A 88 10.80 32.83 -10.52
N LEU A 89 11.63 32.03 -9.87
CA LEU A 89 11.19 31.21 -8.73
C LEU A 89 11.90 31.70 -7.48
N LEU A 90 11.20 31.70 -6.35
CA LEU A 90 11.83 32.04 -5.07
C LEU A 90 11.71 30.88 -4.06
N ALA A 91 12.83 30.58 -3.43
CA ALA A 91 12.91 29.61 -2.37
C ALA A 91 12.17 30.08 -1.12
N TYR A 92 11.52 29.14 -0.44
CA TYR A 92 10.66 29.43 0.68
C TYR A 92 11.22 28.81 1.96
N GLU A 93 12.11 27.82 1.84
CA GLU A 93 12.66 27.15 3.01
C GLU A 93 13.92 27.79 3.60
N LYS A 94 14.05 27.65 4.92
CA LYS A 94 15.31 27.93 5.58
C LYS A 94 16.36 26.95 5.11
N THR A 95 17.59 27.43 5.05
CA THR A 95 18.71 26.70 4.50
C THR A 95 19.19 25.60 5.46
N GLY A 96 19.66 24.48 4.92
CA GLY A 96 20.37 23.50 5.72
C GLY A 96 19.50 22.65 6.63
N TYR A 97 20.14 21.99 7.57
CA TYR A 97 19.45 21.16 8.55
C TYR A 97 20.36 20.92 9.75
N ASP A 98 19.74 20.48 10.84
CA ASP A 98 20.41 20.22 12.11
C ASP A 98 21.23 18.94 12.02
N ALA A 99 22.54 19.07 12.14
CA ALA A 99 23.43 17.93 11.97
C ALA A 99 23.46 17.02 13.20
N THR A 100 22.91 17.50 14.33
CA THR A 100 22.91 16.73 15.56
C THR A 100 21.71 15.76 15.66
N THR A 101 20.77 15.88 14.73
CA THR A 101 19.64 14.97 14.70
C THR A 101 19.44 14.43 13.28
N THR A 102 18.62 13.40 13.17
CA THR A 102 18.35 12.76 11.88
C THR A 102 17.03 13.17 11.23
N SER A 103 16.24 14.01 11.87
CA SER A 103 14.87 14.30 11.42
C SER A 103 14.82 15.29 10.25
N ARG A 104 15.81 16.17 10.17
CA ARG A 104 15.86 17.20 9.14
C ARG A 104 14.51 17.84 8.84
N LEU A 105 13.89 18.40 9.86
CA LEU A 105 12.52 18.89 9.72
C LEU A 105 12.47 20.19 8.92
N PRO A 106 11.45 20.35 8.06
CA PRO A 106 11.36 21.55 7.22
C PRO A 106 10.88 22.78 8.00
N ASP A 107 11.31 23.96 7.54
CA ASP A 107 10.95 25.20 8.21
C ASP A 107 10.96 26.35 7.19
N CYS A 108 9.79 26.91 6.93
CA CYS A 108 9.68 28.12 6.09
C CYS A 108 10.44 29.30 6.66
N LEU A 109 10.88 30.18 5.77
CA LEU A 109 11.49 31.43 6.16
C LEU A 109 10.52 32.26 7.03
N ASP A 110 11.03 32.78 8.13
CA ASP A 110 10.19 33.36 9.16
C ASP A 110 9.28 34.52 8.72
N VAL A 111 9.70 35.39 7.81
CA VAL A 111 8.86 36.53 7.46
C VAL A 111 8.34 36.42 6.04
N TRP A 112 8.23 35.19 5.55
CA TRP A 112 7.71 34.91 4.23
C TRP A 112 6.45 34.03 4.30
N SER A 113 5.67 34.13 3.24
CA SER A 113 4.48 33.35 2.98
C SER A 113 4.41 33.21 1.48
N ALA A 114 3.62 32.26 0.99
CA ALA A 114 3.41 32.15 -0.45
C ALA A 114 2.91 33.49 -1.02
N LYS A 115 2.04 34.16 -0.27
CA LYS A 115 1.50 35.44 -0.73
C LYS A 115 2.62 36.46 -0.92
N ARG A 116 3.53 36.52 0.04
CA ARG A 116 4.66 37.44 -0.04
C ARG A 116 5.62 37.09 -1.19
N ILE A 117 5.76 35.81 -1.47
CA ILE A 117 6.62 35.36 -2.56
C ILE A 117 6.01 35.82 -3.87
N LYS A 118 4.71 35.64 -4.02
CA LYS A 118 4.00 36.13 -5.19
C LYS A 118 4.15 37.66 -5.31
N GLU A 119 4.02 38.37 -4.20
CA GLU A 119 4.12 39.83 -4.18
C GLU A 119 5.54 40.30 -4.53
N ALA A 120 6.55 39.47 -4.26
CA ALA A 120 7.92 39.78 -4.64
C ALA A 120 8.18 39.50 -6.13
N GLY A 121 7.17 39.03 -6.86
CA GLY A 121 7.24 38.89 -8.29
C GLY A 121 7.56 37.51 -8.82
N ALA A 122 7.50 36.49 -7.95
CA ALA A 122 7.81 35.15 -8.37
C ALA A 122 6.69 34.56 -9.17
N GLU A 123 7.05 33.69 -10.11
CA GLU A 123 6.11 32.85 -10.82
C GLU A 123 6.03 31.46 -10.23
N ALA A 124 6.80 31.21 -9.18
CA ALA A 124 6.69 29.95 -8.47
C ALA A 124 7.28 30.04 -7.08
N VAL A 125 6.68 29.25 -6.20
CA VAL A 125 7.22 28.96 -4.90
C VAL A 125 8.02 27.65 -4.97
N LYS A 126 9.29 27.73 -4.57
CA LYS A 126 10.11 26.53 -4.43
C LYS A 126 10.35 26.23 -2.96
N PHE A 127 10.18 24.97 -2.60
CA PHE A 127 10.43 24.49 -1.23
C PHE A 127 11.21 23.18 -1.25
N LEU A 128 12.32 23.17 -0.51
CA LEU A 128 13.15 21.98 -0.35
C LEU A 128 12.81 21.18 0.90
N LEU A 129 12.51 19.90 0.68
CA LEU A 129 12.27 18.91 1.72
C LEU A 129 13.31 17.80 1.67
N TYR A 130 13.98 17.54 2.80
CA TYR A 130 14.77 16.35 2.99
C TYR A 130 13.85 15.22 3.38
N TYR A 131 13.93 14.08 2.69
CA TYR A 131 13.02 12.96 2.97
C TYR A 131 13.72 11.61 2.89
N ASP A 132 13.53 10.84 3.97
CA ASP A 132 13.89 9.44 4.04
C ASP A 132 12.61 8.63 4.14
N ILE A 133 12.20 8.04 3.03
CA ILE A 133 10.99 7.25 2.96
C ILE A 133 10.99 6.12 4.01
N ASP A 134 12.18 5.64 4.38
CA ASP A 134 12.29 4.57 5.35
C ASP A 134 12.48 5.07 6.78
N GLY A 135 12.45 6.37 6.99
CA GLY A 135 12.78 6.95 8.30
C GLY A 135 11.65 6.92 9.32
N ASP A 136 11.83 7.66 10.41
CA ASP A 136 10.87 7.67 11.51
C ASP A 136 9.47 8.06 11.01
N GLN A 137 8.46 7.24 11.32
CA GLN A 137 7.09 7.43 10.83
C GLN A 137 6.45 8.75 11.28
N ASP A 138 6.71 9.15 12.53
CA ASP A 138 6.17 10.38 13.09
C ASP A 138 6.85 11.62 12.52
N VAL A 139 8.16 11.52 12.31
CA VAL A 139 8.88 12.57 11.60
C VAL A 139 8.25 12.77 10.22
N ASN A 140 8.05 11.69 9.47
CA ASN A 140 7.50 11.85 8.13
C ASN A 140 6.06 12.34 8.13
N GLU A 141 5.30 11.97 9.16
CA GLU A 141 3.97 12.51 9.31
C GLU A 141 4.00 14.03 9.47
N GLN A 142 4.93 14.52 10.28
CA GLN A 142 5.10 15.97 10.45
C GLN A 142 5.53 16.65 9.14
N LYS A 143 6.44 16.01 8.42
CA LYS A 143 6.84 16.49 7.09
C LYS A 143 5.68 16.56 6.11
N LYS A 144 4.85 15.53 6.08
CA LYS A 144 3.74 15.48 5.14
C LYS A 144 2.71 16.56 5.46
N ALA A 145 2.42 16.76 6.74
CA ALA A 145 1.50 17.83 7.14
C ALA A 145 2.04 19.20 6.72
N TYR A 146 3.34 19.40 6.86
CA TYR A 146 3.94 20.67 6.50
C TYR A 146 3.79 20.98 5.02
N ILE A 147 4.07 20.00 4.17
CA ILE A 147 3.92 20.16 2.73
C ILE A 147 2.47 20.36 2.34
N GLU A 148 1.53 19.68 3.02
CA GLU A 148 0.12 19.95 2.78
C GLU A 148 -0.21 21.45 2.93
N ARG A 149 0.34 22.07 3.98
CA ARG A 149 0.09 23.49 4.26
C ARG A 149 0.62 24.36 3.11
N ILE A 150 1.84 24.09 2.66
CA ILE A 150 2.43 24.88 1.59
C ILE A 150 1.65 24.70 0.29
N GLY A 151 1.26 23.47 -0.02
CA GLY A 151 0.49 23.18 -1.23
C GLY A 151 -0.83 23.94 -1.20
N SER A 152 -1.45 23.99 -0.02
CA SER A 152 -2.68 24.75 0.14
C SER A 152 -2.45 26.26 -0.03
N GLU A 153 -1.37 26.79 0.54
CA GLU A 153 -1.03 28.21 0.34
C GLU A 153 -0.91 28.53 -1.15
N CYS A 154 -0.25 27.64 -1.87
CA CYS A 154 0.06 27.88 -3.28
C CYS A 154 -1.21 27.76 -4.11
N ARG A 155 -2.14 26.92 -3.68
CA ARG A 155 -3.44 26.81 -4.34
C ARG A 155 -4.22 28.09 -4.16
N ALA A 156 -4.19 28.64 -2.95
CA ALA A 156 -4.96 29.85 -2.66
C ALA A 156 -4.38 31.08 -3.39
N GLU A 157 -3.06 31.20 -3.39
CA GLU A 157 -2.40 32.34 -4.02
C GLU A 157 -2.29 32.13 -5.54
N ASP A 158 -2.63 30.91 -5.99
CA ASP A 158 -2.70 30.58 -7.41
C ASP A 158 -1.31 30.74 -8.05
N ILE A 159 -0.32 30.14 -7.41
CA ILE A 159 1.06 30.19 -7.83
C ILE A 159 1.64 28.77 -7.82
N PRO A 160 2.33 28.35 -8.90
CA PRO A 160 2.92 27.00 -8.96
C PRO A 160 3.81 26.64 -7.78
N PHE A 161 3.63 25.42 -7.28
CA PHE A 161 4.37 24.88 -6.15
C PHE A 161 5.43 23.93 -6.71
N TYR A 162 6.70 24.32 -6.63
CA TYR A 162 7.81 23.46 -7.00
C TYR A 162 8.37 22.82 -5.75
N LEU A 163 8.23 21.51 -5.63
CA LEU A 163 8.73 20.79 -4.46
C LEU A 163 10.03 20.11 -4.84
N GLU A 164 11.10 20.53 -4.19
CA GLU A 164 12.39 19.85 -4.31
C GLU A 164 12.50 18.79 -3.20
N ILE A 165 12.82 17.58 -3.60
CA ILE A 165 13.10 16.49 -2.66
C ILE A 165 14.57 16.07 -2.74
N LEU A 166 15.27 16.16 -1.62
CA LEU A 166 16.58 15.55 -1.49
C LEU A 166 16.47 14.39 -0.52
N THR A 167 16.95 13.23 -0.95
CA THR A 167 16.79 12.04 -0.18
C THR A 167 18.00 11.82 0.71
N TYR A 168 17.78 11.06 1.78
CA TYR A 168 18.85 10.66 2.68
C TYR A 168 18.40 9.43 3.45
N ASP A 169 19.32 8.85 4.20
CA ASP A 169 19.03 7.73 5.08
C ASP A 169 19.49 8.12 6.48
N GLU A 170 18.61 8.01 7.45
CA GLU A 170 18.93 8.36 8.83
C GLU A 170 20.20 7.71 9.37
N LYS A 171 20.54 6.53 8.85
CA LYS A 171 21.63 5.73 9.39
C LYS A 171 22.84 5.65 8.46
N ILE A 172 22.82 6.42 7.37
CA ILE A 172 23.95 6.50 6.45
C ILE A 172 24.44 7.94 6.39
N ALA A 173 25.64 8.18 6.91
CA ALA A 173 26.13 9.55 7.04
C ALA A 173 26.36 10.25 5.70
N ASP A 174 26.84 9.51 4.69
CA ASP A 174 27.31 10.09 3.45
C ASP A 174 26.52 9.61 2.21
N ASN A 175 25.75 10.51 1.60
N ASN A 175 25.74 10.50 1.60
CA ASN A 175 24.90 10.10 0.48
CA ASN A 175 24.93 10.16 0.44
C ASN A 175 25.70 9.96 -0.83
C ASN A 175 25.74 9.79 -0.78
N ALA A 176 27.02 10.17 -0.76
CA ALA A 176 27.91 9.88 -1.89
C ALA A 176 28.49 8.47 -1.82
N SER A 177 28.20 7.74 -0.74
CA SER A 177 28.81 6.45 -0.53
C SER A 177 28.19 5.35 -1.40
N PRO A 178 28.92 4.26 -1.62
CA PRO A 178 28.34 3.08 -2.26
C PRO A 178 27.13 2.55 -1.50
N GLU A 179 27.18 2.60 -0.18
CA GLU A 179 26.07 2.12 0.62
C GLU A 179 24.79 2.88 0.28
N PHE A 180 24.87 4.20 0.19
CA PHE A 180 23.67 4.96 -0.16
C PHE A 180 23.30 4.73 -1.62
N ALA A 181 24.31 4.65 -2.49
CA ALA A 181 24.06 4.43 -3.92
C ALA A 181 23.15 3.23 -4.13
N LYS A 182 23.38 2.18 -3.33
CA LYS A 182 22.62 0.95 -3.47
C LYS A 182 21.16 1.10 -3.10
N VAL A 183 20.81 2.14 -2.33
CA VAL A 183 19.40 2.36 -1.96
C VAL A 183 18.80 3.65 -2.53
N LYS A 184 19.61 4.43 -3.24
CA LYS A 184 19.13 5.72 -3.78
C LYS A 184 17.87 5.64 -4.66
N ALA A 185 17.78 4.66 -5.55
CA ALA A 185 16.62 4.55 -6.44
C ALA A 185 15.34 4.39 -5.62
N HIS A 186 15.41 3.56 -4.59
CA HIS A 186 14.28 3.38 -3.67
C HIS A 186 13.90 4.68 -2.97
N LYS A 187 14.88 5.36 -2.39
CA LYS A 187 14.65 6.61 -1.69
C LYS A 187 14.00 7.67 -2.59
N VAL A 188 14.51 7.82 -3.79
CA VAL A 188 14.03 8.85 -4.71
C VAL A 188 12.66 8.51 -5.26
N ASN A 189 12.50 7.30 -5.76
CA ASN A 189 11.31 6.98 -6.52
C ASN A 189 10.12 6.82 -5.59
N GLU A 190 10.31 6.25 -4.40
CA GLU A 190 9.19 6.11 -3.46
C GLU A 190 8.83 7.48 -2.88
N ALA A 191 9.81 8.36 -2.66
CA ALA A 191 9.47 9.72 -2.21
C ALA A 191 8.63 10.46 -3.25
N MET A 192 9.00 10.32 -4.52
CA MET A 192 8.23 10.96 -5.58
C MET A 192 6.81 10.47 -5.63
N LYS A 193 6.62 9.20 -5.30
CA LYS A 193 5.30 8.61 -5.40
C LYS A 193 4.41 9.19 -4.29
N VAL A 194 4.98 9.37 -3.10
CA VAL A 194 4.27 9.96 -1.98
C VAL A 194 3.86 11.40 -2.33
N PHE A 195 4.80 12.20 -2.78
CA PHE A 195 4.53 13.60 -2.96
C PHE A 195 3.89 13.92 -4.29
N SER A 196 3.56 12.89 -5.06
CA SER A 196 2.68 13.04 -6.23
C SER A 196 1.23 12.89 -5.83
N LYS A 197 0.96 12.52 -4.58
CA LYS A 197 -0.43 12.43 -4.12
C LYS A 197 -1.10 13.80 -4.22
N GLU A 198 -2.34 13.81 -4.70
CA GLU A 198 -3.11 15.03 -4.85
C GLU A 198 -3.06 15.97 -3.63
N ARG A 199 -3.12 15.40 -2.43
CA ARG A 199 -3.24 16.22 -1.24
C ARG A 199 -2.07 17.17 -0.99
N PHE A 200 -0.93 16.94 -1.64
CA PHE A 200 0.22 17.81 -1.41
C PHE A 200 0.29 19.02 -2.37
N GLY A 201 -0.60 19.07 -3.36
CA GLY A 201 -0.74 20.26 -4.20
C GLY A 201 0.49 20.63 -5.02
N VAL A 202 1.38 19.67 -5.27
CA VAL A 202 2.60 19.94 -6.02
C VAL A 202 2.33 20.10 -7.51
N ASP A 203 2.96 21.10 -8.14
CA ASP A 203 2.83 21.28 -9.58
C ASP A 203 4.03 20.77 -10.36
N VAL A 204 5.21 20.89 -9.76
CA VAL A 204 6.42 20.35 -10.37
C VAL A 204 7.31 19.77 -9.28
N LEU A 205 7.82 18.56 -9.51
CA LEU A 205 8.81 17.94 -8.63
C LEU A 205 10.22 18.22 -9.14
N LYS A 206 11.08 18.70 -8.25
CA LYS A 206 12.49 18.92 -8.56
C LYS A 206 13.24 17.83 -7.81
N VAL A 207 13.85 16.91 -8.55
CA VAL A 207 14.33 15.66 -7.96
C VAL A 207 15.73 15.29 -8.43
N GLU A 208 16.33 14.37 -7.68
CA GLU A 208 17.60 13.79 -8.05
C GLU A 208 17.39 12.76 -9.14
N VAL A 209 18.39 12.57 -9.96
CA VAL A 209 18.38 11.40 -10.81
C VAL A 209 18.46 10.20 -9.86
N PRO A 210 17.83 9.08 -10.21
CA PRO A 210 17.62 7.99 -9.24
C PRO A 210 18.78 7.03 -9.13
N VAL A 211 19.94 7.44 -9.61
N VAL A 211 19.92 7.43 -9.66
CA VAL A 211 21.13 6.60 -9.56
CA VAL A 211 21.13 6.63 -9.64
C VAL A 211 22.35 7.48 -9.44
C VAL A 211 22.30 7.56 -9.32
N ASN A 212 23.35 7.01 -8.72
CA ASN A 212 24.63 7.71 -8.63
C ASN A 212 25.44 7.24 -9.83
N MET A 213 25.55 8.08 -10.84
CA MET A 213 26.11 7.66 -12.12
C MET A 213 27.62 7.30 -12.03
N LYS A 214 28.29 7.77 -10.98
CA LYS A 214 29.72 7.48 -10.77
C LYS A 214 29.98 6.00 -10.47
N PHE A 215 28.92 5.25 -10.17
CA PHE A 215 29.02 3.82 -9.90
C PHE A 215 28.38 2.98 -11.03
N VAL A 216 28.04 3.63 -12.13
CA VAL A 216 27.43 2.92 -13.26
C VAL A 216 28.45 2.55 -14.35
N GLU A 217 28.29 1.33 -14.88
CA GLU A 217 29.15 0.83 -15.96
C GLU A 217 29.24 1.83 -17.10
N GLY A 218 30.47 2.14 -17.50
CA GLY A 218 30.69 3.04 -18.61
C GLY A 218 30.82 4.48 -18.19
N PHE A 219 30.37 4.80 -16.98
CA PHE A 219 30.49 6.15 -16.41
C PHE A 219 31.45 6.16 -15.23
N ALA A 220 31.64 5.00 -14.62
CA ALA A 220 32.45 4.90 -13.42
C ALA A 220 33.95 4.95 -13.74
N ASP A 221 34.72 5.55 -12.84
CA ASP A 221 36.19 5.53 -12.94
C ASP A 221 36.78 4.61 -11.87
N GLY A 222 35.92 3.99 -11.07
CA GLY A 222 36.35 3.07 -10.04
C GLY A 222 35.36 1.92 -9.91
N GLU A 223 34.95 1.62 -8.69
CA GLU A 223 34.01 0.54 -8.42
C GLU A 223 32.72 0.68 -9.24
N VAL A 224 32.23 -0.45 -9.76
CA VAL A 224 31.00 -0.48 -10.53
C VAL A 224 29.95 -1.23 -9.74
N LEU A 225 28.86 -0.56 -9.41
CA LEU A 225 27.78 -1.17 -8.66
C LEU A 225 26.64 -1.59 -9.56
N PHE A 226 26.51 -0.92 -10.71
CA PHE A 226 25.35 -1.13 -11.57
C PHE A 226 25.72 -1.25 -13.04
N THR A 227 25.11 -2.20 -13.72
CA THR A 227 25.22 -2.27 -15.17
C THR A 227 24.40 -1.12 -15.77
N LYS A 228 24.59 -0.87 -17.06
CA LYS A 228 23.80 0.18 -17.70
C LYS A 228 22.33 -0.19 -17.71
N GLU A 229 22.04 -1.48 -17.80
CA GLU A 229 20.66 -1.89 -17.87
C GLU A 229 19.98 -1.65 -16.51
N GLU A 230 20.71 -1.87 -15.42
CA GLU A 230 20.16 -1.62 -14.11
C GLU A 230 19.92 -0.13 -13.87
N ALA A 231 20.85 0.70 -14.34
CA ALA A 231 20.67 2.14 -14.19
C ALA A 231 19.46 2.59 -15.00
N ALA A 232 19.36 2.11 -16.23
CA ALA A 232 18.25 2.46 -17.10
C ALA A 232 16.92 2.11 -16.44
N GLN A 233 16.86 0.95 -15.79
CA GLN A 233 15.63 0.53 -15.15
C GLN A 233 15.25 1.46 -13.98
N ALA A 234 16.23 2.01 -13.28
CA ALA A 234 15.95 2.96 -12.22
C ALA A 234 15.31 4.23 -12.79
N PHE A 235 15.75 4.67 -13.97
CA PHE A 235 15.10 5.78 -14.64
C PHE A 235 13.66 5.45 -15.05
N ARG A 236 13.42 4.24 -15.52
CA ARG A 236 12.06 3.85 -15.88
C ARG A 236 11.18 3.76 -14.65
N ASP A 237 11.70 3.26 -13.54
CA ASP A 237 10.92 3.23 -12.30
C ASP A 237 10.59 4.65 -11.86
N GLN A 238 11.52 5.58 -12.08
CA GLN A 238 11.29 6.96 -11.70
C GLN A 238 10.15 7.54 -12.54
N GLU A 239 10.21 7.32 -13.84
CA GLU A 239 9.13 7.73 -14.71
C GLU A 239 7.80 7.09 -14.30
N ALA A 240 7.81 5.86 -13.78
CA ALA A 240 6.58 5.20 -13.34
C ALA A 240 6.11 5.63 -11.94
N SER A 241 6.86 6.52 -11.30
N SER A 241 6.86 6.52 -11.30
CA SER A 241 6.53 6.97 -9.94
CA SER A 241 6.50 6.95 -9.96
C SER A 241 5.69 8.26 -9.90
C SER A 241 5.51 8.12 -9.96
N THR A 242 5.47 8.87 -11.05
CA THR A 242 4.69 10.11 -11.08
C THR A 242 4.16 10.41 -12.47
N ASP A 243 3.05 11.14 -12.50
CA ASP A 243 2.58 11.75 -13.74
C ASP A 243 2.69 13.27 -13.68
N LEU A 244 3.29 13.78 -12.62
CA LEU A 244 3.55 15.22 -12.53
C LEU A 244 4.73 15.58 -13.41
N PRO A 245 4.77 16.83 -13.89
CA PRO A 245 6.05 17.37 -14.40
C PRO A 245 7.18 17.18 -13.39
N TYR A 246 8.36 16.80 -13.86
CA TYR A 246 9.52 16.77 -12.96
C TYR A 246 10.79 17.16 -13.69
N ILE A 247 11.70 17.72 -12.92
CA ILE A 247 12.94 18.25 -13.45
C ILE A 247 14.08 17.79 -12.56
N TYR A 248 15.26 17.67 -13.12
CA TYR A 248 16.42 17.25 -12.37
C TYR A 248 17.25 18.39 -11.84
N LEU A 249 17.72 18.20 -10.63
CA LEU A 249 18.77 19.01 -10.06
C LEU A 249 20.12 18.36 -10.39
N SER A 250 21.19 19.16 -10.45
CA SER A 250 22.48 18.63 -10.87
C SER A 250 23.29 18.07 -9.71
N ALA A 251 23.04 18.54 -8.51
CA ALA A 251 23.74 18.02 -7.33
C ALA A 251 25.25 18.30 -7.40
N GLY A 252 25.64 19.25 -8.25
CA GLY A 252 27.03 19.69 -8.27
C GLY A 252 28.02 18.76 -8.96
N VAL A 253 27.55 17.80 -9.75
CA VAL A 253 28.49 17.02 -10.56
C VAL A 253 29.05 17.94 -11.64
N SER A 254 30.02 17.43 -12.39
CA SER A 254 30.62 18.20 -13.46
C SER A 254 29.56 18.50 -14.50
N ALA A 255 29.76 19.56 -15.28
CA ALA A 255 28.78 19.90 -16.31
C ALA A 255 28.65 18.72 -17.26
N LYS A 256 29.75 18.04 -17.54
CA LYS A 256 29.78 17.00 -18.55
C LYS A 256 29.04 15.74 -18.08
N LEU A 257 29.28 15.31 -16.84
CA LEU A 257 28.56 14.17 -16.30
C LEU A 257 27.07 14.45 -16.23
N PHE A 258 26.68 15.66 -15.83
CA PHE A 258 25.28 15.98 -15.79
C PHE A 258 24.69 15.88 -17.19
N GLN A 259 25.35 16.49 -18.18
CA GLN A 259 24.92 16.38 -19.57
C GLN A 259 24.81 14.90 -20.02
N ASP A 260 25.81 14.09 -19.75
CA ASP A 260 25.77 12.70 -20.21
C ASP A 260 24.65 11.94 -19.49
N THR A 261 24.38 12.34 -18.25
CA THR A 261 23.30 11.76 -17.47
C THR A 261 21.93 12.05 -18.07
N LEU A 262 21.71 13.28 -18.52
CA LEU A 262 20.46 13.62 -19.20
C LEU A 262 20.27 12.79 -20.47
N VAL A 263 21.34 12.60 -21.24
CA VAL A 263 21.28 11.79 -22.45
C VAL A 263 20.91 10.37 -22.07
N PHE A 264 21.50 9.86 -20.99
CA PHE A 264 21.26 8.48 -20.57
C PHE A 264 19.81 8.33 -20.09
N ALA A 265 19.32 9.34 -19.38
CA ALA A 265 17.95 9.36 -18.87
C ALA A 265 16.93 9.30 -20.00
N ALA A 266 17.11 10.14 -21.02
CA ALA A 266 16.22 10.15 -22.17
C ALA A 266 16.26 8.82 -22.92
N GLU A 267 17.46 8.31 -23.15
CA GLU A 267 17.63 7.03 -23.82
C GLU A 267 16.91 5.93 -23.05
N SER A 268 16.93 6.02 -21.72
CA SER A 268 16.35 5.01 -20.85
C SER A 268 14.82 5.05 -20.80
N GLY A 269 14.23 6.17 -21.19
CA GLY A 269 12.78 6.29 -21.20
C GLY A 269 12.23 7.29 -20.21
N ALA A 270 13.09 8.02 -19.51
CA ALA A 270 12.62 9.08 -18.61
C ALA A 270 12.11 10.25 -19.44
N LYS A 271 10.87 10.69 -19.18
CA LYS A 271 10.31 11.85 -19.89
C LYS A 271 10.34 13.06 -18.95
N PHE A 272 11.54 13.45 -18.54
CA PHE A 272 11.75 14.55 -17.62
C PHE A 272 11.55 15.85 -18.39
N ASN A 273 11.19 16.91 -17.68
CA ASN A 273 10.68 18.11 -18.33
C ASN A 273 11.62 19.32 -18.23
N GLY A 274 12.85 19.04 -17.86
CA GLY A 274 13.87 20.05 -17.80
C GLY A 274 14.74 19.87 -16.60
N VAL A 275 15.41 20.97 -16.22
CA VAL A 275 16.34 20.96 -15.10
C VAL A 275 16.25 22.26 -14.30
N LEU A 276 16.66 22.19 -13.04
CA LEU A 276 16.98 23.37 -12.27
C LEU A 276 18.40 23.17 -11.81
N CYS A 277 19.28 23.72 -12.61
CA CYS A 277 20.68 23.40 -12.57
C CYS A 277 21.48 24.63 -12.14
N GLY A 278 22.33 24.46 -11.13
CA GLY A 278 23.08 25.58 -10.59
C GLY A 278 24.58 25.40 -10.71
N ARG A 279 25.14 24.63 -9.77
CA ARG A 279 26.59 24.49 -9.65
C ARG A 279 27.22 23.88 -10.91
N ALA A 280 26.57 22.90 -11.53
CA ALA A 280 27.17 22.32 -12.74
C ALA A 280 27.45 23.44 -13.78
N THR A 281 26.70 24.54 -13.68
CA THR A 281 26.87 25.68 -14.59
C THR A 281 27.81 26.75 -14.05
N TRP A 282 27.53 27.31 -12.87
CA TRP A 282 28.29 28.49 -12.41
C TRP A 282 29.32 28.20 -11.32
N ALA A 283 29.44 26.95 -10.86
CA ALA A 283 30.33 26.63 -9.71
C ALA A 283 31.70 27.30 -9.81
N GLY A 284 32.36 27.21 -10.95
CA GLY A 284 33.69 27.77 -11.12
C GLY A 284 33.78 29.28 -10.94
N SER A 285 32.64 29.96 -10.93
CA SER A 285 32.67 31.43 -10.84
C SER A 285 32.98 31.91 -9.42
N VAL A 286 32.71 31.06 -8.43
CA VAL A 286 32.87 31.46 -7.02
C VAL A 286 34.33 31.81 -6.72
N LYS A 287 35.25 30.90 -7.05
CA LYS A 287 36.66 31.13 -6.75
C LYS A 287 37.19 32.38 -7.46
N VAL A 288 36.73 32.59 -8.69
CA VAL A 288 37.17 33.73 -9.49
C VAL A 288 36.68 35.04 -8.88
N TYR A 289 35.47 35.05 -8.34
CA TYR A 289 34.92 36.26 -7.75
C TYR A 289 35.65 36.64 -6.46
N ILE A 290 35.89 35.64 -5.61
CA ILE A 290 36.59 35.85 -4.35
C ILE A 290 38.03 36.31 -4.60
N GLU A 291 38.76 35.58 -5.44
CA GLU A 291 40.19 35.80 -5.62
C GLU A 291 40.52 36.96 -6.56
N GLU A 292 39.67 37.21 -7.54
CA GLU A 292 39.99 38.17 -8.59
C GLU A 292 38.97 39.31 -8.70
N GLY A 293 37.84 39.17 -8.00
CA GLY A 293 36.85 40.23 -7.97
C GLY A 293 35.78 40.06 -9.03
N PRO A 294 34.82 41.00 -9.07
CA PRO A 294 33.59 40.91 -9.87
C PRO A 294 33.82 40.95 -11.38
N GLN A 295 34.80 41.72 -11.84
CA GLN A 295 35.01 41.85 -13.27
C GLN A 295 35.52 40.53 -13.87
N ALA A 296 36.49 39.93 -13.19
CA ALA A 296 36.97 38.61 -13.58
C ALA A 296 35.82 37.60 -13.56
N ALA A 297 34.92 37.74 -12.60
CA ALA A 297 33.75 36.86 -12.52
C ALA A 297 32.82 37.07 -13.72
N ARG A 298 32.57 38.31 -14.12
CA ARG A 298 31.76 38.56 -15.32
C ARG A 298 32.35 37.86 -16.55
N GLU A 299 33.65 38.02 -16.73
CA GLU A 299 34.34 37.46 -17.89
C GLU A 299 34.34 35.94 -17.84
N TRP A 300 34.48 35.39 -16.63
CA TRP A 300 34.34 33.95 -16.47
C TRP A 300 32.93 33.54 -16.89
N LEU A 301 31.94 34.27 -16.41
CA LEU A 301 30.56 33.96 -16.71
C LEU A 301 30.28 34.07 -18.20
N ARG A 302 30.95 35.00 -18.86
CA ARG A 302 30.68 35.28 -20.26
C ARG A 302 31.36 34.28 -21.18
N THR A 303 32.33 33.54 -20.63
CA THR A 303 33.07 32.55 -21.40
C THR A 303 32.78 31.14 -20.91
N GLU A 304 33.32 30.76 -19.75
CA GLU A 304 33.13 29.41 -19.25
C GLU A 304 31.68 29.18 -18.84
N GLY A 305 31.07 30.19 -18.21
CA GLY A 305 29.71 30.07 -17.74
C GLY A 305 28.75 29.91 -18.91
N PHE A 306 28.89 30.77 -19.90
CA PHE A 306 28.10 30.64 -21.10
C PHE A 306 28.31 29.28 -21.73
N LYS A 307 29.57 28.88 -21.83
CA LYS A 307 29.91 27.62 -22.46
C LYS A 307 29.18 26.49 -21.73
N ASN A 308 29.24 26.50 -20.39
CA ASN A 308 28.51 25.51 -19.60
C ASN A 308 27.03 25.51 -19.88
N ILE A 309 26.40 26.68 -19.83
CA ILE A 309 24.95 26.68 -19.93
C ILE A 309 24.53 26.45 -21.35
N ASP A 310 25.32 26.92 -22.31
CA ASP A 310 25.03 26.68 -23.72
C ASP A 310 25.07 25.18 -24.07
N GLU A 311 26.10 24.49 -23.58
CA GLU A 311 26.21 23.07 -23.85
C GLU A 311 25.07 22.32 -23.17
N LEU A 312 24.71 22.72 -21.97
CA LEU A 312 23.53 22.16 -21.29
C LEU A 312 22.26 22.35 -22.11
N ASN A 313 22.07 23.55 -22.64
CA ASN A 313 20.82 23.85 -23.35
C ASN A 313 20.72 23.00 -24.60
N LYS A 314 21.85 22.78 -25.26
CA LYS A 314 21.86 21.95 -26.45
C LYS A 314 21.45 20.53 -26.07
N VAL A 315 21.95 20.04 -24.94
CA VAL A 315 21.58 18.69 -24.51
C VAL A 315 20.09 18.62 -24.13
N LEU A 316 19.60 19.61 -23.41
CA LEU A 316 18.17 19.70 -23.06
C LEU A 316 17.29 19.66 -24.28
N ASP A 317 17.71 20.35 -25.34
CA ASP A 317 16.98 20.39 -26.61
C ASP A 317 16.77 19.02 -27.23
N LYS A 318 17.69 18.08 -26.99
CA LYS A 318 17.57 16.77 -27.59
C LYS A 318 17.23 15.67 -26.57
N THR A 319 16.93 16.04 -25.32
CA THR A 319 16.60 15.03 -24.29
C THR A 319 15.30 15.29 -23.53
N ALA A 320 14.98 16.55 -23.22
CA ALA A 320 13.84 16.84 -22.35
C ALA A 320 12.51 16.69 -23.11
N SER A 321 11.46 16.33 -22.38
CA SER A 321 10.11 16.19 -22.95
C SER A 321 9.26 17.35 -22.45
N PRO A 322 8.30 17.79 -23.26
CA PRO A 322 7.56 18.99 -22.82
C PRO A 322 6.48 18.68 -21.77
N TRP A 323 6.33 19.51 -20.73
CA TRP A 323 5.27 19.26 -19.74
C TRP A 323 3.89 19.53 -20.31
N THR A 324 3.86 20.22 -21.46
CA THR A 324 2.60 20.53 -22.13
C THR A 324 1.98 19.30 -22.79
N GLU A 325 2.61 18.13 -22.59
CA GLU A 325 1.99 16.84 -22.89
C GLU A 325 1.33 16.26 -21.64
N LYS A 326 1.99 16.46 -20.49
CA LYS A 326 1.52 15.96 -19.19
C LYS A 326 0.26 16.64 -18.67
N MET A 327 0.06 17.90 -19.05
CA MET A 327 -1.13 18.64 -18.66
C MET A 327 -2.39 17.94 -19.14
CA ILE B 3 6.20 -6.79 6.93
C ILE B 3 7.46 -7.61 6.60
N THR B 4 7.30 -8.93 6.55
CA THR B 4 8.40 -9.89 6.38
C THR B 4 9.03 -9.91 4.98
N LEU B 5 8.17 -9.65 3.99
CA LEU B 5 8.50 -9.55 2.55
C LEU B 5 9.92 -9.73 2.05
N THR B 6 10.07 -10.58 1.04
CA THR B 6 11.29 -10.62 0.27
C THR B 6 11.44 -9.29 -0.50
N GLU B 7 12.65 -9.05 -1.01
CA GLU B 7 12.95 -7.88 -1.84
C GLU B 7 11.94 -7.72 -2.98
N ASN B 8 11.67 -8.79 -3.71
N ASN B 8 11.67 -8.78 -3.73
CA ASN B 8 10.77 -8.67 -4.86
CA ASN B 8 10.76 -8.63 -4.87
C ASN B 8 9.30 -8.58 -4.49
C ASN B 8 9.30 -8.53 -4.46
N LYS B 9 8.90 -9.21 -3.39
CA LYS B 9 7.51 -9.07 -2.95
C LYS B 9 7.30 -7.66 -2.44
N ARG B 10 8.29 -7.09 -1.78
CA ARG B 10 8.19 -5.72 -1.31
C ARG B 10 8.08 -4.73 -2.47
N LYS B 11 8.91 -4.92 -3.50
CA LYS B 11 8.85 -4.07 -4.69
C LYS B 11 7.47 -4.17 -5.35
N SER B 12 6.92 -5.37 -5.41
CA SER B 12 5.60 -5.53 -5.99
C SER B 12 4.51 -4.84 -5.13
N MET B 13 4.56 -4.98 -3.82
CA MET B 13 3.59 -4.33 -2.96
C MET B 13 3.62 -2.80 -3.14
N GLU B 14 4.82 -2.25 -3.29
CA GLU B 14 5.00 -0.82 -3.51
C GLU B 14 4.33 -0.40 -4.82
N LYS B 15 4.44 -1.25 -5.84
CA LYS B 15 3.84 -0.94 -7.14
C LYS B 15 2.32 -0.97 -7.09
N LEU B 16 1.78 -1.68 -6.14
CA LEU B 16 0.34 -1.82 -5.96
C LEU B 16 -0.26 -0.71 -5.06
N SER B 17 0.62 0.08 -4.46
CA SER B 17 0.26 0.96 -3.33
C SER B 17 0.75 2.38 -3.57
N VAL B 18 0.24 3.34 -2.79
CA VAL B 18 0.86 4.66 -2.67
C VAL B 18 0.93 5.02 -1.16
N ASP B 19 2.14 5.31 -0.69
CA ASP B 19 2.41 5.60 0.72
C ASP B 19 1.73 4.57 1.63
N GLY B 20 1.91 3.31 1.29
CA GLY B 20 1.41 2.22 2.11
C GLY B 20 -0.09 1.94 2.03
N VAL B 21 -0.79 2.59 1.10
CA VAL B 21 -2.23 2.42 1.00
C VAL B 21 -2.62 1.93 -0.37
N ILE B 22 -3.47 0.91 -0.37
CA ILE B 22 -3.90 0.26 -1.61
C ILE B 22 -5.24 0.89 -2.02
N SER B 23 -5.23 1.65 -3.10
CA SER B 23 -6.46 2.25 -3.62
C SER B 23 -6.79 1.62 -4.95
N ALA B 24 -7.14 0.34 -4.89
CA ALA B 24 -7.17 -0.48 -6.10
C ALA B 24 -8.55 -0.63 -6.72
N LEU B 25 -8.57 -0.63 -8.04
CA LEU B 25 -9.78 -0.76 -8.82
C LEU B 25 -9.96 -2.23 -9.20
N ALA B 26 -11.12 -2.78 -8.87
CA ALA B 26 -11.43 -4.17 -9.20
C ALA B 26 -12.34 -4.29 -10.44
N PHE B 27 -11.82 -4.94 -11.46
CA PHE B 27 -12.59 -5.25 -12.66
C PHE B 27 -12.19 -6.62 -13.20
N ASP B 28 -12.21 -7.65 -12.35
CA ASP B 28 -11.99 -9.02 -12.84
C ASP B 28 -13.30 -9.77 -13.13
N GLN B 29 -14.43 -9.06 -13.12
CA GLN B 29 -15.72 -9.67 -13.46
C GLN B 29 -15.70 -10.29 -14.85
N ARG B 30 -16.29 -11.47 -14.95
CA ARG B 30 -16.36 -12.19 -16.23
C ARG B 30 -17.82 -12.46 -16.57
N GLY B 31 -18.37 -13.59 -16.13
CA GLY B 31 -19.80 -13.85 -16.31
C GLY B 31 -20.71 -12.72 -15.86
N ALA B 32 -20.35 -12.06 -14.77
CA ALA B 32 -21.19 -11.03 -14.17
C ALA B 32 -21.21 -9.79 -15.08
N LEU B 33 -20.09 -9.49 -15.70
CA LEU B 33 -20.04 -8.37 -16.65
C LEU B 33 -20.80 -8.74 -17.93
N LYS B 34 -20.62 -9.98 -18.38
CA LYS B 34 -21.33 -10.43 -19.59
C LYS B 34 -22.84 -10.32 -19.39
N ARG B 35 -23.33 -10.72 -18.22
CA ARG B 35 -24.74 -10.59 -17.89
C ARG B 35 -25.19 -9.13 -17.86
N MET B 36 -24.34 -8.23 -17.36
CA MET B 36 -24.69 -6.82 -17.36
C MET B 36 -24.86 -6.32 -18.78
N MET B 37 -23.92 -6.67 -19.66
CA MET B 37 -23.95 -6.23 -21.06
C MET B 37 -25.16 -6.78 -21.81
N ALA B 38 -25.49 -8.05 -21.55
CA ALA B 38 -26.56 -8.73 -22.27
C ALA B 38 -27.93 -8.08 -22.04
N GLN B 39 -28.05 -7.26 -21.01
CA GLN B 39 -29.32 -6.57 -20.74
C GLN B 39 -29.69 -5.54 -21.81
N HIS B 40 -28.68 -5.00 -22.48
CA HIS B 40 -28.86 -3.80 -23.30
C HIS B 40 -28.71 -4.03 -24.80
N GLN B 41 -28.55 -5.27 -25.23
CA GLN B 41 -28.51 -5.58 -26.66
C GLN B 41 -29.06 -6.97 -26.90
N THR B 42 -29.60 -7.20 -28.10
CA THR B 42 -30.19 -8.50 -28.40
C THR B 42 -29.11 -9.57 -28.55
N LYS B 43 -28.03 -9.27 -29.27
CA LYS B 43 -26.99 -10.27 -29.51
C LYS B 43 -26.20 -10.59 -28.24
N GLU B 44 -25.64 -11.80 -28.22
CA GLU B 44 -24.74 -12.19 -27.15
C GLU B 44 -23.55 -11.22 -27.13
N PRO B 45 -23.16 -10.73 -25.94
CA PRO B 45 -21.95 -9.91 -25.85
C PRO B 45 -20.74 -10.67 -26.35
N THR B 46 -19.92 -10.06 -27.21
CA THR B 46 -18.81 -10.78 -27.83
C THR B 46 -17.53 -10.68 -27.03
N VAL B 47 -16.56 -11.54 -27.31
CA VAL B 47 -15.27 -11.44 -26.65
C VAL B 47 -14.66 -10.06 -26.93
N GLU B 48 -14.83 -9.60 -28.15
CA GLU B 48 -14.30 -8.30 -28.56
C GLU B 48 -14.89 -7.17 -27.72
N GLN B 49 -16.20 -7.25 -27.46
CA GLN B 49 -16.90 -6.22 -26.70
C GLN B 49 -16.47 -6.19 -25.24
N ILE B 50 -16.31 -7.38 -24.65
CA ILE B 50 -15.91 -7.50 -23.27
C ILE B 50 -14.47 -7.03 -23.08
N GLU B 51 -13.57 -7.42 -23.98
CA GLU B 51 -12.18 -6.96 -23.92
C GLU B 51 -12.09 -5.44 -24.05
N GLU B 52 -12.86 -4.88 -24.98
CA GLU B 52 -12.80 -3.43 -25.23
C GLU B 52 -13.26 -2.64 -24.01
N LEU B 53 -14.35 -3.06 -23.39
CA LEU B 53 -14.90 -2.33 -22.27
C LEU B 53 -13.92 -2.36 -21.08
N LYS B 54 -13.30 -3.51 -20.84
CA LYS B 54 -12.25 -3.59 -19.83
C LYS B 54 -11.07 -2.66 -20.14
N SER B 55 -10.66 -2.61 -21.40
CA SER B 55 -9.59 -1.69 -21.80
C SER B 55 -9.94 -0.22 -21.57
N LEU B 56 -11.19 0.15 -21.86
CA LEU B 56 -11.65 1.52 -21.64
C LEU B 56 -11.59 1.88 -20.15
N VAL B 57 -12.12 1.02 -19.31
CA VAL B 57 -12.14 1.26 -17.88
C VAL B 57 -10.71 1.37 -17.38
N SER B 58 -9.85 0.47 -17.85
CA SER B 58 -8.47 0.47 -17.43
C SER B 58 -7.78 1.76 -17.84
N GLU B 59 -7.94 2.12 -19.11
CA GLU B 59 -7.24 3.29 -19.63
C GLU B 59 -7.72 4.59 -18.96
N GLU B 60 -9.02 4.68 -18.72
CA GLU B 60 -9.59 5.93 -18.23
C GLU B 60 -9.55 6.10 -16.71
N LEU B 61 -9.58 5.00 -15.95
CA LEU B 61 -9.65 5.13 -14.50
C LEU B 61 -8.37 4.76 -13.73
N THR B 62 -7.45 3.99 -14.32
CA THR B 62 -6.23 3.66 -13.57
C THR B 62 -5.32 4.88 -13.28
N PRO B 63 -5.46 6.00 -14.01
CA PRO B 63 -4.71 7.17 -13.51
C PRO B 63 -5.08 7.55 -12.08
N PHE B 64 -6.24 7.11 -11.60
CA PHE B 64 -6.73 7.49 -10.26
C PHE B 64 -6.66 6.36 -9.25
N ALA B 65 -6.02 5.26 -9.62
CA ALA B 65 -5.92 4.09 -8.74
C ALA B 65 -4.47 3.69 -8.55
N SER B 66 -4.13 3.14 -7.39
CA SER B 66 -2.76 2.66 -7.17
C SER B 66 -2.51 1.36 -7.97
N SER B 67 -3.57 0.62 -8.30
CA SER B 67 -3.41 -0.58 -9.09
C SER B 67 -4.79 -1.02 -9.56
N ILE B 68 -4.81 -1.99 -10.47
CA ILE B 68 -6.05 -2.54 -10.99
C ILE B 68 -5.99 -4.05 -10.97
N LEU B 69 -7.12 -4.65 -10.56
CA LEU B 69 -7.30 -6.09 -10.60
C LEU B 69 -8.10 -6.45 -11.83
N LEU B 70 -7.49 -7.27 -12.68
CA LEU B 70 -8.11 -7.76 -13.89
C LEU B 70 -8.07 -9.30 -13.92
N ASP B 71 -8.87 -9.88 -14.80
CA ASP B 71 -8.88 -11.32 -15.03
C ASP B 71 -8.03 -11.69 -16.24
N PRO B 72 -7.39 -12.88 -16.23
CA PRO B 72 -6.66 -13.31 -17.43
C PRO B 72 -7.53 -13.63 -18.65
N GLU B 73 -8.81 -13.92 -18.44
CA GLU B 73 -9.66 -14.40 -19.52
C GLU B 73 -9.95 -13.32 -20.56
N TYR B 74 -10.32 -12.14 -20.08
CA TYR B 74 -10.69 -11.03 -20.96
C TYR B 74 -9.83 -9.80 -20.74
N GLY B 75 -9.01 -9.80 -19.69
CA GLY B 75 -8.42 -8.57 -19.19
C GLY B 75 -6.98 -8.29 -19.57
N LEU B 76 -6.36 -9.16 -20.36
CA LEU B 76 -4.94 -8.96 -20.62
C LEU B 76 -4.70 -7.75 -21.53
N PRO B 77 -5.53 -7.55 -22.58
CA PRO B 77 -5.35 -6.31 -23.33
C PRO B 77 -5.54 -5.05 -22.45
N ALA B 78 -6.55 -5.08 -21.57
CA ALA B 78 -6.76 -3.98 -20.64
C ALA B 78 -5.56 -3.75 -19.75
N SER B 79 -4.91 -4.83 -19.32
CA SER B 79 -3.75 -4.70 -18.43
C SER B 79 -2.62 -3.93 -19.12
N ARG B 80 -2.52 -4.07 -20.44
CA ARG B 80 -1.42 -3.46 -21.15
C ARG B 80 -1.66 -1.98 -21.43
N VAL B 81 -2.87 -1.48 -21.23
CA VAL B 81 -3.10 -0.05 -21.42
C VAL B 81 -3.35 0.67 -20.09
N ARG B 82 -3.05 0.03 -18.97
CA ARG B 82 -3.22 0.69 -17.69
C ARG B 82 -2.20 1.81 -17.60
N SER B 83 -2.50 2.80 -16.78
CA SER B 83 -1.55 3.85 -16.48
C SER B 83 -0.22 3.28 -16.01
N GLU B 84 0.84 3.88 -16.50
CA GLU B 84 2.20 3.59 -16.13
C GLU B 84 2.45 3.63 -14.61
N GLU B 85 1.69 4.47 -13.93
CA GLU B 85 1.83 4.62 -12.49
C GLU B 85 1.11 3.55 -11.70
N ALA B 86 0.28 2.73 -12.36
CA ALA B 86 -0.59 1.78 -11.64
C ALA B 86 -0.12 0.34 -11.77
N GLY B 87 -0.19 -0.40 -10.67
CA GLY B 87 0.21 -1.79 -10.67
C GLY B 87 -0.91 -2.69 -11.14
N LEU B 88 -0.59 -3.98 -11.24
CA LEU B 88 -1.51 -4.97 -11.78
C LEU B 88 -1.66 -6.19 -10.87
N LEU B 89 -2.89 -6.56 -10.59
CA LEU B 89 -3.20 -7.85 -9.94
C LEU B 89 -3.97 -8.67 -10.94
N LEU B 90 -3.69 -9.98 -11.01
CA LEU B 90 -4.48 -10.86 -11.86
C LEU B 90 -5.18 -11.95 -11.03
N ALA B 91 -6.47 -12.13 -11.31
CA ALA B 91 -7.27 -13.20 -10.71
C ALA B 91 -6.83 -14.60 -11.17
N TYR B 92 -6.90 -15.55 -10.24
CA TYR B 92 -6.40 -16.90 -10.51
C TYR B 92 -7.52 -17.93 -10.38
N GLU B 93 -8.64 -17.53 -9.78
CA GLU B 93 -9.75 -18.48 -9.57
C GLU B 93 -10.80 -18.43 -10.67
N LYS B 94 -11.39 -19.61 -10.94
CA LYS B 94 -12.63 -19.69 -11.70
C LYS B 94 -13.74 -19.00 -10.93
N THR B 95 -14.69 -18.41 -11.66
CA THR B 95 -15.80 -17.66 -11.05
C THR B 95 -16.92 -18.52 -10.52
N GLY B 96 -17.63 -17.97 -9.52
CA GLY B 96 -18.86 -18.55 -9.07
C GLY B 96 -18.69 -19.76 -8.19
N TYR B 97 -19.78 -20.46 -8.01
CA TYR B 97 -19.78 -21.68 -7.25
C TYR B 97 -20.98 -22.50 -7.66
N ASP B 98 -20.87 -23.80 -7.46
CA ASP B 98 -21.92 -24.76 -7.73
C ASP B 98 -23.14 -24.46 -6.86
N ALA B 99 -24.23 -24.11 -7.50
CA ALA B 99 -25.44 -23.79 -6.75
C ALA B 99 -26.19 -25.05 -6.32
N THR B 100 -25.76 -26.22 -6.80
CA THR B 100 -26.43 -27.48 -6.45
C THR B 100 -25.87 -28.09 -5.17
N THR B 101 -24.76 -27.56 -4.67
CA THR B 101 -24.16 -28.01 -3.42
C THR B 101 -23.79 -26.82 -2.55
N THR B 102 -23.36 -27.09 -1.32
CA THR B 102 -23.05 -26.02 -0.36
C THR B 102 -21.57 -25.84 -0.10
N SER B 103 -20.75 -26.61 -0.80
CA SER B 103 -19.34 -26.70 -0.47
C SER B 103 -18.51 -25.56 -1.05
N ARG B 104 -19.02 -24.92 -2.10
CA ARG B 104 -18.32 -23.82 -2.80
C ARG B 104 -16.79 -23.99 -2.92
N LEU B 105 -16.37 -25.10 -3.51
CA LEU B 105 -14.95 -25.43 -3.55
C LEU B 105 -14.19 -24.56 -4.54
N PRO B 106 -12.97 -24.15 -4.19
CA PRO B 106 -12.11 -23.35 -5.09
C PRO B 106 -11.51 -24.13 -6.25
N ASP B 107 -11.29 -23.44 -7.37
CA ASP B 107 -10.66 -24.05 -8.54
C ASP B 107 -9.86 -22.98 -9.30
N CYS B 108 -8.56 -23.23 -9.52
CA CYS B 108 -7.73 -22.35 -10.34
C CYS B 108 -8.12 -22.41 -11.82
N LEU B 109 -7.94 -21.28 -12.52
CA LEU B 109 -8.11 -21.28 -13.96
C LEU B 109 -7.25 -22.37 -14.62
N ASP B 110 -7.84 -23.09 -15.57
CA ASP B 110 -7.26 -24.32 -16.11
C ASP B 110 -5.86 -24.16 -16.74
N VAL B 111 -5.62 -23.09 -17.48
CA VAL B 111 -4.33 -22.98 -18.17
C VAL B 111 -3.45 -21.89 -17.54
N TRP B 112 -3.66 -21.64 -16.26
CA TRP B 112 -2.85 -20.67 -15.51
C TRP B 112 -2.14 -21.29 -14.31
N SER B 113 -1.05 -20.64 -13.92
CA SER B 113 -0.23 -20.96 -12.76
C SER B 113 0.27 -19.63 -12.23
N ALA B 114 0.80 -19.61 -11.01
CA ALA B 114 1.35 -18.38 -10.48
C ALA B 114 2.50 -17.92 -11.36
N LYS B 115 3.24 -18.88 -11.92
CA LYS B 115 4.36 -18.55 -12.80
C LYS B 115 3.85 -17.81 -14.04
N ARG B 116 2.77 -18.30 -14.63
CA ARG B 116 2.20 -17.65 -15.82
C ARG B 116 1.59 -16.28 -15.50
N ILE B 117 1.04 -16.12 -14.31
CA ILE B 117 0.50 -14.83 -13.90
C ILE B 117 1.65 -13.84 -13.79
N LYS B 118 2.73 -14.25 -13.14
CA LYS B 118 3.92 -13.42 -13.06
C LYS B 118 4.42 -13.08 -14.47
N GLU B 119 4.46 -14.07 -15.35
CA GLU B 119 4.96 -13.85 -16.70
C GLU B 119 4.03 -12.93 -17.46
N ALA B 120 2.77 -12.87 -17.05
CA ALA B 120 1.82 -11.96 -17.71
C ALA B 120 1.96 -10.52 -17.18
N GLY B 121 2.91 -10.31 -16.26
CA GLY B 121 3.27 -8.97 -15.83
C GLY B 121 2.56 -8.54 -14.56
N ALA B 122 1.89 -9.46 -13.88
CA ALA B 122 1.19 -9.11 -12.62
C ALA B 122 2.17 -8.83 -11.50
N GLU B 123 1.79 -7.92 -10.61
CA GLU B 123 2.53 -7.71 -9.37
C GLU B 123 1.87 -8.43 -8.21
N ALA B 124 0.78 -9.14 -8.48
CA ALA B 124 0.16 -9.99 -7.47
C ALA B 124 -0.78 -11.00 -8.10
N VAL B 125 -0.85 -12.14 -7.43
CA VAL B 125 -1.82 -13.19 -7.69
C VAL B 125 -2.99 -12.94 -6.73
N LYS B 126 -4.20 -12.82 -7.27
CA LYS B 126 -5.40 -12.67 -6.45
C LYS B 126 -6.20 -13.97 -6.58
N PHE B 127 -6.65 -14.49 -5.45
CA PHE B 127 -7.50 -15.68 -5.45
C PHE B 127 -8.67 -15.53 -4.52
N LEU B 128 -9.89 -15.79 -5.01
CA LEU B 128 -11.09 -15.76 -4.18
C LEU B 128 -11.49 -17.15 -3.65
N LEU B 129 -11.62 -17.22 -2.32
CA LEU B 129 -12.11 -18.37 -1.58
C LEU B 129 -13.42 -18.07 -0.85
N TYR B 130 -14.45 -18.88 -1.08
CA TYR B 130 -15.65 -18.87 -0.24
C TYR B 130 -15.38 -19.71 0.99
N TYR B 131 -15.65 -19.20 2.19
CA TYR B 131 -15.35 -19.96 3.41
C TYR B 131 -16.39 -19.81 4.49
N ASP B 132 -16.87 -20.95 4.97
CA ASP B 132 -17.71 -21.03 6.15
C ASP B 132 -16.93 -21.72 7.26
N ILE B 133 -16.44 -20.94 8.22
CA ILE B 133 -15.63 -21.46 9.31
C ILE B 133 -16.36 -22.56 10.07
N ASP B 134 -17.69 -22.51 10.07
CA ASP B 134 -18.48 -23.48 10.81
C ASP B 134 -18.93 -24.65 9.93
N GLY B 135 -18.50 -24.67 8.68
CA GLY B 135 -18.98 -25.64 7.72
C GLY B 135 -18.35 -27.02 7.87
N ASP B 136 -18.66 -27.89 6.89
CA ASP B 136 -18.14 -29.25 6.88
C ASP B 136 -16.62 -29.27 7.04
N GLN B 137 -16.17 -30.06 8.00
CA GLN B 137 -14.75 -30.17 8.33
C GLN B 137 -13.86 -30.63 7.17
N ASP B 138 -14.31 -31.66 6.43
CA ASP B 138 -13.58 -32.20 5.28
C ASP B 138 -13.53 -31.24 4.11
N VAL B 139 -14.62 -30.50 3.90
CA VAL B 139 -14.63 -29.45 2.89
C VAL B 139 -13.58 -28.37 3.21
N ASN B 140 -13.53 -27.97 4.48
CA ASN B 140 -12.55 -26.97 4.87
C ASN B 140 -11.12 -27.50 4.85
N GLU B 141 -10.90 -28.78 5.11
CA GLU B 141 -9.56 -29.33 4.94
C GLU B 141 -9.16 -29.22 3.48
N GLN B 142 -10.08 -29.52 2.57
CA GLN B 142 -9.77 -29.43 1.15
C GLN B 142 -9.45 -27.98 0.77
N LYS B 143 -10.23 -27.03 1.30
CA LYS B 143 -10.00 -25.62 0.98
C LYS B 143 -8.64 -25.18 1.52
N LYS B 144 -8.31 -25.60 2.73
CA LYS B 144 -7.05 -25.21 3.35
C LYS B 144 -5.87 -25.79 2.58
N ALA B 145 -5.98 -27.04 2.16
CA ALA B 145 -4.94 -27.63 1.35
C ALA B 145 -4.77 -26.87 0.04
N TYR B 146 -5.86 -26.41 -0.55
CA TYR B 146 -5.80 -25.75 -1.84
C TYR B 146 -5.06 -24.42 -1.70
N ILE B 147 -5.32 -23.71 -0.60
CA ILE B 147 -4.71 -22.41 -0.40
C ILE B 147 -3.24 -22.60 -0.07
N GLU B 148 -2.89 -23.68 0.65
CA GLU B 148 -1.46 -23.98 0.88
C GLU B 148 -0.69 -24.08 -0.44
N ARG B 149 -1.29 -24.77 -1.41
CA ARG B 149 -0.66 -24.97 -2.72
C ARG B 149 -0.41 -23.61 -3.38
N ILE B 150 -1.43 -22.76 -3.38
CA ILE B 150 -1.27 -21.44 -4.01
C ILE B 150 -0.24 -20.59 -3.29
N GLY B 151 -0.29 -20.57 -1.96
CA GLY B 151 0.67 -19.81 -1.18
C GLY B 151 2.09 -20.27 -1.45
N SER B 152 2.26 -21.57 -1.67
CA SER B 152 3.58 -22.13 -1.92
C SER B 152 4.06 -21.70 -3.32
N GLU B 153 3.15 -21.75 -4.29
CA GLU B 153 3.43 -21.29 -5.64
C GLU B 153 3.95 -19.85 -5.61
N CYS B 154 3.23 -19.03 -4.87
CA CYS B 154 3.54 -17.60 -4.82
C CYS B 154 4.85 -17.34 -4.10
N ARG B 155 5.16 -18.16 -3.10
CA ARG B 155 6.47 -18.09 -2.49
C ARG B 155 7.59 -18.40 -3.49
N ALA B 156 7.40 -19.47 -4.26
CA ALA B 156 8.44 -19.90 -5.20
C ALA B 156 8.62 -18.89 -6.31
N GLU B 157 7.51 -18.36 -6.80
CA GLU B 157 7.56 -17.41 -7.91
C GLU B 157 7.80 -15.97 -7.41
N ASP B 158 7.81 -15.79 -6.08
CA ASP B 158 8.21 -14.54 -5.44
C ASP B 158 7.30 -13.39 -5.90
N ILE B 159 6.01 -13.65 -5.81
CA ILE B 159 4.97 -12.70 -6.18
C ILE B 159 3.93 -12.64 -5.06
N PRO B 160 3.52 -11.43 -4.64
CA PRO B 160 2.52 -11.34 -3.56
C PRO B 160 1.21 -12.10 -3.78
N PHE B 161 0.76 -12.74 -2.71
CA PHE B 161 -0.48 -13.52 -2.71
C PHE B 161 -1.58 -12.72 -2.02
N TYR B 162 -2.60 -12.34 -2.78
CA TYR B 162 -3.73 -11.59 -2.26
C TYR B 162 -4.87 -12.57 -2.19
N LEU B 163 -5.28 -12.91 -0.97
CA LEU B 163 -6.38 -13.85 -0.77
C LEU B 163 -7.64 -13.09 -0.42
N GLU B 164 -8.66 -13.26 -1.25
CA GLU B 164 -9.97 -12.69 -0.97
C GLU B 164 -10.82 -13.77 -0.30
N ILE B 165 -11.48 -13.40 0.80
CA ILE B 165 -12.36 -14.33 1.51
C ILE B 165 -13.77 -13.80 1.52
N LEU B 166 -14.71 -14.55 0.94
CA LEU B 166 -16.12 -14.25 1.06
C LEU B 166 -16.74 -15.32 1.97
N THR B 167 -17.40 -14.86 3.04
CA THR B 167 -17.96 -15.79 4.01
C THR B 167 -19.38 -16.12 3.64
N TYR B 168 -19.86 -17.25 4.15
CA TYR B 168 -21.21 -17.68 3.95
C TYR B 168 -21.53 -18.71 5.03
N ASP B 169 -22.76 -19.15 5.09
CA ASP B 169 -23.16 -20.21 6.02
C ASP B 169 -23.83 -21.29 5.19
N GLU B 170 -23.40 -22.53 5.34
CA GLU B 170 -23.97 -23.63 4.57
C GLU B 170 -25.50 -23.71 4.71
N LYS B 171 -26.04 -23.17 5.80
CA LYS B 171 -27.45 -23.36 6.15
C LYS B 171 -28.27 -22.08 6.16
N ILE B 172 -27.67 -20.98 5.69
CA ILE B 172 -28.36 -19.69 5.55
C ILE B 172 -28.31 -19.24 4.09
N ALA B 173 -29.45 -19.26 3.42
CA ALA B 173 -29.50 -18.97 1.98
C ALA B 173 -29.06 -17.54 1.62
N ASP B 174 -29.43 -16.57 2.45
CA ASP B 174 -29.30 -15.15 2.09
C ASP B 174 -28.35 -14.42 3.03
N ASN B 175 -27.16 -14.09 2.56
N ASN B 175 -27.16 -14.09 2.54
CA ASN B 175 -26.19 -13.44 3.44
CA ASN B 175 -26.16 -13.37 3.33
C ASN B 175 -26.55 -11.99 3.78
C ASN B 175 -26.64 -12.03 3.86
N ALA B 176 -27.65 -11.47 3.22
CA ALA B 176 -28.16 -10.14 3.59
C ALA B 176 -29.23 -10.22 4.68
N SER B 177 -29.53 -11.44 5.15
CA SER B 177 -30.60 -11.64 6.11
C SER B 177 -30.18 -11.21 7.50
N PRO B 178 -31.15 -10.87 8.36
CA PRO B 178 -30.82 -10.62 9.77
C PRO B 178 -30.13 -11.84 10.39
N GLU B 179 -30.53 -13.05 9.99
CA GLU B 179 -29.93 -14.24 10.55
C GLU B 179 -28.42 -14.27 10.27
N PHE B 180 -28.03 -13.95 9.04
CA PHE B 180 -26.61 -14.00 8.73
C PHE B 180 -25.86 -12.84 9.39
N ALA B 181 -26.51 -11.68 9.45
CA ALA B 181 -25.94 -10.52 10.12
C ALA B 181 -25.44 -10.87 11.53
N LYS B 182 -26.22 -11.66 12.25
CA LYS B 182 -25.88 -12.02 13.63
C LYS B 182 -24.61 -12.88 13.74
N VAL B 183 -24.24 -13.61 12.69
CA VAL B 183 -23.03 -14.43 12.76
C VAL B 183 -21.90 -13.90 11.88
N LYS B 184 -22.12 -12.81 11.16
CA LYS B 184 -21.15 -12.36 10.18
C LYS B 184 -19.78 -12.05 10.78
N ALA B 185 -19.77 -11.44 11.96
CA ALA B 185 -18.48 -11.07 12.55
C ALA B 185 -17.66 -12.31 12.86
N HIS B 186 -18.32 -13.33 13.40
CA HIS B 186 -17.70 -14.63 13.64
C HIS B 186 -17.16 -15.23 12.33
N LYS B 187 -17.98 -15.24 11.28
CA LYS B 187 -17.53 -15.81 10.01
C LYS B 187 -16.29 -15.13 9.44
N VAL B 188 -16.29 -13.81 9.47
CA VAL B 188 -15.22 -13.01 8.87
C VAL B 188 -13.94 -13.05 9.68
N ASN B 189 -14.05 -12.78 10.99
CA ASN B 189 -12.89 -12.61 11.83
C ASN B 189 -12.23 -13.95 12.10
N GLU B 190 -13.00 -15.02 12.25
CA GLU B 190 -12.35 -16.30 12.48
C GLU B 190 -11.71 -16.84 11.20
N ALA B 191 -12.31 -16.56 10.02
CA ALA B 191 -11.67 -16.96 8.77
C ALA B 191 -10.36 -16.21 8.57
N MET B 192 -10.32 -14.94 8.95
CA MET B 192 -9.09 -14.15 8.83
C MET B 192 -7.99 -14.73 9.72
N LYS B 193 -8.39 -15.18 10.89
CA LYS B 193 -7.43 -15.76 11.80
C LYS B 193 -6.84 -17.06 11.25
N VAL B 194 -7.68 -17.93 10.69
CA VAL B 194 -7.19 -19.14 10.01
C VAL B 194 -6.18 -18.81 8.91
N PHE B 195 -6.56 -17.94 7.99
CA PHE B 195 -5.73 -17.72 6.82
C PHE B 195 -4.63 -16.71 7.01
N SER B 196 -4.50 -16.19 8.23
CA SER B 196 -3.30 -15.50 8.66
C SER B 196 -2.21 -16.47 9.15
N LYS B 197 -2.49 -17.76 9.28
CA LYS B 197 -1.43 -18.72 9.63
C LYS B 197 -0.32 -18.74 8.59
N GLU B 198 0.93 -18.83 9.07
CA GLU B 198 2.11 -18.83 8.20
C GLU B 198 1.99 -19.80 7.00
N ARG B 199 1.39 -20.96 7.23
CA ARG B 199 1.37 -22.04 6.23
C ARG B 199 0.60 -21.71 4.96
N PHE B 200 -0.22 -20.66 5.01
CA PHE B 200 -1.02 -20.31 3.83
C PHE B 200 -0.34 -19.28 2.92
N GLY B 201 0.74 -18.67 3.37
CA GLY B 201 1.57 -17.82 2.51
C GLY B 201 0.92 -16.53 2.02
N VAL B 202 -0.11 -16.06 2.72
CA VAL B 202 -0.86 -14.88 2.29
C VAL B 202 -0.03 -13.63 2.58
N ASP B 203 -0.02 -12.70 1.63
CA ASP B 203 0.61 -11.39 1.85
C ASP B 203 -0.39 -10.29 2.18
N VAL B 204 -1.57 -10.33 1.56
CA VAL B 204 -2.64 -9.39 1.86
C VAL B 204 -3.97 -10.11 1.85
N LEU B 205 -4.78 -9.88 2.88
CA LEU B 205 -6.16 -10.33 2.93
C LEU B 205 -7.12 -9.26 2.40
N LYS B 206 -7.97 -9.67 1.46
CA LYS B 206 -9.08 -8.87 0.97
C LYS B 206 -10.33 -9.43 1.59
N VAL B 207 -10.98 -8.65 2.45
CA VAL B 207 -12.03 -9.16 3.32
C VAL B 207 -13.25 -8.26 3.37
N GLU B 208 -14.35 -8.83 3.82
CA GLU B 208 -15.54 -8.08 4.11
C GLU B 208 -15.37 -7.27 5.39
N VAL B 209 -16.13 -6.18 5.50
CA VAL B 209 -16.26 -5.54 6.79
C VAL B 209 -17.06 -6.54 7.63
N PRO B 210 -16.74 -6.63 8.94
CA PRO B 210 -17.26 -7.69 9.82
C PRO B 210 -18.68 -7.45 10.36
N VAL B 211 -19.42 -6.56 9.71
CA VAL B 211 -20.78 -6.26 10.12
C VAL B 211 -21.59 -5.86 8.89
N ASN B 212 -22.87 -6.17 8.91
CA ASN B 212 -23.81 -5.64 7.95
C ASN B 212 -24.31 -4.30 8.45
N MET B 213 -23.77 -3.21 7.91
CA MET B 213 -24.03 -1.89 8.47
C MET B 213 -25.50 -1.50 8.36
N LYS B 214 -26.27 -2.21 7.53
CA LYS B 214 -27.69 -1.90 7.37
C LYS B 214 -28.52 -2.25 8.60
N PHE B 215 -27.92 -2.98 9.54
CA PHE B 215 -28.60 -3.33 10.77
C PHE B 215 -28.00 -2.61 11.98
N VAL B 216 -27.14 -1.62 11.74
CA VAL B 216 -26.49 -0.88 12.82
C VAL B 216 -27.19 0.44 13.11
N GLU B 217 -27.36 0.74 14.39
CA GLU B 217 -27.98 1.98 14.83
C GLU B 217 -27.36 3.17 14.13
N GLY B 218 -28.19 4.07 13.62
CA GLY B 218 -27.72 5.25 12.93
C GLY B 218 -27.50 5.07 11.44
N PHE B 219 -27.29 3.83 11.02
CA PHE B 219 -27.13 3.47 9.60
C PHE B 219 -28.36 2.75 9.05
N ALA B 220 -29.15 2.15 9.94
CA ALA B 220 -30.26 1.29 9.54
C ALA B 220 -31.51 2.05 9.17
N ASP B 221 -32.16 1.58 8.10
CA ASP B 221 -33.47 2.08 7.71
C ASP B 221 -34.59 1.17 8.22
N GLY B 222 -34.23 -0.03 8.68
CA GLY B 222 -35.21 -0.98 9.19
C GLY B 222 -34.87 -1.38 10.61
N GLU B 223 -35.04 -2.65 10.95
CA GLU B 223 -34.78 -3.10 12.30
C GLU B 223 -33.30 -2.92 12.65
N VAL B 224 -33.05 -2.61 13.92
CA VAL B 224 -31.68 -2.44 14.39
C VAL B 224 -31.30 -3.66 15.19
N LEU B 225 -30.19 -4.27 14.80
CA LEU B 225 -29.67 -5.45 15.47
C LEU B 225 -28.47 -5.14 16.36
N PHE B 226 -27.77 -4.05 16.06
CA PHE B 226 -26.53 -3.72 16.75
C PHE B 226 -26.45 -2.24 17.08
N THR B 227 -25.96 -1.95 18.28
CA THR B 227 -25.64 -0.58 18.64
C THR B 227 -24.39 -0.20 17.90
N LYS B 228 -24.05 1.08 17.87
CA LYS B 228 -22.80 1.48 17.26
C LYS B 228 -21.62 0.90 18.02
N GLU B 229 -21.69 0.87 19.34
CA GLU B 229 -20.59 0.30 20.11
C GLU B 229 -20.34 -1.17 19.75
N GLU B 230 -21.40 -1.95 19.59
CA GLU B 230 -21.26 -3.34 19.18
C GLU B 230 -20.60 -3.46 17.81
N ALA B 231 -21.03 -2.63 16.86
CA ALA B 231 -20.42 -2.66 15.53
C ALA B 231 -18.95 -2.23 15.60
N ALA B 232 -18.64 -1.22 16.41
CA ALA B 232 -17.27 -0.76 16.56
C ALA B 232 -16.39 -1.89 17.10
N GLN B 233 -16.93 -2.65 18.05
CA GLN B 233 -16.18 -3.75 18.65
C GLN B 233 -15.88 -4.85 17.64
N ALA B 234 -16.79 -5.07 16.70
CA ALA B 234 -16.56 -6.05 15.63
C ALA B 234 -15.39 -5.63 14.75
N PHE B 235 -15.27 -4.33 14.48
CA PHE B 235 -14.12 -3.84 13.75
C PHE B 235 -12.85 -4.00 14.57
N ARG B 236 -12.91 -3.76 15.87
CA ARG B 236 -11.70 -3.97 16.68
C ARG B 236 -11.32 -5.46 16.78
N ASP B 237 -12.31 -6.34 16.83
CA ASP B 237 -12.07 -7.78 16.84
C ASP B 237 -11.42 -8.20 15.50
N GLN B 238 -11.82 -7.54 14.42
CA GLN B 238 -11.23 -7.81 13.12
C GLN B 238 -9.76 -7.42 13.09
N GLU B 239 -9.46 -6.24 13.58
CA GLU B 239 -8.08 -5.78 13.66
C GLU B 239 -7.24 -6.72 14.53
N ALA B 240 -7.82 -7.32 15.55
CA ALA B 240 -7.10 -8.24 16.44
C ALA B 240 -6.99 -9.65 15.88
N SER B 241 -7.59 -9.88 14.71
N SER B 241 -7.60 -9.89 14.72
CA SER B 241 -7.60 -11.22 14.13
CA SER B 241 -7.57 -11.24 14.17
C SER B 241 -6.41 -11.52 13.21
C SER B 241 -6.26 -11.53 13.44
N THR B 242 -5.65 -10.49 12.88
CA THR B 242 -4.53 -10.66 11.95
C THR B 242 -3.46 -9.60 12.18
N ASP B 243 -2.21 -9.95 11.87
CA ASP B 243 -1.16 -8.92 11.74
C ASP B 243 -0.78 -8.68 10.27
N LEU B 244 -1.47 -9.33 9.35
CA LEU B 244 -1.20 -9.11 7.94
C LEU B 244 -1.88 -7.81 7.50
N PRO B 245 -1.36 -7.21 6.43
CA PRO B 245 -2.15 -6.17 5.75
C PRO B 245 -3.51 -6.71 5.32
N TYR B 246 -4.55 -5.92 5.49
CA TYR B 246 -5.85 -6.31 4.94
C TYR B 246 -6.56 -5.12 4.32
N ILE B 247 -7.36 -5.39 3.31
CA ILE B 247 -8.09 -4.35 2.59
C ILE B 247 -9.54 -4.78 2.48
N TYR B 248 -10.44 -3.81 2.36
CA TYR B 248 -11.86 -4.10 2.28
C TYR B 248 -12.36 -4.19 0.87
N LEU B 249 -13.25 -5.16 0.69
CA LEU B 249 -14.08 -5.24 -0.47
C LEU B 249 -15.43 -4.59 -0.13
N SER B 250 -16.12 -4.08 -1.16
CA SER B 250 -17.47 -3.52 -1.01
C SER B 250 -18.55 -4.51 -1.43
N ALA B 251 -19.54 -4.72 -0.58
CA ALA B 251 -20.64 -5.63 -0.92
C ALA B 251 -21.91 -5.27 -0.15
N GLY B 252 -23.05 -5.37 -0.83
CA GLY B 252 -24.35 -5.32 -0.19
C GLY B 252 -24.86 -3.93 0.15
N VAL B 253 -24.05 -2.92 -0.18
CA VAL B 253 -24.30 -1.53 0.20
C VAL B 253 -24.04 -0.55 -0.97
N SER B 254 -24.70 0.60 -0.92
CA SER B 254 -24.42 1.70 -1.84
C SER B 254 -22.98 2.21 -1.66
N ALA B 255 -22.48 2.94 -2.65
CA ALA B 255 -21.13 3.51 -2.55
C ALA B 255 -21.01 4.48 -1.35
N LYS B 256 -22.06 5.25 -1.11
CA LYS B 256 -22.05 6.19 0.00
C LYS B 256 -21.92 5.45 1.32
N LEU B 257 -22.72 4.40 1.51
CA LEU B 257 -22.67 3.63 2.75
C LEU B 257 -21.33 2.93 2.89
N PHE B 258 -20.74 2.50 1.77
CA PHE B 258 -19.43 1.86 1.87
C PHE B 258 -18.44 2.89 2.38
N GLN B 259 -18.47 4.10 1.81
CA GLN B 259 -17.62 5.20 2.27
C GLN B 259 -17.86 5.56 3.74
N ASP B 260 -19.14 5.67 4.15
CA ASP B 260 -19.43 5.93 5.57
C ASP B 260 -18.90 4.80 6.45
N THR B 261 -18.88 3.59 5.90
CA THR B 261 -18.36 2.43 6.62
C THR B 261 -16.86 2.53 6.84
N LEU B 262 -16.13 3.01 5.82
CA LEU B 262 -14.70 3.21 5.98
C LEU B 262 -14.42 4.22 7.10
N VAL B 263 -15.23 5.29 7.17
CA VAL B 263 -15.07 6.30 8.20
C VAL B 263 -15.32 5.65 9.54
N PHE B 264 -16.36 4.83 9.62
CA PHE B 264 -16.73 4.22 10.88
C PHE B 264 -15.65 3.23 11.32
N ALA B 265 -15.10 2.50 10.37
CA ALA B 265 -14.06 1.52 10.66
C ALA B 265 -12.85 2.21 11.26
N ALA B 266 -12.40 3.29 10.62
CA ALA B 266 -11.25 4.04 11.12
C ALA B 266 -11.50 4.63 12.50
N GLU B 267 -12.67 5.23 12.70
CA GLU B 267 -13.05 5.76 13.99
C GLU B 267 -13.08 4.68 15.07
N SER B 268 -13.45 3.47 14.68
CA SER B 268 -13.56 2.36 15.63
C SER B 268 -12.21 1.77 16.03
N GLY B 269 -11.17 2.01 15.23
CA GLY B 269 -9.85 1.48 15.50
C GLY B 269 -9.32 0.46 14.51
N ALA B 270 -10.02 0.26 13.39
CA ALA B 270 -9.53 -0.63 12.35
C ALA B 270 -8.41 0.08 11.61
N LYS B 271 -7.28 -0.61 11.46
CA LYS B 271 -6.14 -0.10 10.74
C LYS B 271 -6.10 -0.82 9.41
N PHE B 272 -7.18 -0.72 8.64
CA PHE B 272 -7.21 -1.35 7.32
C PHE B 272 -6.33 -0.55 6.36
N ASN B 273 -5.81 -1.22 5.33
CA ASN B 273 -4.72 -0.67 4.53
C ASN B 273 -5.11 -0.29 3.11
N GLY B 274 -6.42 -0.27 2.85
CA GLY B 274 -6.95 0.17 1.59
C GLY B 274 -8.19 -0.59 1.23
N VAL B 275 -8.53 -0.56 -0.05
CA VAL B 275 -9.70 -1.24 -0.57
C VAL B 275 -9.38 -1.82 -1.93
N LEU B 276 -10.18 -2.80 -2.32
CA LEU B 276 -10.20 -3.26 -3.68
C LEU B 276 -11.65 -3.37 -4.07
N CYS B 277 -12.12 -2.40 -4.83
CA CYS B 277 -13.50 -2.41 -5.24
C CYS B 277 -13.66 -1.71 -6.57
N GLY B 278 -14.80 -1.87 -7.22
CA GLY B 278 -14.94 -1.22 -8.50
C GLY B 278 -16.31 -1.13 -9.08
N ARG B 279 -17.14 -2.15 -8.88
CA ARG B 279 -18.36 -2.23 -9.64
C ARG B 279 -19.12 -0.91 -9.56
N ALA B 280 -19.24 -0.34 -8.36
CA ALA B 280 -20.03 0.88 -8.20
C ALA B 280 -19.41 2.04 -8.99
N THR B 281 -18.09 2.04 -9.09
CA THR B 281 -17.39 3.08 -9.84
C THR B 281 -17.58 3.00 -11.35
N TRP B 282 -17.58 1.79 -11.94
CA TRP B 282 -17.62 1.69 -13.41
C TRP B 282 -18.93 1.12 -13.98
N ALA B 283 -19.86 0.73 -13.11
CA ALA B 283 -21.10 0.06 -13.55
C ALA B 283 -21.87 0.82 -14.61
N GLY B 284 -22.01 2.13 -14.43
CA GLY B 284 -22.80 2.91 -15.35
C GLY B 284 -22.23 2.95 -16.76
N SER B 285 -20.92 2.72 -16.90
CA SER B 285 -20.30 2.73 -18.22
C SER B 285 -20.76 1.55 -19.10
N VAL B 286 -21.30 0.51 -18.49
CA VAL B 286 -21.65 -0.70 -19.26
C VAL B 286 -22.80 -0.46 -20.22
N LYS B 287 -23.86 0.14 -19.71
CA LYS B 287 -25.02 0.47 -20.52
C LYS B 287 -24.63 1.49 -21.60
N VAL B 288 -23.79 2.45 -21.23
CA VAL B 288 -23.37 3.48 -22.16
C VAL B 288 -22.53 2.84 -23.27
N TYR B 289 -21.60 1.97 -22.90
CA TYR B 289 -20.76 1.26 -23.87
C TYR B 289 -21.61 0.49 -24.91
N ILE B 290 -22.55 -0.30 -24.45
CA ILE B 290 -23.38 -1.11 -25.35
C ILE B 290 -24.32 -0.27 -26.21
N GLU B 291 -24.98 0.71 -25.57
CA GLU B 291 -26.01 1.47 -26.26
C GLU B 291 -25.43 2.59 -27.14
N GLU B 292 -24.34 3.21 -26.66
CA GLU B 292 -23.81 4.43 -27.27
C GLU B 292 -22.40 4.30 -27.86
N GLY B 293 -21.68 3.24 -27.50
CA GLY B 293 -20.39 2.95 -28.09
C GLY B 293 -19.20 3.38 -27.25
N PRO B 294 -17.99 3.08 -27.75
CA PRO B 294 -16.76 3.30 -26.97
C PRO B 294 -16.46 4.76 -26.66
N GLN B 295 -16.68 5.67 -27.61
CA GLN B 295 -16.35 7.07 -27.33
C GLN B 295 -17.22 7.62 -26.20
N ALA B 296 -18.52 7.33 -26.25
CA ALA B 296 -19.43 7.75 -25.19
C ALA B 296 -19.04 7.12 -23.87
N ALA B 297 -18.66 5.84 -23.89
CA ALA B 297 -18.26 5.19 -22.66
C ALA B 297 -17.02 5.87 -22.06
N ARG B 298 -16.05 6.25 -22.91
CA ARG B 298 -14.86 6.96 -22.45
C ARG B 298 -15.23 8.24 -21.73
N GLU B 299 -16.15 8.98 -22.33
CA GLU B 299 -16.53 10.26 -21.78
C GLU B 299 -17.26 10.08 -20.46
N TRP B 300 -18.08 9.05 -20.39
CA TRP B 300 -18.74 8.69 -19.14
C TRP B 300 -17.70 8.40 -18.06
N LEU B 301 -16.73 7.58 -18.41
CA LEU B 301 -15.66 7.22 -17.47
C LEU B 301 -14.84 8.44 -17.04
N ARG B 302 -14.61 9.35 -17.98
CA ARG B 302 -13.80 10.54 -17.69
C ARG B 302 -14.51 11.53 -16.79
N THR B 303 -15.83 11.40 -16.67
CA THR B 303 -16.64 12.37 -15.92
C THR B 303 -17.30 11.70 -14.72
N GLU B 304 -18.32 10.89 -14.97
CA GLU B 304 -19.02 10.17 -13.91
C GLU B 304 -18.14 9.14 -13.21
N GLY B 305 -17.39 8.37 -14.01
CA GLY B 305 -16.47 7.38 -13.47
C GLY B 305 -15.45 8.03 -12.55
N PHE B 306 -14.83 9.11 -13.03
CA PHE B 306 -13.87 9.85 -12.23
C PHE B 306 -14.49 10.41 -10.92
N LYS B 307 -15.66 11.04 -11.02
CA LYS B 307 -16.32 11.54 -9.82
C LYS B 307 -16.51 10.40 -8.79
N ASN B 308 -16.93 9.21 -9.27
CA ASN B 308 -17.09 8.07 -8.36
C ASN B 308 -15.79 7.69 -7.65
N ILE B 309 -14.73 7.49 -8.42
CA ILE B 309 -13.50 7.02 -7.83
C ILE B 309 -12.83 8.11 -7.02
N ASP B 310 -13.00 9.36 -7.43
CA ASP B 310 -12.41 10.48 -6.69
C ASP B 310 -13.01 10.62 -5.29
N GLU B 311 -14.33 10.49 -5.20
CA GLU B 311 -15.03 10.54 -3.92
C GLU B 311 -14.50 9.46 -2.97
N LEU B 312 -14.34 8.24 -3.49
CA LEU B 312 -13.80 7.13 -2.71
C LEU B 312 -12.36 7.39 -2.28
N ASN B 313 -11.53 7.88 -3.20
CA ASN B 313 -10.14 8.16 -2.91
C ASN B 313 -9.99 9.19 -1.82
N LYS B 314 -10.83 10.21 -1.82
CA LYS B 314 -10.73 11.23 -0.78
C LYS B 314 -11.06 10.62 0.60
N VAL B 315 -12.05 9.74 0.64
CA VAL B 315 -12.42 9.12 1.91
C VAL B 315 -11.28 8.19 2.36
N LEU B 316 -10.71 7.45 1.42
CA LEU B 316 -9.58 6.58 1.70
C LEU B 316 -8.43 7.34 2.28
N ASP B 317 -8.20 8.54 1.74
CA ASP B 317 -7.09 9.37 2.14
C ASP B 317 -7.18 9.78 3.61
N LYS B 318 -8.38 9.80 4.17
CA LYS B 318 -8.53 10.20 5.56
C LYS B 318 -8.95 9.03 6.48
N THR B 319 -8.94 7.81 5.99
CA THR B 319 -9.35 6.65 6.81
C THR B 319 -8.33 5.49 6.83
N ALA B 320 -7.72 5.16 5.69
CA ALA B 320 -6.81 4.02 5.64
C ALA B 320 -5.50 4.27 6.35
N SER B 321 -4.89 3.19 6.85
CA SER B 321 -3.58 3.20 7.50
C SER B 321 -2.55 2.55 6.58
N PRO B 322 -1.29 2.95 6.69
CA PRO B 322 -0.30 2.41 5.75
C PRO B 322 0.21 1.03 6.14
N TRP B 323 0.37 0.11 5.19
CA TRP B 323 0.87 -1.23 5.54
C TRP B 323 2.36 -1.15 5.85
N THR B 324 3.01 -0.07 5.45
CA THR B 324 4.42 0.12 5.70
C THR B 324 4.72 0.43 7.16
N GLU B 325 3.73 0.92 7.89
CA GLU B 325 3.92 1.26 9.29
C GLU B 325 4.03 0.00 10.14
N LYS B 326 3.49 -1.10 9.63
CA LYS B 326 3.55 -2.40 10.31
C LYS B 326 4.99 -2.87 10.49
N THR C 2 -14.63 44.41 4.29
CA THR C 2 -14.31 43.01 3.98
C THR C 2 -15.58 42.24 3.68
N ILE C 3 -15.82 41.97 2.40
CA ILE C 3 -17.09 41.41 1.95
C ILE C 3 -16.91 40.27 0.94
N THR C 4 -16.65 39.07 1.46
CA THR C 4 -16.65 37.86 0.64
C THR C 4 -17.01 36.63 1.47
N LEU C 5 -17.91 35.81 0.95
CA LEU C 5 -18.04 34.44 1.41
C LEU C 5 -18.37 33.55 0.23
N THR C 6 -17.52 32.56 -0.01
CA THR C 6 -17.81 31.54 -0.99
C THR C 6 -19.03 30.75 -0.53
N GLU C 7 -19.66 30.02 -1.45
CA GLU C 7 -20.79 29.18 -1.13
C GLU C 7 -20.49 28.25 0.05
N ASN C 8 -19.35 27.57 0.00
CA ASN C 8 -19.03 26.64 1.09
C ASN C 8 -18.75 27.34 2.42
N LYS C 9 -18.00 28.45 2.40
CA LYS C 9 -17.71 29.16 3.64
C LYS C 9 -19.00 29.67 4.25
N ARG C 10 -19.95 30.08 3.41
CA ARG C 10 -21.20 30.57 3.94
C ARG C 10 -22.00 29.43 4.56
N LYS C 11 -22.04 28.28 3.88
CA LYS C 11 -22.76 27.13 4.41
C LYS C 11 -22.16 26.72 5.77
N SER C 12 -20.84 26.70 5.86
CA SER C 12 -20.16 26.41 7.12
C SER C 12 -20.47 27.44 8.23
N MET C 13 -20.46 28.72 7.90
CA MET C 13 -20.80 29.75 8.89
C MET C 13 -22.21 29.51 9.43
N GLU C 14 -23.13 29.17 8.53
CA GLU C 14 -24.50 28.90 8.90
C GLU C 14 -24.58 27.70 9.85
N LYS C 15 -23.78 26.68 9.58
CA LYS C 15 -23.74 25.50 10.45
C LYS C 15 -23.17 25.83 11.83
N LEU C 16 -22.42 26.92 11.92
CA LEU C 16 -21.82 27.35 13.19
C LEU C 16 -22.73 28.30 13.97
N SER C 17 -23.89 28.62 13.41
CA SER C 17 -24.73 29.70 13.93
C SER C 17 -26.20 29.34 14.02
N VAL C 18 -26.93 30.17 14.76
CA VAL C 18 -28.38 30.15 14.79
C VAL C 18 -28.87 31.56 14.51
N ASP C 19 -29.56 31.74 13.39
CA ASP C 19 -30.09 33.02 12.98
C ASP C 19 -29.02 34.10 12.97
N GLY C 20 -27.83 33.72 12.53
CA GLY C 20 -26.72 34.63 12.33
C GLY C 20 -25.95 34.95 13.60
N VAL C 21 -26.26 34.25 14.68
CA VAL C 21 -25.60 34.46 15.96
C VAL C 21 -24.83 33.21 16.32
N ILE C 22 -23.59 33.41 16.73
CA ILE C 22 -22.71 32.32 17.13
C ILE C 22 -22.80 32.15 18.64
N SER C 23 -23.29 31.01 19.08
CA SER C 23 -23.42 30.70 20.51
C SER C 23 -22.65 29.45 20.76
N ALA C 24 -21.33 29.58 20.70
CA ALA C 24 -20.47 28.42 20.60
C ALA C 24 -19.85 28.00 21.93
N LEU C 25 -19.78 26.69 22.12
CA LEU C 25 -19.32 26.11 23.37
C LEU C 25 -17.85 25.77 23.23
N ALA C 26 -17.06 26.19 24.21
CA ALA C 26 -15.61 26.04 24.08
C ALA C 26 -15.10 25.19 25.21
N PHE C 27 -13.93 24.58 25.03
N PHE C 27 -14.04 24.47 24.83
CA PHE C 27 -13.22 24.02 26.18
CA PHE C 27 -13.49 23.37 25.58
C PHE C 27 -12.00 24.87 26.52
C PHE C 27 -12.19 23.01 24.86
N ASP C 28 -11.42 24.67 27.70
N ASP C 28 -11.41 24.05 24.61
CA ASP C 28 -10.25 25.44 28.11
CA ASP C 28 -10.18 23.99 23.84
C ASP C 28 -8.98 24.59 28.06
C ASP C 28 -8.99 23.46 24.65
N GLN C 29 -8.06 24.96 27.16
N GLN C 29 -8.88 23.91 25.89
CA GLN C 29 -6.75 24.34 27.08
CA GLN C 29 -7.68 23.66 26.69
C GLN C 29 -6.84 22.82 26.91
C GLN C 29 -7.33 22.17 26.83
N ARG C 30 -5.72 22.14 27.18
N ARG C 30 -6.04 21.91 26.99
CA ARG C 30 -5.65 20.69 27.17
CA ARG C 30 -5.54 20.54 27.14
C ARG C 30 -5.01 20.18 28.46
C ARG C 30 -5.25 20.21 28.60
N GLY C 31 -4.53 21.11 29.28
CA GLY C 31 -3.98 20.80 30.59
C GLY C 31 -4.83 21.32 31.75
N ALA C 32 -5.58 22.38 31.50
CA ALA C 32 -6.35 23.04 32.54
C ALA C 32 -7.36 22.10 33.20
N LEU C 33 -7.88 21.15 32.43
CA LEU C 33 -8.93 20.28 32.93
C LEU C 33 -8.43 19.29 33.96
N LYS C 34 -7.16 18.91 33.85
CA LYS C 34 -6.58 17.94 34.78
C LYS C 34 -6.54 18.55 36.18
N ARG C 35 -6.30 19.85 36.24
CA ARG C 35 -6.13 20.54 37.49
C ARG C 35 -7.46 20.70 38.20
N MET C 36 -8.51 20.92 37.43
CA MET C 36 -9.85 20.97 37.99
C MET C 36 -10.21 19.60 38.52
N MET C 37 -9.60 18.57 37.92
CA MET C 37 -9.76 17.20 38.38
C MET C 37 -8.76 16.87 39.48
N ALA C 38 -7.58 17.50 39.40
CA ALA C 38 -6.48 17.20 40.33
C ALA C 38 -6.84 17.51 41.78
N GLN C 39 -7.96 18.19 41.99
CA GLN C 39 -8.45 18.51 43.32
C GLN C 39 -8.59 17.28 44.21
N HIS C 40 -8.89 16.13 43.58
CA HIS C 40 -9.20 14.91 44.31
C HIS C 40 -8.37 13.72 43.85
N GLN C 41 -8.61 12.57 44.48
CA GLN C 41 -7.79 11.38 44.27
C GLN C 41 -6.33 11.79 44.49
N THR C 42 -5.42 11.12 43.79
CA THR C 42 -4.07 11.62 43.63
C THR C 42 -3.56 11.32 42.23
N LYS C 43 -4.36 10.60 41.45
CA LYS C 43 -3.99 10.21 40.11
C LYS C 43 -3.97 11.42 39.19
N GLU C 44 -3.68 11.20 37.92
CA GLU C 44 -3.82 12.21 36.88
C GLU C 44 -4.71 11.67 35.77
N PRO C 45 -5.90 11.16 36.15
CA PRO C 45 -6.53 10.14 35.31
C PRO C 45 -7.64 10.64 34.39
N THR C 46 -7.55 10.50 33.06
CA THR C 46 -6.41 9.96 32.33
C THR C 46 -6.51 10.60 30.95
N VAL C 47 -5.88 9.98 29.96
CA VAL C 47 -6.25 10.24 28.58
C VAL C 47 -7.65 9.66 28.38
N GLU C 48 -7.94 8.54 29.05
CA GLU C 48 -9.22 7.85 28.90
C GLU C 48 -10.36 8.69 29.49
N GLN C 49 -10.06 9.45 30.52
CA GLN C 49 -11.10 10.16 31.27
C GLN C 49 -11.32 11.59 30.80
N ILE C 50 -10.24 12.26 30.39
CA ILE C 50 -10.36 13.60 29.86
C ILE C 50 -11.22 13.57 28.59
N GLU C 51 -10.97 12.57 27.75
CA GLU C 51 -11.78 12.38 26.54
C GLU C 51 -13.24 12.14 26.90
N GLU C 52 -13.49 11.61 28.09
CA GLU C 52 -14.83 11.23 28.50
C GLU C 52 -15.66 12.42 28.95
N LEU C 53 -15.14 13.18 29.90
CA LEU C 53 -15.85 14.34 30.39
C LEU C 53 -16.14 15.27 29.23
N LYS C 54 -15.16 15.40 28.34
CA LYS C 54 -15.35 16.17 27.13
C LYS C 54 -16.52 15.64 26.30
N SER C 55 -16.69 14.31 26.28
CA SER C 55 -17.76 13.71 25.52
C SER C 55 -19.10 13.91 26.22
N LEU C 56 -19.08 13.85 27.54
CA LEU C 56 -20.27 14.15 28.32
C LEU C 56 -20.73 15.59 28.12
N VAL C 57 -19.80 16.54 28.19
CA VAL C 57 -20.15 17.94 28.02
C VAL C 57 -20.60 18.19 26.59
N SER C 58 -19.94 17.54 25.64
CA SER C 58 -20.31 17.67 24.25
C SER C 58 -21.72 17.12 24.00
N GLU C 59 -21.97 15.91 24.46
CA GLU C 59 -23.22 15.24 24.16
C GLU C 59 -24.41 15.93 24.81
N GLU C 60 -24.23 16.38 26.05
CA GLU C 60 -25.33 16.95 26.83
C GLU C 60 -25.63 18.42 26.54
N LEU C 61 -24.63 19.21 26.18
CA LEU C 61 -24.82 20.65 26.03
C LEU C 61 -24.84 21.17 24.58
N THR C 62 -24.29 20.42 23.63
CA THR C 62 -24.27 20.91 22.25
C THR C 62 -25.68 21.04 21.65
N PRO C 63 -26.67 20.31 22.19
CA PRO C 63 -28.02 20.57 21.70
C PRO C 63 -28.52 22.00 21.92
N PHE C 64 -27.86 22.74 22.81
CA PHE C 64 -28.28 24.10 23.14
C PHE C 64 -27.29 25.16 22.67
N ALA C 65 -26.22 24.73 22.03
CA ALA C 65 -25.22 25.63 21.47
C ALA C 65 -25.26 25.59 19.94
N SER C 66 -24.81 26.65 19.28
CA SER C 66 -24.81 26.69 17.82
C SER C 66 -23.65 25.84 17.30
N SER C 67 -22.62 25.70 18.12
CA SER C 67 -21.46 24.94 17.72
C SER C 67 -20.58 24.64 18.91
N ILE C 68 -19.52 23.86 18.69
CA ILE C 68 -18.56 23.57 19.74
C ILE C 68 -17.15 23.65 19.21
N LEU C 69 -16.27 24.26 19.98
CA LEU C 69 -14.84 24.35 19.65
C LEU C 69 -14.05 23.30 20.42
N LEU C 70 -13.29 22.47 19.71
CA LEU C 70 -12.48 21.43 20.35
C LEU C 70 -11.03 21.43 19.89
N ASP C 71 -10.18 20.74 20.66
CA ASP C 71 -8.78 20.52 20.32
C ASP C 71 -8.62 19.20 19.58
N PRO C 72 -7.87 19.19 18.46
CA PRO C 72 -7.80 17.92 17.74
C PRO C 72 -7.05 16.84 18.50
N GLU C 73 -6.07 17.22 19.31
CA GLU C 73 -5.23 16.22 19.94
C GLU C 73 -5.97 15.35 20.95
N TYR C 74 -7.07 15.84 21.50
CA TYR C 74 -7.80 15.10 22.54
C TYR C 74 -9.33 15.21 22.42
N GLY C 75 -9.80 16.04 21.47
CA GLY C 75 -11.21 16.34 21.36
C GLY C 75 -12.00 15.62 20.27
N LEU C 76 -11.37 14.75 19.52
CA LEU C 76 -12.07 14.13 18.38
C LEU C 76 -13.17 13.17 18.83
N PRO C 77 -12.91 12.30 19.81
CA PRO C 77 -14.03 11.54 20.36
C PRO C 77 -15.22 12.43 20.77
N ALA C 78 -14.96 13.47 21.55
CA ALA C 78 -15.99 14.44 21.91
C ALA C 78 -16.68 15.05 20.68
N SER C 79 -15.92 15.31 19.61
CA SER C 79 -16.53 15.94 18.44
C SER C 79 -17.58 15.02 17.80
N ARG C 80 -17.37 13.71 17.90
CA ARG C 80 -18.24 12.74 17.23
C ARG C 80 -19.57 12.49 17.94
N VAL C 81 -19.69 12.92 19.19
CA VAL C 81 -20.92 12.77 19.93
C VAL C 81 -21.65 14.11 20.08
N ARG C 82 -21.26 15.13 19.30
CA ARG C 82 -21.96 16.41 19.40
C ARG C 82 -23.31 16.30 18.70
N SER C 83 -24.23 17.17 19.08
CA SER C 83 -25.54 17.22 18.44
C SER C 83 -25.44 17.41 16.91
N GLU C 84 -26.36 16.78 16.19
CA GLU C 84 -26.37 16.87 14.73
C GLU C 84 -26.67 18.28 14.24
N GLU C 85 -27.22 19.13 15.11
CA GLU C 85 -27.56 20.50 14.76
C GLU C 85 -26.50 21.50 15.20
N ALA C 86 -25.38 20.99 15.72
CA ALA C 86 -24.30 21.84 16.21
C ALA C 86 -23.06 21.71 15.33
N GLY C 87 -22.54 22.85 14.87
CA GLY C 87 -21.34 22.82 14.05
C GLY C 87 -20.09 22.61 14.88
N LEU C 88 -18.96 22.39 14.20
CA LEU C 88 -17.68 22.07 14.82
C LEU C 88 -16.55 22.99 14.39
N LEU C 89 -15.84 23.54 15.36
CA LEU C 89 -14.57 24.25 15.13
C LEU C 89 -13.46 23.44 15.75
N LEU C 90 -12.34 23.28 15.05
CA LEU C 90 -11.17 22.65 15.63
C LEU C 90 -10.00 23.65 15.74
N ALA C 91 -9.36 23.66 16.91
CA ALA C 91 -8.20 24.50 17.16
C ALA C 91 -6.99 23.98 16.40
N TYR C 92 -6.18 24.90 15.90
CA TYR C 92 -5.04 24.57 15.05
C TYR C 92 -3.71 24.91 15.74
N GLU C 93 -3.74 25.74 16.79
CA GLU C 93 -2.51 26.17 17.43
C GLU C 93 -2.06 25.25 18.55
N LYS C 94 -0.76 25.23 18.80
CA LYS C 94 -0.23 24.69 20.03
C LYS C 94 -0.58 25.66 21.17
N THR C 95 -0.93 25.10 22.32
CA THR C 95 -1.31 25.88 23.50
C THR C 95 -0.15 26.52 24.24
N GLY C 96 -0.42 27.66 24.84
CA GLY C 96 0.50 28.28 25.78
C GLY C 96 1.53 29.13 25.09
N TYR C 97 2.53 29.56 25.85
CA TYR C 97 3.63 30.33 25.33
C TYR C 97 4.82 30.19 26.26
N ASP C 98 6.00 30.60 25.78
CA ASP C 98 7.22 30.57 26.56
C ASP C 98 7.27 31.77 27.50
N ALA C 99 7.15 31.51 28.79
CA ALA C 99 7.09 32.58 29.79
C ALA C 99 8.44 33.27 29.94
N THR C 100 9.52 32.59 29.58
CA THR C 100 10.85 33.16 29.73
C THR C 100 11.15 34.24 28.70
N THR C 101 10.40 34.26 27.58
CA THR C 101 10.55 35.29 26.55
C THR C 101 9.25 36.07 26.35
N THR C 102 9.34 37.20 25.64
CA THR C 102 8.17 38.06 25.44
C THR C 102 7.53 37.93 24.05
N SER C 103 8.09 37.10 23.17
CA SER C 103 7.66 37.07 21.78
C SER C 103 6.33 36.33 21.54
N ARG C 104 6.02 35.33 22.37
CA ARG C 104 4.83 34.50 22.22
C ARG C 104 4.52 34.12 20.77
N LEU C 105 5.47 33.49 20.10
CA LEU C 105 5.30 33.18 18.69
C LEU C 105 4.30 32.05 18.44
N PRO C 106 3.49 32.18 17.38
CA PRO C 106 2.50 31.15 17.06
C PRO C 106 3.13 29.88 16.47
N ASP C 107 2.47 28.76 16.68
CA ASP C 107 3.00 27.49 16.18
C ASP C 107 1.84 26.51 16.02
N CYS C 108 1.65 26.04 14.80
CA CYS C 108 0.58 25.08 14.50
C CYS C 108 0.93 23.71 15.06
N LEU C 109 -0.09 22.93 15.40
CA LEU C 109 0.10 21.54 15.83
C LEU C 109 0.90 20.78 14.78
N ASP C 110 1.91 20.02 15.21
CA ASP C 110 2.87 19.41 14.30
C ASP C 110 2.29 18.49 13.20
N VAL C 111 1.26 17.71 13.50
CA VAL C 111 0.73 16.79 12.46
C VAL C 111 -0.63 17.23 11.95
N TRP C 112 -0.90 18.53 12.03
CA TRP C 112 -2.15 19.07 11.50
C TRP C 112 -1.91 20.07 10.36
N SER C 113 -2.96 20.26 9.57
CA SER C 113 -2.97 21.19 8.45
C SER C 113 -4.42 21.62 8.34
N ALA C 114 -4.71 22.72 7.66
CA ALA C 114 -6.12 23.09 7.44
C ALA C 114 -6.88 21.97 6.72
N LYS C 115 -6.20 21.31 5.78
CA LYS C 115 -6.78 20.20 5.04
C LYS C 115 -7.19 19.09 6.01
N ARG C 116 -6.30 18.70 6.93
CA ARG C 116 -6.61 17.67 7.91
C ARG C 116 -7.73 18.08 8.88
N ILE C 117 -7.78 19.36 9.22
CA ILE C 117 -8.86 19.85 10.06
C ILE C 117 -10.20 19.68 9.33
N LYS C 118 -10.23 19.98 8.05
CA LYS C 118 -11.45 19.82 7.28
C LYS C 118 -11.83 18.34 7.16
N GLU C 119 -10.83 17.49 6.93
CA GLU C 119 -11.06 16.05 6.80
C GLU C 119 -11.62 15.45 8.09
N ALA C 120 -11.29 16.06 9.24
CA ALA C 120 -11.78 15.63 10.54
C ALA C 120 -13.19 16.13 10.83
N GLY C 121 -13.80 16.80 9.86
CA GLY C 121 -15.21 17.17 9.96
C GLY C 121 -15.47 18.58 10.46
N ALA C 122 -14.43 19.39 10.58
CA ALA C 122 -14.64 20.75 11.10
C ALA C 122 -15.37 21.64 10.09
N GLU C 123 -16.11 22.63 10.60
CA GLU C 123 -16.70 23.68 9.78
C GLU C 123 -15.91 24.98 9.91
N ALA C 124 -14.89 24.98 10.75
CA ALA C 124 -13.99 26.13 10.87
C ALA C 124 -12.66 25.71 11.45
N VAL C 125 -11.62 26.42 11.01
CA VAL C 125 -10.28 26.38 11.60
C VAL C 125 -10.19 27.54 12.59
N LYS C 126 -9.82 27.24 13.84
CA LYS C 126 -9.62 28.28 14.85
C LYS C 126 -8.13 28.32 15.16
N PHE C 127 -7.57 29.52 15.23
CA PHE C 127 -6.17 29.68 15.59
C PHE C 127 -6.02 30.85 16.57
N LEU C 128 -5.29 30.62 17.66
N LEU C 128 -5.30 30.62 17.67
CA LEU C 128 -5.02 31.66 18.67
CA LEU C 128 -5.03 31.66 18.67
C LEU C 128 -3.67 32.32 18.44
C LEU C 128 -3.67 32.32 18.43
N LEU C 129 -3.70 33.64 18.32
CA LEU C 129 -2.48 34.44 18.21
C LEU C 129 -2.35 35.36 19.41
N TYR C 130 -1.17 35.39 20.04
CA TYR C 130 -0.87 36.43 21.05
C TYR C 130 -0.24 37.58 20.33
N TYR C 131 -0.79 38.78 20.55
CA TYR C 131 -0.31 39.95 19.82
C TYR C 131 -0.21 41.20 20.68
N ASP C 132 1.00 41.77 20.67
CA ASP C 132 1.26 43.08 21.24
C ASP C 132 1.56 44.08 20.12
N ILE C 133 0.56 44.88 19.77
CA ILE C 133 0.67 45.88 18.70
C ILE C 133 1.89 46.78 18.90
N ASP C 134 2.27 47.03 20.16
CA ASP C 134 3.39 47.90 20.47
C ASP C 134 4.70 47.15 20.61
N GLY C 135 4.70 45.86 20.30
CA GLY C 135 5.87 45.04 20.52
C GLY C 135 6.91 45.09 19.41
N ASP C 136 7.88 44.19 19.52
CA ASP C 136 9.00 44.13 18.61
C ASP C 136 8.52 43.96 17.16
N GLN C 137 8.97 44.85 16.28
CA GLN C 137 8.44 44.92 14.92
C GLN C 137 8.78 43.69 14.10
N ASP C 138 9.97 43.12 14.31
CA ASP C 138 10.34 41.89 13.61
C ASP C 138 9.52 40.71 14.11
N VAL C 139 9.29 40.64 15.43
CA VAL C 139 8.42 39.61 15.97
C VAL C 139 7.05 39.69 15.33
N ASN C 140 6.51 40.90 15.21
CA ASN C 140 5.17 41.05 14.67
C ASN C 140 5.11 40.77 13.15
N GLU C 141 6.21 41.03 12.45
CA GLU C 141 6.31 40.63 11.04
C GLU C 141 6.21 39.11 10.89
N GLN C 142 6.92 38.39 11.75
CA GLN C 142 6.87 36.94 11.74
C GLN C 142 5.45 36.47 12.02
N LYS C 143 4.79 37.14 12.95
CA LYS C 143 3.42 36.77 13.32
C LYS C 143 2.48 37.04 12.17
N LYS C 144 2.64 38.18 11.53
CA LYS C 144 1.79 38.50 10.38
C LYS C 144 1.99 37.51 9.24
N ALA C 145 3.24 37.17 8.95
CA ALA C 145 3.54 36.19 7.93
C ALA C 145 2.84 34.86 8.23
N TYR C 146 2.85 34.47 9.50
CA TYR C 146 2.30 33.20 9.91
C TYR C 146 0.79 33.13 9.67
N ILE C 147 0.09 34.20 10.01
CA ILE C 147 -1.35 34.27 9.85
C ILE C 147 -1.72 34.33 8.36
N GLU C 148 -0.91 35.02 7.56
CA GLU C 148 -1.11 35.01 6.11
C GLU C 148 -1.15 33.56 5.56
N ARG C 149 -0.23 32.72 6.00
CA ARG C 149 -0.16 31.32 5.56
C ARG C 149 -1.41 30.58 5.92
N ILE C 150 -1.88 30.77 7.15
CA ILE C 150 -3.06 30.04 7.61
C ILE C 150 -4.29 30.53 6.86
N GLY C 151 -4.41 31.85 6.71
CA GLY C 151 -5.53 32.42 5.96
C GLY C 151 -5.54 31.88 4.53
N SER C 152 -4.35 31.70 3.97
CA SER C 152 -4.23 31.14 2.62
C SER C 152 -4.67 29.67 2.59
N GLU C 153 -4.22 28.87 3.55
CA GLU C 153 -4.67 27.47 3.67
C GLU C 153 -6.19 27.36 3.71
N CYS C 154 -6.81 28.23 4.49
CA CYS C 154 -8.26 28.18 4.70
C CYS C 154 -9.00 28.64 3.47
N ARG C 155 -8.41 29.57 2.73
CA ARG C 155 -8.96 29.96 1.45
C ARG C 155 -8.94 28.74 0.51
N ALA C 156 -7.82 28.03 0.50
CA ALA C 156 -7.67 26.88 -0.43
C ALA C 156 -8.62 25.73 -0.07
N GLU C 157 -8.73 25.42 1.22
CA GLU C 157 -9.61 24.36 1.70
C GLU C 157 -11.08 24.80 1.82
N ASP C 158 -11.34 26.08 1.57
CA ASP C 158 -12.69 26.67 1.54
C ASP C 158 -13.39 26.41 2.87
N ILE C 159 -12.69 26.77 3.95
CA ILE C 159 -13.20 26.56 5.30
C ILE C 159 -13.00 27.85 6.11
N PRO C 160 -14.04 28.31 6.83
CA PRO C 160 -13.91 29.57 7.57
C PRO C 160 -12.71 29.61 8.53
N PHE C 161 -12.06 30.76 8.59
CA PHE C 161 -10.90 30.99 9.43
C PHE C 161 -11.31 31.86 10.62
N TYR C 162 -11.34 31.28 11.82
CA TYR C 162 -11.63 32.01 13.07
C TYR C 162 -10.30 32.33 13.73
N LEU C 163 -9.96 33.61 13.79
CA LEU C 163 -8.72 34.04 14.39
C LEU C 163 -9.05 34.61 15.75
N GLU C 164 -8.51 33.95 16.76
CA GLU C 164 -8.58 34.42 18.14
C GLU C 164 -7.35 35.28 18.42
N ILE C 165 -7.57 36.48 18.96
CA ILE C 165 -6.47 37.35 19.33
C ILE C 165 -6.53 37.57 20.83
N LEU C 166 -5.44 37.25 21.52
CA LEU C 166 -5.29 37.59 22.92
C LEU C 166 -4.18 38.61 23.00
N THR C 167 -4.47 39.75 23.63
CA THR C 167 -3.52 40.84 23.64
C THR C 167 -2.67 40.78 24.90
N TYR C 168 -1.51 41.39 24.83
CA TYR C 168 -0.63 41.49 25.97
C TYR C 168 0.35 42.62 25.73
N ASP C 169 1.19 42.86 26.72
CA ASP C 169 2.26 43.84 26.62
C ASP C 169 3.56 43.18 27.03
N GLU C 170 4.57 43.31 26.19
CA GLU C 170 5.88 42.71 26.43
C GLU C 170 6.43 43.09 27.80
N LYS C 171 6.08 44.27 28.29
CA LYS C 171 6.65 44.78 29.53
C LYS C 171 5.65 44.91 30.69
N ILE C 172 4.46 44.33 30.56
CA ILE C 172 3.51 44.31 31.66
C ILE C 172 3.21 42.86 32.02
N ALA C 173 3.69 42.42 33.18
CA ALA C 173 3.59 41.03 33.59
C ALA C 173 2.15 40.52 33.66
N ASP C 174 1.27 41.28 34.32
CA ASP C 174 -0.09 40.85 34.60
C ASP C 174 -1.12 41.61 33.76
N ASN C 175 -1.89 40.91 32.92
CA ASN C 175 -2.89 41.58 32.10
C ASN C 175 -4.18 41.84 32.88
N ALA C 176 -4.23 41.43 34.14
CA ALA C 176 -5.33 41.80 35.04
C ALA C 176 -5.02 43.09 35.80
N SER C 177 -3.81 43.62 35.65
CA SER C 177 -3.37 44.79 36.41
C SER C 177 -4.03 46.08 35.94
N PRO C 178 -4.12 47.08 36.83
CA PRO C 178 -4.59 48.41 36.40
C PRO C 178 -3.72 48.98 35.29
N GLU C 179 -2.43 48.68 35.33
CA GLU C 179 -1.51 49.15 34.31
C GLU C 179 -1.90 48.67 32.91
N PHE C 180 -2.30 47.41 32.79
CA PHE C 180 -2.66 46.89 31.48
C PHE C 180 -4.05 47.38 31.08
N ALA C 181 -4.92 47.56 32.06
CA ALA C 181 -6.28 48.04 31.80
C ALA C 181 -6.30 49.35 31.03
N LYS C 182 -5.39 50.26 31.37
CA LYS C 182 -5.34 51.58 30.75
C LYS C 182 -4.98 51.54 29.27
N VAL C 183 -4.35 50.45 28.84
CA VAL C 183 -3.95 50.31 27.43
C VAL C 183 -4.68 49.20 26.70
N LYS C 184 -5.59 48.51 27.37
CA LYS C 184 -6.25 47.37 26.75
C LYS C 184 -7.00 47.78 25.49
N ALA C 185 -7.74 48.88 25.54
CA ALA C 185 -8.51 49.31 24.37
C ALA C 185 -7.58 49.45 23.16
N HIS C 186 -6.45 50.11 23.37
CA HIS C 186 -5.44 50.28 22.34
C HIS C 186 -4.95 48.94 21.81
N LYS C 187 -4.60 48.01 22.69
CA LYS C 187 -4.08 46.71 22.26
C LYS C 187 -5.11 45.94 21.45
N VAL C 188 -6.33 45.85 21.99
CA VAL C 188 -7.39 45.07 21.37
C VAL C 188 -7.77 45.65 20.00
N ASN C 189 -8.10 46.93 19.97
CA ASN C 189 -8.66 47.56 18.79
C ASN C 189 -7.65 47.72 17.67
N GLU C 190 -6.40 48.04 17.98
CA GLU C 190 -5.41 48.17 16.93
C GLU C 190 -5.10 46.79 16.33
N ALA C 191 -5.11 45.74 17.16
CA ALA C 191 -4.88 44.40 16.63
C ALA C 191 -6.00 43.99 15.66
N MET C 192 -7.23 44.36 15.98
CA MET C 192 -8.36 44.06 15.10
C MET C 192 -8.19 44.79 13.76
N LYS C 193 -7.75 46.04 13.80
CA LYS C 193 -7.51 46.77 12.56
C LYS C 193 -6.47 46.04 11.69
N VAL C 194 -5.41 45.53 12.29
CA VAL C 194 -4.38 44.80 11.55
C VAL C 194 -4.97 43.56 10.88
N PHE C 195 -5.60 42.70 11.66
CA PHE C 195 -5.95 41.39 11.15
C PHE C 195 -7.32 41.38 10.43
N SER C 196 -7.94 42.55 10.32
CA SER C 196 -9.11 42.75 9.46
C SER C 196 -8.69 42.99 8.00
N LYS C 197 -7.40 43.28 7.79
CA LYS C 197 -6.89 43.49 6.43
C LYS C 197 -7.07 42.22 5.59
N GLU C 198 -7.44 42.42 4.33
CA GLU C 198 -7.79 41.32 3.43
C GLU C 198 -6.72 40.24 3.37
N ARG C 199 -5.46 40.65 3.44
CA ARG C 199 -4.36 39.72 3.22
C ARG C 199 -4.28 38.58 4.26
N PHE C 200 -4.93 38.72 5.41
CA PHE C 200 -4.84 37.67 6.43
C PHE C 200 -5.97 36.64 6.34
N GLY C 201 -6.98 36.90 5.51
CA GLY C 201 -7.97 35.90 5.17
C GLY C 201 -8.89 35.46 6.30
N VAL C 202 -9.07 36.33 7.30
CA VAL C 202 -9.89 36.01 8.45
C VAL C 202 -11.36 36.12 8.10
N ASP C 203 -12.16 35.12 8.50
CA ASP C 203 -13.62 35.23 8.38
C ASP C 203 -14.36 35.73 9.64
N VAL C 204 -13.87 35.33 10.81
CA VAL C 204 -14.45 35.79 12.08
C VAL C 204 -13.32 36.06 13.06
N LEU C 205 -13.39 37.21 13.72
CA LEU C 205 -12.45 37.55 14.79
C LEU C 205 -13.03 37.16 16.14
N LYS C 206 -12.27 36.38 16.90
CA LYS C 206 -12.61 36.06 18.28
C LYS C 206 -11.75 36.93 19.18
N VAL C 207 -12.36 37.84 19.92
CA VAL C 207 -11.59 38.87 20.60
C VAL C 207 -12.09 39.17 22.00
N GLU C 208 -11.21 39.80 22.77
CA GLU C 208 -11.56 40.31 24.10
C GLU C 208 -12.46 41.54 23.98
N VAL C 209 -13.28 41.78 25.00
CA VAL C 209 -13.93 43.07 25.12
C VAL C 209 -12.79 44.08 25.33
N PRO C 210 -12.94 45.31 24.78
CA PRO C 210 -11.85 46.30 24.75
C PRO C 210 -11.65 47.07 26.06
N VAL C 211 -12.13 46.50 27.16
CA VAL C 211 -11.99 47.15 28.46
C VAL C 211 -12.05 46.06 29.52
N ASN C 212 -11.31 46.27 30.60
CA ASN C 212 -11.45 45.42 31.78
C ASN C 212 -12.59 45.99 32.61
N MET C 213 -13.75 45.35 32.52
CA MET C 213 -14.94 45.87 33.15
C MET C 213 -14.80 45.98 34.67
N LYS C 214 -13.85 45.24 35.25
CA LYS C 214 -13.63 45.28 36.70
C LYS C 214 -13.13 46.64 37.18
N PHE C 215 -12.73 47.51 36.26
CA PHE C 215 -12.28 48.85 36.65
C PHE C 215 -13.25 49.93 36.17
N VAL C 216 -14.42 49.51 35.69
CA VAL C 216 -15.44 50.44 35.24
C VAL C 216 -16.47 50.75 36.35
N GLU C 217 -16.86 52.01 36.44
CA GLU C 217 -17.87 52.47 37.39
C GLU C 217 -19.16 51.64 37.31
N GLY C 218 -19.61 51.13 38.46
CA GLY C 218 -20.81 50.32 38.51
C GLY C 218 -20.53 48.83 38.41
N PHE C 219 -19.42 48.48 37.75
CA PHE C 219 -18.99 47.10 37.60
C PHE C 219 -17.80 46.77 38.48
N ALA C 220 -17.14 47.80 38.98
CA ALA C 220 -15.90 47.65 39.75
C ALA C 220 -16.15 47.37 41.23
N ASP C 221 -15.39 46.42 41.78
CA ASP C 221 -15.47 46.08 43.20
C ASP C 221 -14.46 46.91 43.99
N GLY C 222 -13.40 47.36 43.32
CA GLY C 222 -12.38 48.17 43.96
C GLY C 222 -12.14 49.51 43.29
N GLU C 223 -10.89 49.74 42.89
CA GLU C 223 -10.51 50.99 42.22
C GLU C 223 -11.28 51.20 40.93
N VAL C 224 -11.67 52.45 40.68
CA VAL C 224 -12.33 52.82 39.43
C VAL C 224 -11.40 53.60 38.53
N LEU C 225 -11.18 53.07 37.32
CA LEU C 225 -10.33 53.72 36.32
C LEU C 225 -11.16 54.41 35.23
N PHE C 226 -12.40 53.97 35.04
CA PHE C 226 -13.18 54.43 33.90
C PHE C 226 -14.64 54.70 34.23
N THR C 227 -15.20 55.76 33.64
CA THR C 227 -16.63 55.99 33.67
C THR C 227 -17.34 55.09 32.66
N LYS C 228 -18.64 54.95 32.84
CA LYS C 228 -19.42 54.18 31.89
C LYS C 228 -19.30 54.79 30.50
N GLU C 229 -19.19 56.11 30.43
CA GLU C 229 -19.10 56.77 29.14
C GLU C 229 -17.80 56.41 28.43
N GLU C 230 -16.69 56.34 29.18
CA GLU C 230 -15.39 56.02 28.61
C GLU C 230 -15.39 54.57 28.15
N ALA C 231 -15.94 53.70 28.98
CA ALA C 231 -16.03 52.28 28.63
C ALA C 231 -16.83 52.08 27.35
N ALA C 232 -17.96 52.78 27.25
CA ALA C 232 -18.80 52.73 26.06
C ALA C 232 -18.03 53.16 24.80
N GLN C 233 -17.17 54.16 24.95
CA GLN C 233 -16.39 54.66 23.82
C GLN C 233 -15.44 53.59 23.32
N ALA C 234 -14.91 52.78 24.23
CA ALA C 234 -14.02 51.69 23.85
C ALA C 234 -14.76 50.66 23.01
N PHE C 235 -16.01 50.36 23.38
CA PHE C 235 -16.84 49.47 22.56
C PHE C 235 -17.16 50.06 21.18
N ARG C 236 -17.50 51.34 21.09
CA ARG C 236 -17.74 51.93 19.78
C ARG C 236 -16.48 51.96 18.94
N ASP C 237 -15.34 52.23 19.57
CA ASP C 237 -14.08 52.21 18.85
C ASP C 237 -13.80 50.81 18.31
N GLN C 238 -14.14 49.79 19.10
CA GLN C 238 -13.96 48.41 18.68
C GLN C 238 -14.84 48.07 17.48
N GLU C 239 -16.10 48.48 17.55
CA GLU C 239 -17.03 48.32 16.43
C GLU C 239 -16.45 48.97 15.16
N ALA C 240 -15.78 50.11 15.31
CA ALA C 240 -15.23 50.82 14.16
C ALA C 240 -13.91 50.21 13.67
N SER C 241 -13.39 49.23 14.39
CA SER C 241 -12.06 48.69 14.07
C SER C 241 -12.08 47.52 13.10
N THR C 242 -13.26 46.98 12.80
CA THR C 242 -13.38 45.91 11.81
C THR C 242 -14.76 45.95 11.16
N ASP C 243 -14.85 45.43 9.94
CA ASP C 243 -16.13 45.18 9.30
C ASP C 243 -16.41 43.67 9.27
N LEU C 244 -15.50 42.89 9.84
CA LEU C 244 -15.68 41.44 9.91
C LEU C 244 -16.65 41.04 11.00
N PRO C 245 -17.28 39.87 10.86
CA PRO C 245 -17.99 39.42 12.06
C PRO C 245 -17.01 39.26 13.22
N TYR C 246 -17.44 39.54 14.45
CA TYR C 246 -16.60 39.23 15.60
C TYR C 246 -17.42 38.77 16.77
N ILE C 247 -16.81 37.90 17.56
CA ILE C 247 -17.45 37.29 18.72
C ILE C 247 -16.55 37.50 19.92
N TYR C 248 -17.15 37.53 21.09
CA TYR C 248 -16.39 37.77 22.32
C TYR C 248 -15.99 36.49 23.04
N LEU C 249 -14.77 36.48 23.55
CA LEU C 249 -14.36 35.44 24.49
C LEU C 249 -14.51 35.95 25.90
N SER C 250 -14.76 35.05 26.84
CA SER C 250 -14.84 35.42 28.25
C SER C 250 -13.49 35.19 28.93
N ALA C 251 -12.99 36.21 29.64
CA ALA C 251 -11.67 36.12 30.24
C ALA C 251 -11.61 36.93 31.53
N GLY C 252 -11.38 36.23 32.63
CA GLY C 252 -11.15 36.85 33.91
C GLY C 252 -12.40 37.35 34.61
N VAL C 253 -13.57 37.13 34.02
CA VAL C 253 -14.83 37.53 34.64
C VAL C 253 -15.79 36.36 34.87
N SER C 254 -16.75 36.57 35.77
CA SER C 254 -17.77 35.59 36.11
C SER C 254 -18.85 35.52 35.04
N ALA C 255 -19.68 34.48 35.10
CA ALA C 255 -20.75 34.33 34.14
C ALA C 255 -21.67 35.56 34.17
N LYS C 256 -21.95 36.04 35.39
CA LYS C 256 -22.81 37.20 35.60
C LYS C 256 -22.21 38.49 35.04
N LEU C 257 -20.94 38.74 35.30
CA LEU C 257 -20.31 39.94 34.78
C LEU C 257 -20.15 39.87 33.24
N PHE C 258 -19.91 38.67 32.71
CA PHE C 258 -19.82 38.52 31.26
C PHE C 258 -21.15 38.89 30.64
N GLN C 259 -22.22 38.40 31.26
CA GLN C 259 -23.56 38.66 30.74
C GLN C 259 -23.91 40.15 30.88
N ASP C 260 -23.56 40.77 31.99
CA ASP C 260 -23.74 42.21 32.14
C ASP C 260 -22.90 42.99 31.10
N THR C 261 -21.73 42.45 30.76
CA THR C 261 -20.87 43.09 29.75
C THR C 261 -21.49 43.03 28.35
N LEU C 262 -22.14 41.92 28.04
CA LEU C 262 -22.80 41.80 26.75
C LEU C 262 -23.93 42.83 26.63
N VAL C 263 -24.68 43.01 27.72
CA VAL C 263 -25.75 44.01 27.76
C VAL C 263 -25.17 45.39 27.56
N PHE C 264 -24.03 45.63 28.17
CA PHE C 264 -23.41 46.95 28.13
C PHE C 264 -22.81 47.20 26.75
N ALA C 265 -22.26 46.14 26.16
CA ALA C 265 -21.71 46.21 24.80
C ALA C 265 -22.80 46.64 23.82
N ALA C 266 -23.95 45.98 23.91
CA ALA C 266 -25.06 46.26 23.01
C ALA C 266 -25.53 47.71 23.20
N GLU C 267 -25.74 48.09 24.45
CA GLU C 267 -26.17 49.43 24.79
C GLU C 267 -25.23 50.50 24.21
N SER C 268 -23.94 50.21 24.22
CA SER C 268 -22.92 51.17 23.78
C SER C 268 -22.82 51.30 22.26
N GLY C 269 -23.31 50.30 21.54
CA GLY C 269 -23.34 50.33 20.08
C GLY C 269 -22.47 49.28 19.42
N ALA C 270 -22.05 48.26 20.17
CA ALA C 270 -21.25 47.17 19.61
C ALA C 270 -22.16 46.23 18.85
N LYS C 271 -21.74 45.84 17.66
CA LYS C 271 -22.51 44.89 16.86
C LYS C 271 -21.77 43.55 16.84
N PHE C 272 -21.57 42.98 18.03
CA PHE C 272 -20.90 41.68 18.14
C PHE C 272 -21.88 40.60 17.70
N ASN C 273 -21.34 39.51 17.19
CA ASN C 273 -22.18 38.51 16.52
C ASN C 273 -22.22 37.20 17.25
N GLY C 274 -21.84 37.24 18.52
CA GLY C 274 -21.89 36.04 19.33
C GLY C 274 -20.76 35.96 20.31
N VAL C 275 -20.63 34.78 20.90
CA VAL C 275 -19.64 34.54 21.93
C VAL C 275 -19.14 33.13 21.79
N LEU C 276 -17.97 32.91 22.36
CA LEU C 276 -17.38 31.59 22.36
C LEU C 276 -16.81 31.34 23.73
N CYS C 277 -17.67 30.84 24.60
CA CYS C 277 -17.30 30.59 25.98
C CYS C 277 -17.85 29.25 26.42
N GLY C 278 -17.24 28.69 27.46
CA GLY C 278 -17.63 27.39 27.93
C GLY C 278 -17.37 27.16 29.40
N ARG C 279 -16.19 27.55 29.88
CA ARG C 279 -15.74 27.13 31.19
C ARG C 279 -16.79 27.39 32.25
N ALA C 280 -17.34 28.60 32.28
CA ALA C 280 -18.38 28.94 33.24
C ALA C 280 -19.57 28.00 33.09
N THR C 281 -19.86 27.59 31.86
CA THR C 281 -21.04 26.78 31.58
C THR C 281 -20.90 25.36 32.13
N TRP C 282 -19.72 24.76 32.03
CA TRP C 282 -19.55 23.35 32.39
C TRP C 282 -18.66 23.09 33.62
N ALA C 283 -18.03 24.12 34.16
CA ALA C 283 -17.00 23.92 35.18
C ALA C 283 -17.49 23.11 36.37
N GLY C 284 -18.76 23.29 36.74
CA GLY C 284 -19.29 22.63 37.91
C GLY C 284 -19.50 21.14 37.71
N SER C 285 -19.58 20.70 36.46
CA SER C 285 -19.80 19.29 36.16
C SER C 285 -18.59 18.45 36.56
N VAL C 286 -17.45 19.10 36.73
CA VAL C 286 -16.18 18.40 36.93
C VAL C 286 -16.07 17.77 38.31
N LYS C 287 -16.41 18.51 39.34
CA LYS C 287 -16.37 17.98 40.69
C LYS C 287 -17.43 16.90 40.83
N VAL C 288 -18.63 17.17 40.33
CA VAL C 288 -19.74 16.23 40.43
C VAL C 288 -19.39 14.94 39.73
N TYR C 289 -18.60 15.05 38.67
CA TYR C 289 -18.16 13.89 37.90
C TYR C 289 -17.34 12.94 38.75
N ILE C 290 -16.65 13.47 39.74
CA ILE C 290 -15.72 12.67 40.53
C ILE C 290 -16.31 12.30 41.89
N GLU C 291 -17.34 13.03 42.32
CA GLU C 291 -17.96 12.78 43.61
C GLU C 291 -19.19 11.88 43.49
N GLU C 292 -19.73 11.74 42.28
CA GLU C 292 -20.92 10.91 42.05
C GLU C 292 -20.81 10.08 40.76
N GLY C 293 -19.71 10.24 40.03
CA GLY C 293 -19.46 9.46 38.83
C GLY C 293 -19.99 10.05 37.54
N PRO C 294 -19.75 9.36 36.41
CA PRO C 294 -20.15 9.80 35.06
C PRO C 294 -21.65 10.05 34.89
N GLN C 295 -22.49 9.20 35.47
CA GLN C 295 -23.94 9.35 35.34
C GLN C 295 -24.44 10.61 36.03
N ALA C 296 -23.75 11.01 37.10
CA ALA C 296 -24.17 12.16 37.88
C ALA C 296 -23.73 13.44 37.22
N ALA C 297 -22.55 13.42 36.62
CA ALA C 297 -22.08 14.57 35.84
C ALA C 297 -23.08 14.80 34.72
N ARG C 298 -23.56 13.71 34.14
CA ARG C 298 -24.60 13.78 33.12
C ARG C 298 -25.81 14.51 33.65
N GLU C 299 -26.19 14.16 34.87
CA GLU C 299 -27.34 14.77 35.52
C GLU C 299 -27.09 16.25 35.81
N TRP C 300 -25.87 16.57 36.21
CA TRP C 300 -25.49 17.96 36.44
C TRP C 300 -25.66 18.74 35.15
N LEU C 301 -25.16 18.19 34.06
CA LEU C 301 -25.16 18.87 32.78
C LEU C 301 -26.57 19.10 32.26
N ARG C 302 -27.43 18.11 32.43
CA ARG C 302 -28.81 18.20 31.95
C ARG C 302 -29.62 19.25 32.71
N THR C 303 -29.21 19.55 33.92
CA THR C 303 -29.96 20.48 34.77
C THR C 303 -29.22 21.79 34.97
N GLU C 304 -28.16 21.77 35.76
CA GLU C 304 -27.36 22.97 36.00
C GLU C 304 -26.70 23.45 34.72
N GLY C 305 -26.05 22.53 34.01
CA GLY C 305 -25.35 22.88 32.78
C GLY C 305 -26.30 23.59 31.84
N PHE C 306 -27.47 23.00 31.66
CA PHE C 306 -28.49 23.58 30.78
C PHE C 306 -28.91 24.96 31.25
N LYS C 307 -29.13 25.09 32.55
CA LYS C 307 -29.57 26.37 33.09
C LYS C 307 -28.54 27.44 32.75
N ASN C 308 -27.25 27.11 32.90
CA ASN C 308 -26.17 28.05 32.56
C ASN C 308 -26.22 28.53 31.11
N ILE C 309 -26.24 27.59 30.17
CA ILE C 309 -26.18 27.96 28.77
C ILE C 309 -27.51 28.61 28.37
N ASP C 310 -28.60 28.21 28.99
CA ASP C 310 -29.89 28.81 28.66
C ASP C 310 -29.93 30.26 29.10
N GLU C 311 -29.38 30.54 30.28
CA GLU C 311 -29.29 31.91 30.78
C GLU C 311 -28.50 32.76 29.81
N LEU C 312 -27.38 32.23 29.35
CA LEU C 312 -26.52 32.96 28.44
C LEU C 312 -27.24 33.22 27.12
N ASN C 313 -27.91 32.21 26.60
CA ASN C 313 -28.61 32.36 25.32
C ASN C 313 -29.70 33.43 25.39
N LYS C 314 -30.37 33.52 26.53
CA LYS C 314 -31.41 34.53 26.68
C LYS C 314 -30.78 35.91 26.63
N VAL C 315 -29.55 36.02 27.12
CA VAL C 315 -28.87 37.30 27.10
C VAL C 315 -28.41 37.59 25.67
N LEU C 316 -27.88 36.56 25.01
CA LEU C 316 -27.43 36.72 23.64
C LEU C 316 -28.57 37.17 22.74
N ASP C 317 -29.76 36.65 23.03
CA ASP C 317 -30.96 36.97 22.26
C ASP C 317 -31.32 38.44 22.31
N LYS C 318 -30.83 39.15 23.33
CA LYS C 318 -31.18 40.55 23.51
C LYS C 318 -30.04 41.50 23.15
N THR C 319 -28.86 40.95 22.90
CA THR C 319 -27.64 41.77 22.79
C THR C 319 -26.84 41.54 21.51
N ALA C 320 -26.77 40.31 21.04
CA ALA C 320 -25.99 39.98 19.83
C ALA C 320 -26.69 40.44 18.55
N SER C 321 -25.89 40.70 17.52
CA SER C 321 -26.39 41.10 16.20
C SER C 321 -26.03 40.02 15.18
N PRO C 322 -26.89 39.79 14.19
CA PRO C 322 -26.58 38.71 13.22
C PRO C 322 -25.41 39.06 12.29
N TRP C 323 -24.49 38.12 12.05
CA TRP C 323 -23.34 38.39 11.18
C TRP C 323 -23.79 38.52 9.73
N THR C 324 -25.00 38.07 9.43
CA THR C 324 -25.53 38.22 8.09
C THR C 324 -25.66 39.70 7.70
N GLU C 325 -25.86 40.55 8.71
CA GLU C 325 -25.96 41.99 8.49
C GLU C 325 -24.61 42.61 8.08
N LYS C 326 -23.52 41.87 8.26
CA LYS C 326 -22.20 42.36 7.83
C LYS C 326 -21.80 41.85 6.44
N MET C 327 -22.72 41.15 5.78
CA MET C 327 -22.45 40.56 4.48
C MET C 327 -22.98 41.42 3.34
N THR D 2 18.36 -29.10 -16.72
CA THR D 2 19.45 -29.07 -15.75
C THR D 2 18.90 -29.01 -14.32
N ILE D 3 19.23 -30.02 -13.53
CA ILE D 3 18.66 -30.12 -12.18
C ILE D 3 19.14 -28.98 -11.29
N THR D 4 18.22 -28.47 -10.47
CA THR D 4 18.52 -27.36 -9.56
C THR D 4 18.37 -27.83 -8.12
N LEU D 5 19.49 -27.92 -7.40
CA LEU D 5 19.47 -28.38 -6.02
C LEU D 5 19.59 -27.25 -5.02
N THR D 6 19.32 -27.60 -3.77
CA THR D 6 19.56 -26.77 -2.61
C THR D 6 20.21 -27.66 -1.56
N GLU D 7 20.67 -27.09 -0.45
CA GLU D 7 21.22 -27.89 0.63
C GLU D 7 20.27 -29.02 1.05
N ASN D 8 19.01 -28.70 1.31
N ASN D 8 19.01 -28.69 1.30
CA ASN D 8 18.07 -29.69 1.83
CA ASN D 8 18.05 -29.65 1.83
C ASN D 8 17.60 -30.68 0.77
C ASN D 8 17.60 -30.66 0.78
N LYS D 9 17.39 -30.20 -0.45
CA LYS D 9 16.98 -31.09 -1.51
C LYS D 9 18.09 -32.09 -1.82
N ARG D 10 19.35 -31.67 -1.69
CA ARG D 10 20.45 -32.62 -1.85
C ARG D 10 20.40 -33.69 -0.75
N LYS D 11 20.23 -33.25 0.49
CA LYS D 11 20.12 -34.17 1.62
C LYS D 11 19.00 -35.17 1.42
N SER D 12 17.88 -34.69 0.87
CA SER D 12 16.76 -35.58 0.59
C SER D 12 17.11 -36.59 -0.50
N MET D 13 17.72 -36.13 -1.59
CA MET D 13 18.16 -37.03 -2.67
C MET D 13 19.10 -38.11 -2.14
N GLU D 14 20.02 -37.74 -1.25
CA GLU D 14 20.94 -38.70 -0.65
C GLU D 14 20.19 -39.74 0.20
N LYS D 15 19.13 -39.31 0.89
CA LYS D 15 18.33 -40.23 1.70
C LYS D 15 17.51 -41.19 0.84
N LEU D 16 17.34 -40.84 -0.43
CA LEU D 16 16.51 -41.62 -1.33
C LEU D 16 17.34 -42.60 -2.17
N SER D 17 18.66 -42.54 -2.02
CA SER D 17 19.54 -43.35 -2.86
C SER D 17 20.71 -43.92 -2.09
N VAL D 18 21.41 -44.84 -2.73
CA VAL D 18 22.62 -45.45 -2.20
C VAL D 18 23.70 -45.31 -3.24
N ASP D 19 24.78 -44.61 -2.90
CA ASP D 19 25.88 -44.40 -3.85
C ASP D 19 25.35 -43.78 -5.13
N GLY D 20 24.35 -42.92 -5.01
CA GLY D 20 23.83 -42.21 -6.17
C GLY D 20 22.83 -42.99 -7.01
N VAL D 21 22.54 -44.22 -6.61
CA VAL D 21 21.58 -45.04 -7.32
C VAL D 21 20.30 -45.16 -6.51
N ILE D 22 19.18 -44.93 -7.17
CA ILE D 22 17.87 -45.05 -6.56
C ILE D 22 17.32 -46.47 -6.76
N SER D 23 17.04 -47.16 -5.66
CA SER D 23 16.42 -48.49 -5.71
C SER D 23 15.20 -48.47 -4.85
N ALA D 24 14.09 -48.02 -5.41
CA ALA D 24 12.91 -47.69 -4.64
C ALA D 24 11.79 -48.72 -4.77
N LEU D 25 11.24 -49.10 -3.63
CA LEU D 25 10.21 -50.12 -3.54
C LEU D 25 8.85 -49.45 -3.62
N ALA D 26 7.85 -50.12 -4.21
N ALA D 26 7.87 -50.14 -4.21
CA ALA D 26 6.52 -49.52 -4.32
CA ALA D 26 6.62 -49.48 -4.52
C ALA D 26 5.40 -50.55 -4.46
C ALA D 26 5.39 -50.38 -4.50
N PHE D 27 4.16 -50.14 -4.21
N PHE D 27 4.42 -49.98 -3.71
CA PHE D 27 2.98 -50.95 -4.51
CA PHE D 27 3.04 -50.13 -4.16
C PHE D 27 2.28 -50.46 -5.77
C PHE D 27 2.61 -48.68 -4.39
N ASP D 28 1.23 -51.15 -6.19
N ASP D 28 1.95 -48.07 -3.40
CA ASP D 28 0.42 -50.70 -7.31
CA ASP D 28 1.26 -46.78 -3.58
C ASP D 28 -0.66 -49.76 -6.81
C ASP D 28 0.00 -46.98 -4.46
N GLN D 29 -1.42 -49.20 -7.74
N GLN D 29 -0.30 -48.21 -4.83
CA GLN D 29 -2.45 -48.22 -7.42
CA GLN D 29 -1.49 -48.49 -5.63
C GLN D 29 -3.43 -48.82 -6.42
C GLN D 29 -2.71 -48.65 -4.72
N ARG D 30 -4.01 -47.95 -5.60
N ARG D 30 -3.86 -48.16 -5.19
CA ARG D 30 -4.97 -48.35 -4.59
CA ARG D 30 -5.12 -48.27 -4.47
C ARG D 30 -6.12 -49.13 -5.24
C ARG D 30 -6.12 -49.13 -5.24
N GLY D 31 -6.37 -50.33 -4.74
CA GLY D 31 -7.38 -51.21 -5.31
C GLY D 31 -6.80 -52.40 -6.04
N ALA D 32 -5.62 -52.22 -6.62
CA ALA D 32 -4.92 -53.30 -7.31
C ALA D 32 -4.60 -54.44 -6.36
N LEU D 33 -4.20 -54.12 -5.14
CA LEU D 33 -3.83 -55.13 -4.15
C LEU D 33 -5.05 -55.86 -3.61
N LYS D 34 -6.18 -55.17 -3.54
CA LYS D 34 -7.39 -55.81 -3.08
C LYS D 34 -7.81 -56.90 -4.05
N ARG D 35 -7.64 -56.63 -5.34
CA ARG D 35 -7.98 -57.60 -6.38
C ARG D 35 -7.14 -58.86 -6.21
N MET D 36 -5.86 -58.68 -5.90
CA MET D 36 -4.97 -59.82 -5.67
C MET D 36 -5.47 -60.68 -4.51
N MET D 37 -5.87 -60.03 -3.42
CA MET D 37 -6.31 -60.76 -2.22
C MET D 37 -7.66 -61.45 -2.44
N ALA D 38 -8.49 -60.85 -3.27
CA ALA D 38 -9.82 -61.39 -3.54
C ALA D 38 -9.73 -62.76 -4.22
N GLN D 39 -8.61 -63.03 -4.86
CA GLN D 39 -8.44 -64.28 -5.59
C GLN D 39 -8.30 -65.49 -4.68
N HIS D 40 -7.82 -65.24 -3.45
CA HIS D 40 -7.36 -66.32 -2.58
C HIS D 40 -8.27 -66.52 -1.36
N GLN D 41 -9.42 -65.86 -1.35
CA GLN D 41 -10.39 -66.05 -0.27
C GLN D 41 -11.80 -65.69 -0.73
N THR D 42 -12.78 -66.46 -0.28
CA THR D 42 -14.17 -66.22 -0.63
C THR D 42 -14.67 -64.96 0.06
N LYS D 43 -14.23 -64.75 1.30
CA LYS D 43 -14.59 -63.54 2.04
C LYS D 43 -13.99 -62.32 1.36
N GLU D 44 -14.57 -61.15 1.60
CA GLU D 44 -14.06 -59.92 0.98
C GLU D 44 -12.82 -59.42 1.71
N PRO D 45 -11.76 -59.04 0.96
CA PRO D 45 -10.59 -58.43 1.60
C PRO D 45 -10.93 -57.11 2.30
N THR D 46 -10.44 -56.93 3.53
CA THR D 46 -10.75 -55.74 4.32
C THR D 46 -9.60 -54.75 4.35
N VAL D 47 -9.86 -53.56 4.88
CA VAL D 47 -8.87 -52.51 4.91
C VAL D 47 -7.75 -52.84 5.90
N GLU D 48 -8.11 -53.48 7.00
CA GLU D 48 -7.13 -53.86 8.00
C GLU D 48 -6.16 -54.84 7.39
N GLN D 49 -6.67 -55.68 6.49
CA GLN D 49 -5.85 -56.68 5.81
C GLN D 49 -4.90 -56.00 4.84
N ILE D 50 -5.38 -54.95 4.17
CA ILE D 50 -4.55 -54.22 3.23
C ILE D 50 -3.38 -53.57 3.96
N GLU D 51 -3.70 -52.73 4.95
CA GLU D 51 -2.67 -51.98 5.66
C GLU D 51 -1.63 -52.89 6.31
N GLU D 52 -2.04 -54.07 6.75
CA GLU D 52 -1.13 -55.00 7.41
C GLU D 52 -0.06 -55.50 6.45
N LEU D 53 -0.49 -56.20 5.39
CA LEU D 53 0.43 -56.66 4.36
C LEU D 53 1.33 -55.54 3.88
N LYS D 54 0.75 -54.36 3.72
CA LYS D 54 1.50 -53.18 3.29
C LYS D 54 2.64 -52.86 4.25
N SER D 55 2.39 -53.03 5.55
CA SER D 55 3.40 -52.74 6.57
C SER D 55 4.40 -53.89 6.70
N LEU D 56 3.93 -55.11 6.44
CA LEU D 56 4.84 -56.26 6.39
C LEU D 56 5.90 -56.09 5.28
N VAL D 57 5.47 -55.71 4.08
CA VAL D 57 6.39 -55.51 2.97
C VAL D 57 7.36 -54.38 3.28
N SER D 58 6.84 -53.29 3.80
CA SER D 58 7.68 -52.15 4.17
C SER D 58 8.73 -52.56 5.19
N GLU D 59 8.28 -53.19 6.27
CA GLU D 59 9.17 -53.56 7.35
C GLU D 59 10.24 -54.56 6.88
N GLU D 60 9.85 -55.55 6.10
CA GLU D 60 10.78 -56.63 5.76
C GLU D 60 11.68 -56.34 4.56
N LEU D 61 11.24 -55.50 3.62
CA LEU D 61 12.01 -55.26 2.40
C LEU D 61 12.76 -53.93 2.31
N THR D 62 12.33 -52.89 3.04
CA THR D 62 13.01 -51.59 2.92
C THR D 62 14.46 -51.61 3.45
N PRO D 63 14.83 -52.59 4.30
CA PRO D 63 16.26 -52.69 4.63
C PRO D 63 17.14 -52.93 3.42
N PHE D 64 16.53 -53.40 2.33
CA PHE D 64 17.30 -53.73 1.13
C PHE D 64 17.02 -52.79 -0.03
N ALA D 65 16.28 -51.71 0.25
CA ALA D 65 15.94 -50.73 -0.76
C ALA D 65 16.42 -49.36 -0.31
N SER D 66 16.69 -48.47 -1.25
CA SER D 66 17.18 -47.13 -0.90
C SER D 66 16.04 -46.23 -0.42
N SER D 67 14.82 -46.57 -0.82
CA SER D 67 13.67 -45.78 -0.46
C SER D 67 12.41 -46.58 -0.76
N ILE D 68 11.28 -46.06 -0.27
CA ILE D 68 9.99 -46.64 -0.60
C ILE D 68 9.00 -45.54 -1.01
N LEU D 69 8.20 -45.86 -2.04
CA LEU D 69 7.15 -44.96 -2.52
C LEU D 69 5.82 -45.45 -2.00
N LEU D 70 5.08 -44.56 -1.35
CA LEU D 70 3.76 -44.90 -0.81
C LEU D 70 2.71 -43.85 -1.17
N ASP D 71 1.46 -44.28 -1.09
CA ASP D 71 0.28 -43.43 -1.26
C ASP D 71 -0.11 -42.90 0.10
N PRO D 72 -0.23 -41.57 0.24
CA PRO D 72 -0.47 -41.08 1.59
C PRO D 72 -1.86 -41.40 2.10
N GLU D 73 -2.78 -41.69 1.21
CA GLU D 73 -4.16 -41.86 1.63
C GLU D 73 -4.34 -43.19 2.36
N TYR D 74 -3.44 -44.15 2.15
CA TYR D 74 -3.54 -45.45 2.82
C TYR D 74 -2.19 -46.01 3.28
N GLY D 75 -1.11 -45.26 3.07
CA GLY D 75 0.24 -45.78 3.22
C GLY D 75 1.06 -45.19 4.36
N LEU D 76 0.48 -44.35 5.17
CA LEU D 76 1.23 -43.69 6.22
C LEU D 76 1.66 -44.69 7.30
N PRO D 77 0.76 -45.60 7.73
CA PRO D 77 1.27 -46.62 8.65
C PRO D 77 2.49 -47.38 8.09
N ALA D 78 2.44 -47.77 6.82
CA ALA D 78 3.56 -48.48 6.22
C ALA D 78 4.82 -47.63 6.18
N SER D 79 4.65 -46.31 6.08
CA SER D 79 5.81 -45.41 6.01
C SER D 79 6.52 -45.36 7.35
N ARG D 80 5.76 -45.50 8.43
CA ARG D 80 6.33 -45.36 9.76
C ARG D 80 7.11 -46.58 10.22
N VAL D 81 6.96 -47.70 9.52
CA VAL D 81 7.68 -48.93 9.90
C VAL D 81 8.81 -49.24 8.92
N ARG D 82 9.09 -48.31 8.01
CA ARG D 82 10.17 -48.54 7.03
C ARG D 82 11.50 -48.48 7.75
N SER D 83 12.49 -49.14 7.17
CA SER D 83 13.85 -49.11 7.68
C SER D 83 14.35 -47.68 7.87
N GLU D 84 15.11 -47.45 8.92
CA GLU D 84 15.63 -46.12 9.18
C GLU D 84 16.63 -45.68 8.11
N GLU D 85 17.11 -46.64 7.31
CA GLU D 85 18.06 -46.36 6.25
C GLU D 85 17.37 -46.13 4.90
N ALA D 86 16.05 -46.22 4.87
CA ALA D 86 15.28 -46.05 3.63
C ALA D 86 14.55 -44.71 3.59
N GLY D 87 14.67 -44.01 2.48
CA GLY D 87 13.94 -42.77 2.28
C GLY D 87 12.48 -43.00 1.92
N LEU D 88 11.68 -41.94 2.01
CA LEU D 88 10.27 -41.99 1.67
C LEU D 88 9.88 -41.03 0.53
N LEU D 89 9.12 -41.55 -0.42
CA LEU D 89 8.42 -40.74 -1.44
C LEU D 89 6.95 -40.92 -1.23
N LEU D 90 6.18 -39.83 -1.26
CA LEU D 90 4.72 -39.93 -1.21
C LEU D 90 4.08 -39.46 -2.51
N ALA D 91 3.14 -40.27 -2.99
CA ALA D 91 2.41 -39.95 -4.20
C ALA D 91 1.42 -38.83 -3.94
N TYR D 92 1.23 -37.96 -4.92
CA TYR D 92 0.44 -36.74 -4.73
C TYR D 92 -0.79 -36.76 -5.65
N GLU D 93 -0.75 -37.61 -6.68
CA GLU D 93 -1.87 -37.69 -7.63
C GLU D 93 -3.01 -38.61 -7.18
N LYS D 94 -4.23 -38.30 -7.61
CA LYS D 94 -5.31 -39.28 -7.58
C LYS D 94 -5.01 -40.35 -8.64
N THR D 95 -5.30 -41.61 -8.34
CA THR D 95 -4.98 -42.69 -9.25
C THR D 95 -5.99 -42.87 -10.37
N GLY D 96 -5.53 -43.48 -11.46
CA GLY D 96 -6.42 -43.91 -12.51
C GLY D 96 -6.80 -42.78 -13.44
N TYR D 97 -7.80 -43.02 -14.28
CA TYR D 97 -8.28 -41.98 -15.16
C TYR D 97 -9.68 -42.33 -15.64
N ASP D 98 -10.35 -41.34 -16.22
CA ASP D 98 -11.69 -41.47 -16.76
C ASP D 98 -11.67 -42.24 -18.09
N ALA D 99 -12.42 -43.32 -18.17
CA ALA D 99 -12.43 -44.16 -19.36
C ALA D 99 -13.34 -43.57 -20.44
N THR D 100 -14.19 -42.62 -20.06
CA THR D 100 -15.16 -42.06 -20.99
C THR D 100 -14.56 -40.99 -21.90
N THR D 101 -13.37 -40.50 -21.56
CA THR D 101 -12.68 -39.47 -22.33
C THR D 101 -11.23 -39.85 -22.59
N THR D 102 -10.56 -39.11 -23.46
CA THR D 102 -9.16 -39.38 -23.81
C THR D 102 -8.13 -38.42 -23.17
N SER D 103 -8.60 -37.45 -22.40
CA SER D 103 -7.73 -36.39 -21.87
C SER D 103 -6.82 -36.80 -20.70
N ARG D 104 -7.27 -37.77 -19.92
CA ARG D 104 -6.55 -38.24 -18.73
C ARG D 104 -5.91 -37.10 -17.92
N LEU D 105 -6.75 -36.17 -17.49
CA LEU D 105 -6.27 -34.96 -16.82
C LEU D 105 -5.77 -35.23 -15.40
N PRO D 106 -4.68 -34.55 -15.00
CA PRO D 106 -4.13 -34.77 -13.67
C PRO D 106 -4.94 -34.07 -12.56
N ASP D 107 -4.92 -34.67 -11.37
CA ASP D 107 -5.67 -34.12 -10.24
C ASP D 107 -4.99 -34.55 -8.95
N CYS D 108 -4.51 -33.58 -8.16
CA CYS D 108 -3.93 -33.88 -6.84
C CYS D 108 -4.96 -34.41 -5.86
N LEU D 109 -4.49 -35.26 -4.93
CA LEU D 109 -5.31 -35.67 -3.80
C LEU D 109 -5.95 -34.46 -3.08
N ASP D 110 -7.23 -34.56 -2.76
CA ASP D 110 -8.01 -33.42 -2.27
C ASP D 110 -7.47 -32.74 -1.00
N VAL D 111 -7.04 -33.51 0.00
CA VAL D 111 -6.59 -32.89 1.26
C VAL D 111 -5.07 -32.88 1.41
N TRP D 112 -4.36 -32.91 0.29
CA TRP D 112 -2.91 -32.90 0.30
C TRP D 112 -2.35 -31.69 -0.45
N SER D 113 -1.11 -31.36 -0.10
CA SER D 113 -0.34 -30.26 -0.69
C SER D 113 1.11 -30.71 -0.60
N ALA D 114 2.04 -30.10 -1.33
CA ALA D 114 3.46 -30.42 -1.17
C ALA D 114 3.93 -30.19 0.27
N LYS D 115 3.45 -29.11 0.87
CA LYS D 115 3.72 -28.83 2.28
C LYS D 115 3.29 -29.99 3.18
N ARG D 116 2.06 -30.47 3.01
CA ARG D 116 1.57 -31.61 3.82
C ARG D 116 2.35 -32.91 3.57
N ILE D 117 2.78 -33.15 2.33
CA ILE D 117 3.64 -34.27 2.03
C ILE D 117 4.97 -34.17 2.77
N LYS D 118 5.57 -32.98 2.75
CA LYS D 118 6.79 -32.75 3.51
C LYS D 118 6.57 -32.99 5.01
N GLU D 119 5.48 -32.45 5.53
CA GLU D 119 5.12 -32.60 6.93
C GLU D 119 4.85 -34.06 7.35
N ALA D 120 4.53 -34.92 6.39
CA ALA D 120 4.24 -36.32 6.67
C ALA D 120 5.52 -37.14 6.64
N GLY D 121 6.63 -36.47 6.38
CA GLY D 121 7.95 -37.07 6.52
C GLY D 121 8.60 -37.47 5.22
N ALA D 122 8.02 -37.07 4.10
CA ALA D 122 8.56 -37.46 2.80
C ALA D 122 9.83 -36.71 2.45
N GLU D 123 10.75 -37.41 1.78
CA GLU D 123 11.93 -36.82 1.19
C GLU D 123 11.69 -36.50 -0.28
N ALA D 124 10.49 -36.79 -0.79
CA ALA D 124 10.15 -36.42 -2.16
C ALA D 124 8.66 -36.44 -2.39
N VAL D 125 8.24 -35.54 -3.27
CA VAL D 125 6.89 -35.52 -3.82
C VAL D 125 6.93 -36.26 -5.16
N LYS D 126 6.10 -37.29 -5.31
CA LYS D 126 5.97 -38.00 -6.59
C LYS D 126 4.60 -37.66 -7.19
N PHE D 127 4.56 -37.36 -8.49
CA PHE D 127 3.30 -37.13 -9.19
C PHE D 127 3.29 -37.83 -10.55
N LEU D 128 2.22 -38.58 -10.81
CA LEU D 128 2.01 -39.27 -12.07
C LEU D 128 1.17 -38.45 -13.04
N LEU D 129 1.74 -38.25 -14.23
CA LEU D 129 1.07 -37.56 -15.34
C LEU D 129 0.95 -38.48 -16.54
N TYR D 130 -0.26 -38.62 -17.06
CA TYR D 130 -0.47 -39.26 -18.36
C TYR D 130 -0.27 -38.23 -19.45
N TYR D 131 0.56 -38.53 -20.44
CA TYR D 131 0.84 -37.55 -21.49
C TYR D 131 0.95 -38.17 -22.86
N ASP D 132 0.17 -37.62 -23.79
CA ASP D 132 0.26 -37.90 -25.20
C ASP D 132 0.77 -36.65 -25.90
N ILE D 133 2.05 -36.64 -26.23
CA ILE D 133 2.71 -35.49 -26.88
C ILE D 133 1.96 -35.08 -28.15
N ASP D 134 1.30 -36.03 -28.80
CA ASP D 134 0.57 -35.76 -30.04
C ASP D 134 -0.92 -35.44 -29.79
N GLY D 135 -1.30 -35.33 -28.53
CA GLY D 135 -2.71 -35.18 -28.20
C GLY D 135 -3.21 -33.75 -28.35
N ASP D 136 -4.45 -33.54 -27.93
CA ASP D 136 -5.11 -32.24 -27.98
C ASP D 136 -4.23 -31.18 -27.33
N GLN D 137 -3.96 -30.10 -28.07
CA GLN D 137 -3.06 -29.06 -27.60
C GLN D 137 -3.59 -28.35 -26.35
N ASP D 138 -4.91 -28.14 -26.27
CA ASP D 138 -5.50 -27.47 -25.09
C ASP D 138 -5.41 -28.36 -23.86
N VAL D 139 -5.62 -29.66 -24.05
CA VAL D 139 -5.42 -30.60 -22.97
C VAL D 139 -3.99 -30.53 -22.44
N ASN D 140 -3.01 -30.53 -23.35
CA ASN D 140 -1.63 -30.52 -22.91
C ASN D 140 -1.23 -29.18 -22.27
N GLU D 141 -1.84 -28.07 -22.71
CA GLU D 141 -1.62 -26.79 -22.04
C GLU D 141 -2.07 -26.84 -20.60
N GLN D 142 -3.24 -27.41 -20.37
CA GLN D 142 -3.74 -27.59 -19.01
C GLN D 142 -2.81 -28.48 -18.20
N LYS D 143 -2.26 -29.52 -18.82
CA LYS D 143 -1.38 -30.44 -18.11
C LYS D 143 -0.08 -29.71 -17.74
N LYS D 144 0.46 -28.97 -18.69
CA LYS D 144 1.70 -28.24 -18.45
C LYS D 144 1.50 -27.19 -17.34
N ALA D 145 0.38 -26.48 -17.36
CA ALA D 145 0.11 -25.51 -16.30
C ALA D 145 0.08 -26.22 -14.94
N TYR D 146 -0.51 -27.42 -14.89
CA TYR D 146 -0.70 -28.13 -13.65
C TYR D 146 0.64 -28.56 -13.05
N ILE D 147 1.53 -29.06 -13.90
CA ILE D 147 2.87 -29.44 -13.47
C ILE D 147 3.72 -28.24 -13.05
N GLU D 148 3.63 -27.13 -13.77
CA GLU D 148 4.23 -25.89 -13.31
C GLU D 148 3.86 -25.54 -11.85
N ARG D 149 2.58 -25.64 -11.51
CA ARG D 149 2.10 -25.36 -10.13
C ARG D 149 2.82 -26.26 -9.13
N ILE D 150 2.88 -27.55 -9.45
CA ILE D 150 3.42 -28.52 -8.52
C ILE D 150 4.93 -28.32 -8.39
N GLY D 151 5.59 -28.06 -9.52
CA GLY D 151 7.01 -27.77 -9.52
C GLY D 151 7.29 -26.55 -8.65
N SER D 152 6.42 -25.56 -8.72
CA SER D 152 6.57 -24.35 -7.93
C SER D 152 6.40 -24.65 -6.44
N GLU D 153 5.33 -25.39 -6.10
CA GLU D 153 5.10 -25.85 -4.72
C GLU D 153 6.33 -26.50 -4.11
N CYS D 154 6.88 -27.44 -4.86
CA CYS D 154 8.00 -28.24 -4.39
C CYS D 154 9.25 -27.38 -4.20
N ARG D 155 9.42 -26.39 -5.06
CA ARG D 155 10.53 -25.49 -4.89
C ARG D 155 10.36 -24.69 -3.59
N ALA D 156 9.14 -24.21 -3.35
CA ALA D 156 8.88 -23.41 -2.14
C ALA D 156 9.06 -24.25 -0.88
N GLU D 157 8.57 -25.48 -0.91
CA GLU D 157 8.66 -26.38 0.24
C GLU D 157 10.04 -27.05 0.36
N ASP D 158 10.89 -26.84 -0.65
CA ASP D 158 12.28 -27.29 -0.66
C ASP D 158 12.36 -28.83 -0.58
N ILE D 159 11.57 -29.49 -1.41
CA ILE D 159 11.47 -30.95 -1.43
C ILE D 159 11.57 -31.42 -2.90
N PRO D 160 12.34 -32.49 -3.16
CA PRO D 160 12.50 -32.93 -4.56
C PRO D 160 11.17 -33.30 -5.20
N PHE D 161 11.04 -32.96 -6.47
CA PHE D 161 9.88 -33.26 -7.29
C PHE D 161 10.22 -34.40 -8.27
N TYR D 162 9.61 -35.57 -8.02
CA TYR D 162 9.72 -36.73 -8.92
C TYR D 162 8.49 -36.79 -9.80
N LEU D 163 8.67 -36.60 -11.09
CA LEU D 163 7.56 -36.61 -12.02
C LEU D 163 7.56 -37.92 -12.76
N GLU D 164 6.47 -38.67 -12.60
CA GLU D 164 6.28 -39.91 -13.32
C GLU D 164 5.48 -39.64 -14.58
N ILE D 165 5.98 -40.10 -15.72
CA ILE D 165 5.30 -39.91 -16.99
C ILE D 165 4.92 -41.26 -17.58
N LEU D 166 3.63 -41.45 -17.80
CA LEU D 166 3.13 -42.61 -18.50
C LEU D 166 2.53 -42.12 -19.80
N THR D 167 3.03 -42.67 -20.90
CA THR D 167 2.63 -42.20 -22.21
C THR D 167 1.45 -43.01 -22.68
N TYR D 168 0.71 -42.40 -23.60
CA TYR D 168 -0.39 -43.08 -24.23
C TYR D 168 -0.73 -42.37 -25.52
N ASP D 169 -1.67 -42.92 -26.27
CA ASP D 169 -2.16 -42.30 -27.48
C ASP D 169 -3.67 -42.22 -27.39
N GLU D 170 -4.22 -41.04 -27.67
CA GLU D 170 -5.66 -40.80 -27.56
C GLU D 170 -6.46 -41.75 -28.43
N LYS D 171 -5.83 -42.28 -29.48
CA LYS D 171 -6.51 -43.09 -30.49
C LYS D 171 -6.00 -44.54 -30.55
N ILE D 172 -5.19 -44.95 -29.58
CA ILE D 172 -4.74 -46.35 -29.55
C ILE D 172 -5.13 -46.94 -28.21
N ALA D 173 -6.05 -47.90 -28.24
CA ALA D 173 -6.61 -48.40 -26.99
C ALA D 173 -5.55 -49.10 -26.13
N ASP D 174 -4.72 -49.95 -26.75
CA ASP D 174 -3.81 -50.80 -26.00
C ASP D 174 -2.33 -50.41 -26.15
N ASN D 175 -1.72 -50.00 -25.04
N ASN D 175 -1.74 -49.98 -25.03
CA ASN D 175 -0.31 -49.62 -25.07
CA ASN D 175 -0.32 -49.64 -25.01
C ASN D 175 0.62 -50.85 -25.08
C ASN D 175 0.58 -50.83 -25.29
N ALA D 176 0.04 -52.04 -25.11
CA ALA D 176 0.83 -53.26 -25.30
C ALA D 176 0.82 -53.73 -26.75
N SER D 177 0.07 -53.02 -27.59
CA SER D 177 -0.10 -53.44 -28.99
C SER D 177 1.11 -53.11 -29.86
N PRO D 178 1.30 -53.83 -30.98
CA PRO D 178 2.37 -53.52 -31.93
C PRO D 178 2.25 -52.09 -32.45
N GLU D 179 1.02 -51.61 -32.58
CA GLU D 179 0.76 -50.27 -33.06
C GLU D 179 1.40 -49.23 -32.12
N PHE D 180 1.17 -49.36 -30.82
CA PHE D 180 1.71 -48.37 -29.90
C PHE D 180 3.23 -48.54 -29.82
N ALA D 181 3.70 -49.78 -29.93
CA ALA D 181 5.13 -50.06 -29.81
C ALA D 181 5.97 -49.26 -30.81
N LYS D 182 5.43 -49.09 -32.01
CA LYS D 182 6.12 -48.39 -33.08
C LYS D 182 6.29 -46.89 -32.79
N VAL D 183 5.43 -46.33 -31.96
CA VAL D 183 5.52 -44.89 -31.66
C VAL D 183 5.98 -44.63 -30.23
N LYS D 184 6.21 -45.68 -29.45
CA LYS D 184 6.53 -45.49 -28.05
C LYS D 184 7.80 -44.65 -27.85
N ALA D 185 8.84 -44.89 -28.65
CA ALA D 185 10.07 -44.10 -28.51
C ALA D 185 9.76 -42.60 -28.59
N HIS D 186 8.96 -42.25 -29.59
CA HIS D 186 8.54 -40.88 -29.81
C HIS D 186 7.75 -40.30 -28.63
N LYS D 187 6.75 -41.03 -28.12
CA LYS D 187 5.95 -40.56 -26.98
C LYS D 187 6.80 -40.35 -25.74
N VAL D 188 7.65 -41.31 -25.43
CA VAL D 188 8.44 -41.27 -24.20
C VAL D 188 9.48 -40.15 -24.24
N ASN D 189 10.26 -40.11 -25.33
CA ASN D 189 11.40 -39.23 -25.38
C ASN D 189 10.95 -37.78 -25.59
N GLU D 190 9.89 -37.56 -26.37
CA GLU D 190 9.41 -36.20 -26.56
C GLU D 190 8.76 -35.66 -25.28
N ALA D 191 8.07 -36.50 -24.52
CA ALA D 191 7.49 -36.03 -23.27
C ALA D 191 8.61 -35.67 -22.29
N MET D 192 9.70 -36.43 -22.30
CA MET D 192 10.86 -36.12 -21.46
C MET D 192 11.46 -34.77 -21.82
N LYS D 193 11.59 -34.49 -23.11
CA LYS D 193 12.09 -33.18 -23.53
C LYS D 193 11.21 -32.06 -23.00
N VAL D 194 9.89 -32.22 -23.12
CA VAL D 194 8.98 -31.20 -22.61
C VAL D 194 9.21 -30.91 -21.12
N PHE D 195 9.14 -31.95 -20.29
CA PHE D 195 9.09 -31.72 -18.85
C PHE D 195 10.49 -31.62 -18.24
N SER D 196 11.52 -31.63 -19.08
CA SER D 196 12.87 -31.31 -18.66
C SER D 196 13.10 -29.80 -18.70
N LYS D 197 12.17 -29.06 -19.31
CA LYS D 197 12.31 -27.60 -19.34
C LYS D 197 12.25 -27.07 -17.92
N GLU D 198 13.11 -26.09 -17.63
CA GLU D 198 13.29 -25.55 -16.30
C GLU D 198 11.96 -25.13 -15.64
N ARG D 199 11.02 -24.62 -16.42
CA ARG D 199 9.80 -24.05 -15.83
C ARG D 199 8.93 -25.07 -15.08
N PHE D 200 9.19 -26.35 -15.25
CA PHE D 200 8.40 -27.38 -14.58
C PHE D 200 9.01 -27.83 -13.26
N GLY D 201 10.25 -27.43 -12.97
CA GLY D 201 10.81 -27.69 -11.64
C GLY D 201 11.01 -29.16 -11.28
N VAL D 202 11.17 -30.01 -12.29
CA VAL D 202 11.31 -31.45 -12.00
C VAL D 202 12.73 -31.74 -11.53
N ASP D 203 12.87 -32.61 -10.54
CA ASP D 203 14.19 -33.02 -10.06
C ASP D 203 14.60 -34.38 -10.61
N VAL D 204 13.66 -35.32 -10.70
CA VAL D 204 13.94 -36.66 -11.21
C VAL D 204 12.77 -37.10 -12.05
N LEU D 205 13.05 -37.65 -13.23
CA LEU D 205 12.02 -38.22 -14.08
C LEU D 205 11.89 -39.72 -13.86
N LYS D 206 10.66 -40.16 -13.62
CA LYS D 206 10.32 -41.57 -13.57
C LYS D 206 9.60 -41.93 -14.84
N VAL D 207 10.23 -42.77 -15.66
CA VAL D 207 9.76 -42.98 -17.01
C VAL D 207 9.84 -44.43 -17.46
N GLU D 208 9.07 -44.74 -18.49
CA GLU D 208 9.16 -46.04 -19.16
C GLU D 208 10.46 -46.17 -19.93
N VAL D 209 10.92 -47.40 -20.13
CA VAL D 209 11.91 -47.61 -21.17
C VAL D 209 11.22 -47.23 -22.49
N PRO D 210 12.00 -46.69 -23.44
CA PRO D 210 11.44 -46.09 -24.66
C PRO D 210 11.10 -47.11 -25.73
N VAL D 211 11.11 -48.39 -25.38
CA VAL D 211 10.80 -49.42 -26.34
C VAL D 211 10.07 -50.55 -25.63
N ASN D 212 9.16 -51.19 -26.36
CA ASN D 212 8.52 -52.40 -25.87
C ASN D 212 9.45 -53.56 -26.20
N MET D 213 10.24 -53.99 -25.21
CA MET D 213 11.23 -55.03 -25.43
C MET D 213 10.62 -56.35 -25.93
N LYS D 214 9.32 -56.54 -25.74
CA LYS D 214 8.63 -57.75 -26.23
C LYS D 214 8.61 -57.84 -27.75
N PHE D 215 9.01 -56.77 -28.42
CA PHE D 215 9.03 -56.74 -29.89
C PHE D 215 10.44 -56.54 -30.43
N VAL D 216 11.44 -56.63 -29.56
CA VAL D 216 12.83 -56.50 -29.96
C VAL D 216 13.47 -57.89 -30.15
N GLU D 217 14.26 -57.99 -31.22
CA GLU D 217 14.98 -59.21 -31.57
C GLU D 217 15.76 -59.79 -30.38
N GLY D 218 15.57 -61.08 -30.11
CA GLY D 218 16.23 -61.73 -28.98
C GLY D 218 15.40 -61.70 -27.70
N PHE D 219 14.58 -60.65 -27.55
CA PHE D 219 13.74 -60.44 -26.37
C PHE D 219 12.27 -60.77 -26.65
N ALA D 220 11.95 -60.94 -27.93
CA ALA D 220 10.58 -61.17 -28.40
C ALA D 220 10.25 -62.66 -28.50
N ASP D 221 9.03 -63.02 -28.12
CA ASP D 221 8.55 -64.39 -28.25
C ASP D 221 7.54 -64.51 -29.39
N GLY D 222 7.19 -63.37 -29.99
CA GLY D 222 6.30 -63.34 -31.14
C GLY D 222 6.92 -62.55 -32.29
N GLU D 223 6.14 -61.67 -32.91
CA GLU D 223 6.66 -60.92 -34.05
C GLU D 223 7.72 -59.92 -33.58
N VAL D 224 8.69 -59.70 -34.46
CA VAL D 224 9.80 -58.80 -34.19
C VAL D 224 9.62 -57.53 -34.99
N LEU D 225 9.48 -56.40 -34.29
CA LEU D 225 9.36 -55.10 -34.94
C LEU D 225 10.67 -54.37 -35.02
N PHE D 226 11.61 -54.74 -34.15
CA PHE D 226 12.86 -53.97 -34.03
C PHE D 226 14.10 -54.82 -33.88
N THR D 227 15.16 -54.42 -34.57
CA THR D 227 16.48 -55.00 -34.37
C THR D 227 17.03 -54.52 -33.03
N LYS D 228 18.01 -55.25 -32.50
CA LYS D 228 18.68 -54.82 -31.28
C LYS D 228 19.28 -53.44 -31.49
N GLU D 229 19.82 -53.18 -32.69
CA GLU D 229 20.46 -51.90 -32.93
C GLU D 229 19.45 -50.76 -32.87
N GLU D 230 18.24 -50.99 -33.35
CA GLU D 230 17.19 -49.97 -33.34
C GLU D 230 16.76 -49.71 -31.89
N ALA D 231 16.55 -50.79 -31.14
CA ALA D 231 16.21 -50.67 -29.72
C ALA D 231 17.28 -49.87 -28.95
N ALA D 232 18.55 -50.17 -29.21
CA ALA D 232 19.64 -49.52 -28.52
C ALA D 232 19.60 -48.01 -28.80
N GLN D 233 19.26 -47.67 -30.05
CA GLN D 233 19.22 -46.28 -30.47
C GLN D 233 18.13 -45.49 -29.76
N ALA D 234 17.04 -46.16 -29.43
CA ALA D 234 15.97 -45.52 -28.65
C ALA D 234 16.46 -45.18 -27.26
N PHE D 235 17.32 -46.02 -26.70
CA PHE D 235 17.84 -45.79 -25.36
C PHE D 235 18.79 -44.60 -25.41
N ARG D 236 19.61 -44.52 -26.46
CA ARG D 236 20.52 -43.39 -26.64
C ARG D 236 19.73 -42.11 -26.88
N ASP D 237 18.61 -42.22 -27.60
CA ASP D 237 17.76 -41.06 -27.81
C ASP D 237 17.18 -40.57 -26.48
N GLN D 238 16.77 -41.52 -25.63
CA GLN D 238 16.21 -41.20 -24.33
C GLN D 238 17.25 -40.50 -23.45
N GLU D 239 18.45 -41.07 -23.42
CA GLU D 239 19.57 -40.48 -22.67
C GLU D 239 19.77 -39.04 -23.10
N ALA D 240 19.62 -38.79 -24.40
CA ALA D 240 19.82 -37.45 -24.95
C ALA D 240 18.61 -36.53 -24.79
N SER D 241 17.49 -37.04 -24.29
CA SER D 241 16.30 -36.21 -24.17
C SER D 241 16.21 -35.40 -22.87
N THR D 242 17.09 -35.67 -21.92
CA THR D 242 17.06 -34.96 -20.64
C THR D 242 18.45 -34.91 -20.02
N ASP D 243 18.73 -33.82 -19.33
CA ASP D 243 19.92 -33.73 -18.51
C ASP D 243 19.59 -34.06 -17.05
N LEU D 244 18.32 -34.34 -16.78
CA LEU D 244 17.90 -34.69 -15.43
C LEU D 244 18.21 -36.11 -15.06
N PRO D 245 18.37 -36.39 -13.76
CA PRO D 245 18.38 -37.80 -13.37
C PRO D 245 17.09 -38.45 -13.79
N TYR D 246 17.14 -39.72 -14.16
CA TYR D 246 15.92 -40.45 -14.45
C TYR D 246 16.06 -41.91 -14.04
N ILE D 247 14.91 -42.50 -13.72
CA ILE D 247 14.84 -43.86 -13.21
C ILE D 247 13.74 -44.57 -13.99
N TYR D 248 13.89 -45.87 -14.18
CA TYR D 248 12.92 -46.66 -14.93
C TYR D 248 11.81 -47.23 -14.06
N LEU D 249 10.57 -47.14 -14.54
CA LEU D 249 9.51 -47.93 -13.97
C LEU D 249 9.43 -49.26 -14.70
N SER D 250 8.97 -50.30 -14.02
CA SER D 250 8.76 -51.61 -14.63
C SER D 250 7.29 -51.77 -15.02
N ALA D 251 7.01 -52.11 -16.28
CA ALA D 251 5.61 -52.18 -16.73
C ALA D 251 5.37 -53.29 -17.74
N GLY D 252 4.49 -54.22 -17.36
CA GLY D 252 4.06 -55.29 -18.25
C GLY D 252 5.19 -56.22 -18.65
N VAL D 253 6.19 -56.36 -17.78
CA VAL D 253 7.27 -57.30 -18.00
C VAL D 253 7.64 -58.06 -16.72
N SER D 254 8.22 -59.23 -16.88
CA SER D 254 8.62 -60.07 -15.75
C SER D 254 9.86 -59.50 -15.07
N ALA D 255 10.18 -60.01 -13.89
CA ALA D 255 11.39 -59.56 -13.21
C ALA D 255 12.62 -59.88 -14.07
N LYS D 256 12.60 -61.03 -14.73
CA LYS D 256 13.73 -61.46 -15.54
C LYS D 256 13.92 -60.54 -16.73
N LEU D 257 12.83 -60.23 -17.41
CA LEU D 257 12.92 -59.40 -18.61
C LEU D 257 13.28 -57.95 -18.23
N PHE D 258 12.74 -57.48 -17.11
CA PHE D 258 13.06 -56.13 -16.68
C PHE D 258 14.56 -56.08 -16.42
N GLN D 259 15.08 -57.13 -15.81
CA GLN D 259 16.50 -57.16 -15.47
C GLN D 259 17.38 -57.23 -16.72
N ASP D 260 16.98 -58.02 -17.72
CA ASP D 260 17.72 -58.10 -18.97
C ASP D 260 17.66 -56.76 -19.70
N THR D 261 16.58 -56.03 -19.47
CA THR D 261 16.38 -54.72 -20.09
C THR D 261 17.33 -53.68 -19.49
N LEU D 262 17.55 -53.75 -18.18
CA LEU D 262 18.52 -52.89 -17.52
C LEU D 262 19.93 -53.14 -18.08
N VAL D 263 20.28 -54.40 -18.26
CA VAL D 263 21.56 -54.78 -18.86
C VAL D 263 21.66 -54.21 -20.28
N PHE D 264 20.57 -54.32 -21.02
CA PHE D 264 20.55 -53.84 -22.39
C PHE D 264 20.65 -52.32 -22.43
N ALA D 265 19.91 -51.65 -21.55
CA ALA D 265 19.95 -50.20 -21.44
C ALA D 265 21.40 -49.73 -21.21
N ALA D 266 22.06 -50.33 -20.24
CA ALA D 266 23.43 -49.92 -19.92
C ALA D 266 24.34 -50.13 -21.13
N GLU D 267 24.27 -51.32 -21.73
CA GLU D 267 25.07 -51.64 -22.91
C GLU D 267 24.85 -50.63 -24.04
N SER D 268 23.61 -50.17 -24.20
CA SER D 268 23.25 -49.29 -25.30
C SER D 268 23.74 -47.84 -25.10
N GLY D 269 23.96 -47.46 -23.85
CA GLY D 269 24.55 -46.16 -23.54
C GLY D 269 23.72 -45.34 -22.57
N ALA D 270 22.67 -45.96 -22.02
CA ALA D 270 21.78 -45.23 -21.13
C ALA D 270 22.44 -45.02 -19.77
N LYS D 271 22.38 -43.79 -19.28
CA LYS D 271 22.86 -43.47 -17.96
C LYS D 271 21.65 -43.26 -17.06
N PHE D 272 20.95 -44.34 -16.77
CA PHE D 272 19.79 -44.29 -15.90
C PHE D 272 20.29 -44.42 -14.48
N ASN D 273 19.53 -43.86 -13.55
CA ASN D 273 20.02 -43.68 -12.19
C ASN D 273 19.29 -44.50 -11.18
N GLY D 274 18.59 -45.52 -11.63
CA GLY D 274 17.85 -46.34 -10.71
C GLY D 274 16.54 -46.78 -11.29
N VAL D 275 15.73 -47.39 -10.42
CA VAL D 275 14.49 -47.99 -10.84
C VAL D 275 13.45 -47.83 -9.75
N LEU D 276 12.18 -47.94 -10.14
CA LEU D 276 11.07 -48.01 -9.20
C LEU D 276 10.29 -49.26 -9.49
N CYS D 277 10.67 -50.34 -8.84
N CYS D 277 10.65 -50.32 -8.79
CA CYS D 277 10.08 -51.65 -9.09
CA CYS D 277 10.10 -51.65 -9.04
C CYS D 277 9.20 -52.07 -7.93
C CYS D 277 9.18 -52.07 -7.90
N GLY D 278 7.95 -52.44 -8.25
CA GLY D 278 6.99 -52.86 -7.26
C GLY D 278 6.61 -54.32 -7.31
N ARG D 279 5.56 -54.59 -8.04
CA ARG D 279 4.79 -55.81 -7.93
C ARG D 279 5.66 -57.05 -7.87
N ALA D 280 6.59 -57.16 -8.82
CA ALA D 280 7.38 -58.38 -9.01
C ALA D 280 8.09 -58.81 -7.73
N THR D 281 8.53 -57.85 -6.94
CA THR D 281 9.34 -58.14 -5.76
C THR D 281 8.50 -58.73 -4.64
N TRP D 282 7.32 -58.19 -4.39
CA TRP D 282 6.52 -58.59 -3.24
C TRP D 282 5.26 -59.40 -3.63
N ALA D 283 4.99 -59.55 -4.92
CA ALA D 283 3.72 -60.13 -5.40
C ALA D 283 3.35 -61.43 -4.71
N GLY D 284 4.31 -62.35 -4.62
CA GLY D 284 4.07 -63.67 -4.10
C GLY D 284 3.60 -63.70 -2.66
N SER D 285 3.89 -62.66 -1.90
CA SER D 285 3.56 -62.62 -0.48
C SER D 285 2.05 -62.47 -0.22
N VAL D 286 1.30 -62.04 -1.23
CA VAL D 286 -0.13 -61.84 -1.07
C VAL D 286 -0.84 -63.17 -0.81
N LYS D 287 -0.66 -64.13 -1.71
CA LYS D 287 -1.28 -65.44 -1.59
C LYS D 287 -0.90 -66.12 -0.28
N VAL D 288 0.35 -65.93 0.14
CA VAL D 288 0.82 -66.51 1.39
C VAL D 288 0.13 -65.84 2.57
N TYR D 289 -0.03 -64.53 2.49
CA TYR D 289 -0.65 -63.77 3.56
C TYR D 289 -2.07 -64.26 3.82
N ILE D 290 -2.77 -64.61 2.74
CA ILE D 290 -4.15 -65.06 2.86
C ILE D 290 -4.21 -66.51 3.32
N GLU D 291 -3.57 -67.40 2.58
CA GLU D 291 -3.70 -68.83 2.83
C GLU D 291 -3.00 -69.32 4.09
N GLU D 292 -2.03 -68.54 4.59
CA GLU D 292 -1.19 -69.02 5.70
C GLU D 292 -1.07 -68.03 6.85
N GLY D 293 -1.36 -66.75 6.57
CA GLY D 293 -1.39 -65.73 7.61
C GLY D 293 -0.25 -64.74 7.54
N PRO D 294 -0.27 -63.73 8.43
CA PRO D 294 0.74 -62.67 8.49
C PRO D 294 2.16 -63.18 8.72
N GLN D 295 2.35 -64.09 9.67
CA GLN D 295 3.69 -64.56 9.99
C GLN D 295 4.29 -65.35 8.83
N ALA D 296 3.45 -66.11 8.14
CA ALA D 296 3.88 -66.85 6.96
C ALA D 296 4.38 -65.88 5.89
N ALA D 297 3.61 -64.84 5.63
CA ALA D 297 3.97 -63.82 4.65
C ALA D 297 5.26 -63.12 5.05
N ARG D 298 5.44 -62.95 6.35
CA ARG D 298 6.66 -62.36 6.88
C ARG D 298 7.85 -63.23 6.51
N GLU D 299 7.69 -64.55 6.64
CA GLU D 299 8.78 -65.45 6.32
C GLU D 299 9.01 -65.53 4.82
N TRP D 300 7.95 -65.40 4.04
CA TRP D 300 8.09 -65.36 2.59
C TRP D 300 8.91 -64.14 2.18
N LEU D 301 8.59 -62.99 2.78
CA LEU D 301 9.30 -61.75 2.46
C LEU D 301 10.76 -61.85 2.87
N ARG D 302 11.01 -62.49 4.01
CA ARG D 302 12.38 -62.61 4.54
C ARG D 302 13.26 -63.50 3.69
N THR D 303 12.64 -64.38 2.89
CA THR D 303 13.38 -65.35 2.09
C THR D 303 13.21 -65.07 0.61
N GLU D 304 12.04 -65.39 0.06
CA GLU D 304 11.77 -65.14 -1.35
C GLU D 304 11.76 -63.65 -1.70
N GLY D 305 11.20 -62.83 -0.81
CA GLY D 305 11.19 -61.39 -1.07
C GLY D 305 12.61 -60.86 -1.13
N PHE D 306 13.42 -61.28 -0.17
CA PHE D 306 14.80 -60.82 -0.11
C PHE D 306 15.55 -61.27 -1.35
N LYS D 307 15.41 -62.54 -1.70
CA LYS D 307 16.04 -63.06 -2.91
C LYS D 307 15.66 -62.23 -4.15
N ASN D 308 14.38 -61.90 -4.29
CA ASN D 308 13.95 -61.06 -5.41
C ASN D 308 14.60 -59.69 -5.42
N ILE D 309 14.63 -59.01 -4.29
CA ILE D 309 15.14 -57.65 -4.33
C ILE D 309 16.67 -57.68 -4.44
N ASP D 310 17.29 -58.69 -3.83
CA ASP D 310 18.75 -58.82 -3.84
C ASP D 310 19.24 -59.10 -5.26
N GLU D 311 18.52 -59.97 -5.95
CA GLU D 311 18.82 -60.26 -7.36
C GLU D 311 18.75 -58.97 -8.21
N LEU D 312 17.73 -58.16 -7.98
CA LEU D 312 17.61 -56.89 -8.69
C LEU D 312 18.75 -55.94 -8.32
N ASN D 313 19.03 -55.80 -7.03
CA ASN D 313 20.12 -54.92 -6.63
C ASN D 313 21.44 -55.30 -7.28
N LYS D 314 21.72 -56.59 -7.38
CA LYS D 314 22.96 -57.04 -7.98
C LYS D 314 23.03 -56.67 -9.46
N VAL D 315 21.89 -56.66 -10.14
CA VAL D 315 21.86 -56.23 -11.53
C VAL D 315 22.04 -54.71 -11.59
N LEU D 316 21.41 -54.01 -10.65
CA LEU D 316 21.54 -52.56 -10.59
C LEU D 316 22.99 -52.15 -10.40
N ASP D 317 23.69 -52.84 -9.51
CA ASP D 317 25.11 -52.57 -9.23
C ASP D 317 25.95 -52.55 -10.49
N LYS D 318 25.52 -53.31 -11.49
CA LYS D 318 26.29 -53.47 -12.72
C LYS D 318 25.74 -52.66 -13.88
N THR D 319 24.62 -51.97 -13.68
CA THR D 319 23.97 -51.30 -14.80
C THR D 319 23.64 -49.82 -14.56
N ALA D 320 23.22 -49.46 -13.35
CA ALA D 320 22.80 -48.08 -13.10
C ALA D 320 24.01 -47.16 -13.00
N SER D 321 23.75 -45.86 -13.17
CA SER D 321 24.78 -44.82 -13.06
C SER D 321 24.40 -43.88 -11.91
N PRO D 322 25.39 -43.34 -11.18
CA PRO D 322 25.08 -42.41 -10.09
C PRO D 322 24.42 -41.10 -10.57
N TRP D 323 23.35 -40.64 -9.91
CA TRP D 323 22.68 -39.40 -10.33
C TRP D 323 23.63 -38.23 -10.10
N THR D 324 24.57 -38.42 -9.20
CA THR D 324 25.52 -37.36 -8.85
C THR D 324 26.42 -37.03 -10.04
N GLU D 325 26.55 -37.99 -10.96
CA GLU D 325 27.32 -37.75 -12.19
C GLU D 325 26.58 -36.82 -13.16
N LYS D 326 25.32 -36.49 -12.88
CA LYS D 326 24.51 -35.68 -13.79
C LYS D 326 24.45 -34.21 -13.39
N MET D 327 25.04 -33.89 -12.24
CA MET D 327 25.04 -32.55 -11.71
C MET D 327 26.48 -32.10 -11.41
#